data_8R5I
#
_entry.id   8R5I
#
_cell.length_a   1.00
_cell.length_b   1.00
_cell.length_c   1.00
_cell.angle_alpha   90.00
_cell.angle_beta   90.00
_cell.angle_gamma   90.00
#
_symmetry.space_group_name_H-M   'P 1'
#
loop_
_entity.id
_entity.type
_entity.pdbx_description
1 polymer 'Core protein A10'
2 polymer 'Core protein A4'
#
loop_
_entity_poly.entity_id
_entity_poly.type
_entity_poly.pdbx_seq_one_letter_code
_entity_poly.pdbx_strand_id
1 'polypeptide(L)'
;MMPIKSIVTLDQLEDSEYLFRIVSTVLPHLCLDYKVCDQLKTTFVHPFDILLNNSLGSVTKQDELQAAISKLGINYLIDT
TSRELKLFNVTLNAGNIDIINTPINISSETNPIINTHSFYDLPPFTQHLLNIRLTDTEYRARFIGGYIKPDGSDSMDVLA
EKKYPDLNFDNTYLFNILYKDVINAPIKEFKAKIVNGVLSRQDFDNLIGVRQYITIQDRPRFDDAYNIADAARHYGVNLN
TLPLPNVDLTTMPTYKHLIMFEQYFIYTYDRVDIYYNGNKMLFDDEIINFTISMRYQSLIPRLVDFFPDIPVNNNIVLHT
RDPQNAAVNVTVALPNVQFVDINRNNKFFINFFNLLAKEQRSTAIKVTKSMFWDGMDYEEYKSKNLQDMMFINSTCYVFG
LYNHNNTTYCSILSDIISAEKTPIRVCLLPRVVGGKTVTNLISETLKSISSMTIREFPRKDKSIMHIGLSETGFMRFFQL
LRLMADKPHETAIKEVVMAYVGIKLGDKGSPYYIRKESYQDFIYLLFASMGFKVTTRRSIMGSNNISIISIRPRVTKQYI
VATLMKTSCSKNEAEKLITSAFDLLNFMVSVSDFRDYQSYRQYRNYCPRYFYAG
;
A,C,E
2 'polypeptide(L)'
;MDFFNKFSQGLAESSTPKSSIYYSEEKDPDTKKDEAIEIGLKSQESYYQRQLREQLARDNMTVASRQPIQPLQPTIHITP
QPVPTATPAPILLPSSTVPTPKPRQQTNTSSDMSNLFDWLSEDTDAPASSLLPALTPSNAVQDIISKFNKDQKTTTPPST
QPSQTLPTTTCTQQSDGNISCTTPTVTPPQPPIVATVCTPTPTGGTVCTTAQQNPNPGAASQQNLDDMALKDLMSNVERD
MHQLQAETNDLVTNVYDAREYTRRAIDQILQLVKGFERFQK
;
B,D,F
#
# COMPACT_ATOMS: atom_id res chain seq x y z
N MET A 1 2.23 -25.59 -22.91
CA MET A 1 2.96 -24.30 -22.81
C MET A 1 2.35 -23.44 -21.69
N MET A 2 2.96 -23.54 -20.48
CA MET A 2 2.51 -22.97 -19.22
C MET A 2 2.73 -21.44 -19.18
N PRO A 3 2.07 -20.66 -18.27
CA PRO A 3 2.32 -19.22 -18.14
C PRO A 3 3.59 -18.80 -17.40
N ILE A 4 3.98 -17.52 -17.56
CA ILE A 4 5.39 -17.14 -17.38
C ILE A 4 5.71 -16.88 -15.94
N LYS A 5 4.84 -16.12 -15.31
CA LYS A 5 5.32 -15.50 -14.10
C LYS A 5 5.25 -16.64 -13.05
N SER A 6 5.20 -17.93 -13.48
CA SER A 6 4.97 -19.04 -12.55
C SER A 6 6.26 -19.52 -11.85
N ILE A 7 7.45 -19.26 -12.39
CA ILE A 7 8.63 -19.55 -11.61
C ILE A 7 8.80 -18.36 -10.66
N VAL A 8 8.09 -18.38 -9.51
CA VAL A 8 8.27 -17.36 -8.48
C VAL A 8 9.79 -17.23 -8.22
N THR A 9 10.25 -15.99 -8.06
CA THR A 9 11.64 -15.78 -7.65
C THR A 9 11.78 -16.25 -6.20
N LEU A 10 13.03 -16.49 -5.78
CA LEU A 10 13.45 -16.97 -4.45
C LEU A 10 12.93 -16.07 -3.29
N ASP A 11 11.92 -15.22 -3.57
CA ASP A 11 11.65 -13.97 -2.84
C ASP A 11 10.16 -13.64 -2.58
N GLN A 12 9.18 -14.41 -3.09
CA GLN A 12 7.75 -14.05 -2.98
C GLN A 12 6.85 -15.06 -2.20
N LEU A 13 7.36 -16.14 -1.57
CA LEU A 13 6.58 -17.05 -0.71
C LEU A 13 6.56 -16.66 0.77
N GLU A 14 5.94 -17.58 1.54
CA GLU A 14 6.02 -17.70 2.98
C GLU A 14 7.25 -18.53 3.42
N ASP A 15 7.43 -18.68 4.76
CA ASP A 15 8.64 -19.26 5.35
C ASP A 15 8.81 -20.76 5.09
N SER A 16 7.75 -21.57 5.29
CA SER A 16 7.87 -23.03 5.25
C SER A 16 8.27 -23.53 3.85
N GLU A 17 7.71 -22.86 2.84
CA GLU A 17 7.90 -23.21 1.44
C GLU A 17 9.23 -22.63 0.94
N TYR A 18 9.61 -21.42 1.41
CA TYR A 18 11.00 -20.95 1.43
C TYR A 18 11.95 -21.79 2.31
N LEU A 19 11.52 -22.80 3.04
CA LEU A 19 12.54 -23.72 3.53
C LEU A 19 12.68 -24.88 2.55
N PHE A 20 11.56 -25.20 1.89
CA PHE A 20 11.50 -26.35 1.02
C PHE A 20 12.52 -26.25 -0.14
N ARG A 21 12.58 -25.15 -0.90
CA ARG A 21 13.60 -25.02 -1.95
C ARG A 21 15.02 -25.01 -1.38
N ILE A 22 15.27 -24.58 -0.13
CA ILE A 22 16.63 -24.64 0.37
C ILE A 22 17.01 -26.11 0.49
N VAL A 23 16.09 -26.88 1.09
CA VAL A 23 16.22 -28.31 1.36
C VAL A 23 16.23 -29.16 0.07
N SER A 24 15.58 -28.71 -1.01
CA SER A 24 15.46 -29.49 -2.24
C SER A 24 16.29 -28.92 -3.41
N THR A 25 16.67 -27.62 -3.36
CA THR A 25 17.30 -26.95 -4.50
C THR A 25 18.57 -26.16 -4.12
N VAL A 26 19.13 -26.40 -2.93
CA VAL A 26 20.49 -25.96 -2.59
C VAL A 26 21.19 -27.16 -1.95
N LEU A 27 20.60 -27.68 -0.88
CA LEU A 27 21.26 -28.61 0.01
C LEU A 27 21.68 -29.92 -0.70
N PRO A 28 20.88 -30.61 -1.54
CA PRO A 28 21.32 -31.84 -2.21
C PRO A 28 22.47 -31.75 -3.21
N HIS A 29 22.81 -30.54 -3.71
CA HIS A 29 23.97 -30.34 -4.58
C HIS A 29 25.23 -29.89 -3.81
N LEU A 30 25.08 -29.42 -2.57
CA LEU A 30 26.23 -29.14 -1.71
C LEU A 30 26.82 -30.45 -1.18
N CYS A 31 28.14 -30.63 -1.38
CA CYS A 31 28.87 -31.67 -0.69
C CYS A 31 29.03 -31.29 0.81
N LEU A 32 29.13 -32.29 1.70
CA LEU A 32 29.14 -32.07 3.15
C LEU A 32 30.29 -31.16 3.59
N ASP A 33 31.36 -31.06 2.77
CA ASP A 33 32.56 -30.30 3.11
C ASP A 33 32.46 -28.81 2.69
N TYR A 34 31.36 -28.40 2.05
CA TYR A 34 31.21 -27.03 1.57
C TYR A 34 31.20 -26.01 2.72
N LYS A 35 32.13 -25.05 2.68
CA LYS A 35 32.19 -23.96 3.65
C LYS A 35 31.37 -22.75 3.20
N VAL A 36 30.27 -22.51 3.93
CA VAL A 36 29.53 -21.26 3.82
C VAL A 36 30.42 -20.10 4.29
N CYS A 37 30.42 -18.99 3.55
CA CYS A 37 31.11 -17.77 3.96
C CYS A 37 30.58 -17.27 5.31
N ASP A 38 31.50 -16.93 6.22
CA ASP A 38 31.16 -16.51 7.57
C ASP A 38 30.39 -15.19 7.58
N GLN A 39 30.74 -14.21 6.72
CA GLN A 39 30.03 -12.95 6.67
C GLN A 39 28.53 -13.15 6.40
N LEU A 40 28.19 -14.22 5.68
CA LEU A 40 26.81 -14.49 5.33
C LEU A 40 26.04 -15.17 6.49
N LYS A 41 26.68 -15.54 7.61
CA LYS A 41 26.01 -16.26 8.70
C LYS A 41 25.22 -15.34 9.64
N THR A 42 25.55 -14.03 9.64
CA THR A 42 24.68 -12.99 10.17
C THR A 42 23.95 -12.28 9.03
N THR A 43 22.91 -11.48 9.35
CA THR A 43 22.23 -10.64 8.36
C THR A 43 21.90 -9.26 8.95
N PHE A 44 21.65 -8.26 8.10
CA PHE A 44 21.20 -6.95 8.56
C PHE A 44 19.72 -6.98 8.94
N VAL A 45 19.36 -6.34 10.06
CA VAL A 45 17.98 -6.03 10.43
C VAL A 45 17.97 -4.59 10.95
N HIS A 46 16.95 -3.82 10.57
CA HIS A 46 16.90 -2.40 10.91
C HIS A 46 16.77 -2.19 12.42
N PRO A 47 17.60 -1.32 13.05
CA PRO A 47 17.56 -1.09 14.49
C PRO A 47 16.19 -0.86 15.13
N PHE A 48 15.27 -0.16 14.43
CA PHE A 48 13.91 0.06 14.91
C PHE A 48 13.17 -1.26 15.19
N ASP A 49 13.28 -2.22 14.26
CA ASP A 49 12.69 -3.55 14.42
C ASP A 49 13.16 -4.19 15.73
N ILE A 50 14.46 -4.02 16.05
CA ILE A 50 15.10 -4.67 17.18
C ILE A 50 14.82 -3.91 18.50
N LEU A 51 14.79 -2.57 18.49
CA LEU A 51 14.47 -1.79 19.69
C LEU A 51 13.05 -2.12 20.19
N LEU A 52 12.12 -2.34 19.26
CA LEU A 52 10.76 -2.74 19.59
C LEU A 52 10.66 -4.25 19.85
N ASN A 53 11.45 -5.07 19.14
CA ASN A 53 11.45 -6.53 19.31
C ASN A 53 12.88 -7.07 19.33
N ASN A 54 13.47 -7.15 20.52
CA ASN A 54 14.88 -7.47 20.72
C ASN A 54 15.27 -8.83 20.13
N SER A 55 14.31 -9.77 20.02
CA SER A 55 14.56 -11.11 19.48
C SER A 55 15.11 -11.07 18.05
N LEU A 56 14.73 -10.06 17.26
CA LEU A 56 15.20 -9.90 15.89
C LEU A 56 16.69 -9.58 15.83
N GLY A 57 17.26 -9.06 16.93
CA GLY A 57 18.70 -8.84 17.03
C GLY A 57 19.52 -10.11 16.88
N SER A 58 18.93 -11.28 17.15
CA SER A 58 19.62 -12.57 17.22
C SER A 58 20.35 -12.93 15.92
N VAL A 59 19.80 -12.60 14.76
CA VAL A 59 20.40 -12.95 13.48
C VAL A 59 21.44 -11.92 13.02
N THR A 60 21.57 -10.80 13.76
CA THR A 60 22.46 -9.71 13.38
C THR A 60 23.84 -9.85 14.04
N LYS A 61 24.79 -9.13 13.46
CA LYS A 61 26.11 -8.95 14.03
C LYS A 61 26.05 -7.82 15.08
N GLN A 62 26.28 -8.15 16.36
CA GLN A 62 26.04 -7.23 17.48
C GLN A 62 26.76 -5.89 17.30
N ASP A 63 28.03 -5.92 16.85
CA ASP A 63 28.88 -4.74 16.72
C ASP A 63 28.40 -3.80 15.61
N GLU A 64 27.77 -4.35 14.56
CA GLU A 64 27.14 -3.55 13.51
C GLU A 64 25.82 -2.96 14.01
N LEU A 65 25.07 -3.72 14.83
CA LEU A 65 23.80 -3.30 15.40
C LEU A 65 23.95 -2.13 16.39
N GLN A 66 24.82 -2.27 17.40
CA GLN A 66 25.04 -1.21 18.38
C GLN A 66 25.47 0.09 17.71
N ALA A 67 26.34 -0.05 16.71
CA ALA A 67 26.81 1.06 15.89
C ALA A 67 25.66 1.74 15.15
N ALA A 68 24.83 0.94 14.47
CA ALA A 68 23.68 1.44 13.74
C ALA A 68 22.69 2.16 14.68
N ILE A 69 22.44 1.65 15.89
CA ILE A 69 21.56 2.29 16.90
C ILE A 69 22.05 3.71 17.20
N SER A 70 23.32 3.83 17.59
CA SER A 70 23.90 5.12 17.91
C SER A 70 23.91 6.05 16.68
N LYS A 71 24.22 5.52 15.50
CA LYS A 71 24.29 6.31 14.28
C LYS A 71 22.93 6.85 13.86
N LEU A 72 21.91 5.98 13.81
CA LEU A 72 20.54 6.40 13.52
C LEU A 72 20.12 7.51 14.48
N GLY A 73 20.40 7.33 15.78
CA GLY A 73 20.10 8.34 16.78
C GLY A 73 20.57 9.75 16.37
N ILE A 74 21.82 9.85 15.89
CA ILE A 74 22.38 11.10 15.41
C ILE A 74 21.68 11.58 14.14
N ASN A 75 21.57 10.72 13.12
CA ASN A 75 21.03 11.08 11.81
C ASN A 75 19.61 11.62 11.92
N TYR A 76 18.81 10.98 12.77
CA TYR A 76 17.42 11.35 13.00
C TYR A 76 17.33 12.78 13.57
N LEU A 77 18.19 13.12 14.53
CA LEU A 77 18.17 14.44 15.16
C LEU A 77 18.51 15.54 14.16
N ILE A 78 19.52 15.27 13.32
CA ILE A 78 19.91 16.16 12.24
C ILE A 78 18.72 16.37 11.29
N ASP A 79 18.18 15.27 10.76
CA ASP A 79 17.09 15.33 9.79
C ASP A 79 15.86 16.02 10.37
N THR A 80 15.48 15.63 11.60
CA THR A 80 14.27 16.14 12.25
C THR A 80 14.37 17.66 12.44
N THR A 81 15.55 18.20 12.79
CA THR A 81 15.67 19.64 12.99
C THR A 81 16.00 20.40 11.71
N SER A 82 16.41 19.69 10.65
CA SER A 82 16.68 20.28 9.35
C SER A 82 15.45 20.98 8.78
N ARG A 83 15.63 22.11 8.08
CA ARG A 83 14.53 22.67 7.30
C ARG A 83 14.50 22.06 5.90
N GLU A 84 15.57 21.36 5.50
CA GLU A 84 15.61 20.63 4.24
C GLU A 84 14.70 19.40 4.30
N LEU A 85 14.42 18.86 3.10
CA LEU A 85 13.53 17.73 2.88
C LEU A 85 13.95 16.55 3.75
N LYS A 86 13.00 16.02 4.56
CA LYS A 86 13.30 14.94 5.47
C LYS A 86 13.73 13.69 4.71
N LEU A 87 14.83 13.08 5.14
CA LEU A 87 15.24 11.80 4.60
C LEU A 87 14.50 10.66 5.31
N PHE A 88 14.15 10.81 6.60
CA PHE A 88 13.28 9.85 7.27
C PHE A 88 11.80 10.09 6.94
N ASN A 89 11.03 8.99 6.92
CA ASN A 89 9.57 8.98 6.75
C ASN A 89 8.91 8.13 7.85
N VAL A 90 9.48 8.21 9.06
CA VAL A 90 8.89 7.63 10.26
C VAL A 90 8.92 8.69 11.37
N THR A 91 8.01 8.54 12.34
CA THR A 91 8.01 9.37 13.53
C THR A 91 8.31 8.50 14.74
N LEU A 92 9.38 8.82 15.47
CA LEU A 92 9.68 8.17 16.73
C LEU A 92 8.88 8.83 17.84
N ASN A 93 7.91 8.09 18.40
CA ASN A 93 7.17 8.56 19.56
C ASN A 93 7.63 7.82 20.81
N ALA A 94 7.08 8.24 21.93
CA ALA A 94 7.16 7.48 23.17
C ALA A 94 6.59 6.06 22.99
N GLY A 95 7.41 5.02 23.17
CA GLY A 95 6.97 3.63 23.15
C GLY A 95 6.67 3.02 21.78
N ASN A 96 6.65 3.81 20.71
CA ASN A 96 6.23 3.31 19.39
C ASN A 96 6.79 4.19 18.26
N ILE A 97 6.80 3.61 17.05
CA ILE A 97 7.24 4.32 15.85
C ILE A 97 6.08 4.32 14.87
N ASP A 98 5.77 5.48 14.29
CA ASP A 98 4.81 5.56 13.21
C ASP A 98 5.53 5.62 11.87
N ILE A 99 5.22 4.71 10.96
CA ILE A 99 5.58 4.95 9.57
C ILE A 99 4.58 5.95 9.02
N ILE A 100 5.13 7.06 8.51
CA ILE A 100 4.33 8.14 7.96
C ILE A 100 3.93 7.77 6.53
N ASN A 101 2.67 8.04 6.15
CA ASN A 101 2.12 7.62 4.87
C ASN A 101 2.38 8.68 3.79
N THR A 102 3.65 9.05 3.62
CA THR A 102 4.06 10.16 2.79
C THR A 102 3.59 10.00 1.35
N PRO A 103 3.21 11.11 0.67
CA PRO A 103 2.93 11.06 -0.76
C PRO A 103 4.12 10.48 -1.52
N ILE A 104 3.83 9.68 -2.55
CA ILE A 104 4.88 9.13 -3.38
C ILE A 104 5.31 10.21 -4.37
N ASN A 105 6.38 10.92 -4.00
CA ASN A 105 7.02 11.87 -4.90
C ASN A 105 7.76 11.11 -6.01
N ILE A 106 7.55 11.52 -7.27
CA ILE A 106 8.25 10.94 -8.40
C ILE A 106 8.83 12.08 -9.24
N SER A 107 10.15 12.00 -9.53
CA SER A 107 10.94 13.08 -10.09
C SER A 107 12.04 12.55 -11.02
N SER A 108 12.85 13.45 -11.59
CA SER A 108 14.02 13.09 -12.40
C SER A 108 15.09 12.31 -11.60
N GLU A 109 15.05 12.42 -10.25
CA GLU A 109 16.02 11.76 -9.36
C GLU A 109 15.57 10.40 -8.82
N THR A 110 14.33 9.99 -9.11
CA THR A 110 13.87 8.65 -8.79
C THR A 110 14.75 7.63 -9.52
N ASN A 111 15.07 6.51 -8.85
CA ASN A 111 15.85 5.44 -9.46
C ASN A 111 15.20 5.08 -10.80
N PRO A 112 15.90 5.22 -11.95
CA PRO A 112 15.29 4.90 -13.25
C PRO A 112 15.06 3.40 -13.47
N ILE A 113 15.59 2.53 -12.60
CA ILE A 113 15.24 1.11 -12.59
C ILE A 113 14.09 0.88 -11.60
N ILE A 114 12.95 0.34 -12.09
CA ILE A 114 11.78 0.00 -11.27
C ILE A 114 12.10 -1.23 -10.41
N ASN A 115 11.56 -1.27 -9.18
CA ASN A 115 11.69 -2.41 -8.28
C ASN A 115 10.49 -3.36 -8.38
N THR A 116 10.76 -4.67 -8.66
CA THR A 116 9.74 -5.71 -8.81
C THR A 116 9.67 -6.68 -7.62
N HIS A 117 10.14 -6.25 -6.43
CA HIS A 117 10.04 -7.04 -5.21
C HIS A 117 9.30 -6.31 -4.08
N SER A 118 8.58 -7.09 -3.25
CA SER A 118 7.76 -6.57 -2.16
C SER A 118 8.34 -6.84 -0.77
N PHE A 119 9.18 -7.88 -0.62
CA PHE A 119 9.94 -8.14 0.59
C PHE A 119 9.07 -8.37 1.84
N TYR A 120 7.89 -8.98 1.67
CA TYR A 120 6.93 -9.17 2.76
C TYR A 120 7.40 -10.18 3.82
N ASP A 121 8.56 -10.83 3.60
CA ASP A 121 9.12 -11.71 4.62
C ASP A 121 10.01 -10.97 5.63
N LEU A 122 10.33 -9.70 5.38
CA LEU A 122 11.25 -8.97 6.25
C LEU A 122 10.51 -8.14 7.29
N PRO A 123 11.12 -7.95 8.49
CA PRO A 123 10.56 -7.03 9.50
C PRO A 123 10.29 -5.65 8.90
N PRO A 124 9.25 -4.95 9.43
CA PRO A 124 8.64 -3.83 8.71
C PRO A 124 9.58 -2.66 8.42
N PHE A 125 10.48 -2.31 9.35
CA PHE A 125 11.44 -1.24 9.06
C PHE A 125 12.53 -1.72 8.10
N THR A 126 12.96 -2.98 8.21
CA THR A 126 13.87 -3.59 7.26
C THR A 126 13.28 -3.60 5.85
N GLN A 127 12.01 -4.00 5.73
CA GLN A 127 11.28 -3.98 4.47
C GLN A 127 11.18 -2.56 3.90
N HIS A 128 10.83 -1.61 4.77
CA HIS A 128 10.67 -0.21 4.44
C HIS A 128 11.98 0.40 3.92
N LEU A 129 13.09 0.13 4.62
CA LEU A 129 14.41 0.54 4.18
C LEU A 129 14.71 0.03 2.76
N LEU A 130 14.44 -1.25 2.48
CA LEU A 130 14.73 -1.82 1.17
C LEU A 130 13.92 -1.14 0.07
N ASN A 131 12.62 -0.92 0.29
CA ASN A 131 11.81 -0.18 -0.66
C ASN A 131 12.45 1.17 -1.00
N ILE A 132 12.92 1.92 0.01
CA ILE A 132 13.58 3.20 -0.21
C ILE A 132 14.89 3.01 -0.97
N ARG A 133 15.73 2.07 -0.54
CA ARG A 133 17.06 1.83 -1.13
C ARG A 133 16.99 1.56 -2.63
N LEU A 134 15.91 0.88 -3.06
CA LEU A 134 15.76 0.44 -4.44
C LEU A 134 15.03 1.48 -5.31
N THR A 135 14.31 2.44 -4.70
CA THR A 135 13.56 3.44 -5.45
C THR A 135 14.25 4.82 -5.45
N ASP A 136 15.11 5.06 -4.45
CA ASP A 136 15.74 6.35 -4.21
C ASP A 136 17.26 6.22 -4.42
N THR A 137 17.97 7.29 -4.06
CA THR A 137 19.42 7.31 -4.04
C THR A 137 19.97 6.40 -2.94
N GLU A 138 21.15 5.81 -3.20
CA GLU A 138 21.83 5.00 -2.20
C GLU A 138 22.24 5.86 -0.98
N TYR A 139 22.52 7.15 -1.20
CA TYR A 139 22.84 8.08 -0.13
C TYR A 139 21.71 8.11 0.91
N ARG A 140 20.46 8.29 0.49
CA ARG A 140 19.33 8.34 1.42
C ARG A 140 19.25 7.04 2.22
N ALA A 141 19.38 5.89 1.55
CA ALA A 141 19.29 4.58 2.18
C ALA A 141 20.30 4.42 3.31
N ARG A 142 21.58 4.71 3.02
CA ARG A 142 22.65 4.65 4.00
C ARG A 142 22.40 5.56 5.20
N PHE A 143 21.94 6.78 4.94
CA PHE A 143 21.62 7.74 6.01
C PHE A 143 20.50 7.22 6.91
N ILE A 144 19.36 6.80 6.36
CA ILE A 144 18.27 6.35 7.22
C ILE A 144 18.59 5.00 7.89
N GLY A 145 19.32 4.09 7.23
CA GLY A 145 19.63 2.79 7.82
C GLY A 145 20.79 2.81 8.81
N GLY A 146 21.29 4.00 9.18
CA GLY A 146 22.33 4.14 10.18
C GLY A 146 23.67 3.52 9.74
N TYR A 147 23.94 3.53 8.43
CA TYR A 147 25.22 3.08 7.92
C TYR A 147 26.35 3.92 8.50
N ILE A 148 27.41 3.24 8.92
CA ILE A 148 28.69 3.86 9.22
C ILE A 148 29.72 3.30 8.24
N LYS A 149 30.48 4.22 7.62
CA LYS A 149 31.56 3.84 6.73
C LYS A 149 32.64 3.11 7.51
N PRO A 150 33.01 1.87 7.11
CA PRO A 150 34.03 1.11 7.84
C PRO A 150 35.42 1.66 7.55
N ASP A 151 36.35 1.37 8.47
CA ASP A 151 37.73 1.75 8.28
C ASP A 151 38.33 0.96 7.11
N GLY A 152 38.97 1.68 6.17
CA GLY A 152 39.63 1.06 5.03
C GLY A 152 39.31 1.74 3.69
N SER A 153 40.23 1.59 2.72
CA SER A 153 40.14 2.22 1.40
C SER A 153 39.04 1.58 0.53
N ASP A 154 38.56 0.37 0.90
CA ASP A 154 37.60 -0.41 0.12
C ASP A 154 36.14 -0.10 0.49
N SER A 155 35.90 0.92 1.33
CA SER A 155 34.56 1.47 1.48
C SER A 155 34.27 2.43 0.32
N MET A 156 33.07 2.35 -0.28
CA MET A 156 32.75 3.15 -1.46
C MET A 156 31.89 4.36 -1.08
N ASP A 157 32.35 5.57 -1.45
CA ASP A 157 31.56 6.78 -1.36
C ASP A 157 30.54 6.83 -2.49
N VAL A 158 29.34 7.28 -2.15
CA VAL A 158 28.20 7.27 -3.06
C VAL A 158 27.96 8.68 -3.58
N LEU A 159 27.70 8.79 -4.89
CA LEU A 159 27.41 10.08 -5.47
C LEU A 159 25.97 10.47 -5.14
N ALA A 160 25.85 11.70 -4.64
CA ALA A 160 24.57 12.33 -4.37
C ALA A 160 24.81 13.84 -4.44
N GLU A 161 23.76 14.59 -4.81
CA GLU A 161 23.95 16.01 -5.11
C GLU A 161 24.08 16.83 -3.83
N LYS A 162 23.36 16.43 -2.76
CA LYS A 162 23.42 17.06 -1.44
C LYS A 162 23.52 16.00 -0.34
N LYS A 163 24.24 16.35 0.73
CA LYS A 163 24.46 15.47 1.88
C LYS A 163 24.38 16.28 3.19
N TYR A 164 23.84 15.65 4.23
CA TYR A 164 23.96 16.12 5.61
C TYR A 164 25.38 15.89 6.15
N PRO A 165 25.80 16.62 7.23
CA PRO A 165 27.02 16.29 7.99
C PRO A 165 27.05 14.86 8.52
N ASP A 166 28.26 14.33 8.73
CA ASP A 166 28.46 12.93 9.13
C ASP A 166 29.19 12.82 10.47
N LEU A 167 28.45 12.99 11.57
CA LEU A 167 28.96 12.80 12.93
C LEU A 167 28.84 11.32 13.36
N ASN A 168 29.73 10.86 14.26
CA ASN A 168 29.83 9.44 14.61
C ASN A 168 30.36 9.25 16.03
N PHE A 169 29.46 9.03 16.99
CA PHE A 169 29.85 8.79 18.37
C PHE A 169 28.79 8.00 19.10
N ASP A 170 29.21 7.29 20.14
CA ASP A 170 28.28 6.48 20.88
C ASP A 170 27.35 7.33 21.75
N ASN A 171 26.07 6.91 21.78
CA ASN A 171 24.98 7.68 22.37
C ASN A 171 23.78 6.78 22.62
N THR A 172 22.80 7.27 23.41
CA THR A 172 21.60 6.53 23.75
C THR A 172 20.32 7.21 23.24
N TYR A 173 20.41 8.05 22.20
CA TYR A 173 19.31 8.91 21.76
C TYR A 173 18.03 8.10 21.52
N LEU A 174 18.11 6.97 20.80
CA LEU A 174 16.93 6.19 20.45
C LEU A 174 16.20 5.68 21.70
N PHE A 175 16.92 5.23 22.75
CA PHE A 175 16.31 4.76 24.01
C PHE A 175 15.59 5.87 24.77
N ASN A 176 16.12 7.10 24.69
CA ASN A 176 15.52 8.26 25.32
C ASN A 176 14.26 8.69 24.54
N ILE A 177 14.32 8.73 23.21
CA ILE A 177 13.20 9.11 22.37
C ILE A 177 12.05 8.12 22.52
N LEU A 178 12.35 6.82 22.48
CA LEU A 178 11.35 5.76 22.52
C LEU A 178 10.87 5.45 23.95
N TYR A 179 11.28 6.22 24.97
CA TYR A 179 10.83 6.05 26.35
C TYR A 179 9.32 6.25 26.45
N LYS A 180 8.61 5.23 26.94
CA LYS A 180 7.16 5.15 26.80
C LYS A 180 6.42 6.16 27.68
N ASP A 181 6.98 6.50 28.86
CA ASP A 181 6.26 7.27 29.85
C ASP A 181 6.69 8.74 29.83
N VAL A 182 5.89 9.56 29.15
CA VAL A 182 6.14 11.00 29.04
C VAL A 182 4.84 11.77 29.20
N ILE A 183 4.92 13.01 29.72
CA ILE A 183 3.76 13.89 29.77
C ILE A 183 3.35 14.23 28.34
N ASN A 184 2.06 14.04 28.06
CA ASN A 184 1.47 14.31 26.77
C ASN A 184 1.12 15.79 26.64
N ALA A 185 2.12 16.67 26.82
CA ALA A 185 1.92 18.12 26.77
C ALA A 185 1.55 18.58 25.36
N PRO A 186 0.84 19.73 25.22
CA PRO A 186 0.44 20.25 23.92
C PRO A 186 1.66 20.60 23.06
N ILE A 187 2.75 21.01 23.71
CA ILE A 187 4.03 21.14 23.05
C ILE A 187 4.73 19.78 23.06
N LYS A 188 4.91 19.17 21.88
CA LYS A 188 5.56 17.88 21.76
C LYS A 188 7.09 17.97 21.69
N GLU A 189 7.64 19.19 21.55
CA GLU A 189 9.06 19.41 21.32
C GLU A 189 9.93 19.05 22.54
N PHE A 190 9.32 19.08 23.74
CA PHE A 190 10.01 18.73 24.99
C PHE A 190 9.34 17.48 25.60
N LYS A 191 9.98 16.30 25.44
CA LYS A 191 9.43 15.03 25.95
C LYS A 191 9.77 14.83 27.44
N ALA A 192 9.04 15.54 28.31
CA ALA A 192 9.21 15.45 29.75
C ALA A 192 8.86 14.05 30.25
N LYS A 193 9.86 13.33 30.79
CA LYS A 193 9.68 11.95 31.22
C LYS A 193 8.91 11.88 32.54
N ILE A 194 8.09 10.82 32.67
CA ILE A 194 7.44 10.48 33.92
C ILE A 194 8.14 9.27 34.51
N VAL A 195 8.58 9.39 35.76
CA VAL A 195 9.19 8.29 36.48
C VAL A 195 8.42 8.11 37.79
N ASN A 196 7.93 6.88 38.02
CA ASN A 196 7.06 6.55 39.14
C ASN A 196 5.89 7.52 39.23
N GLY A 197 5.26 7.80 38.08
CA GLY A 197 4.06 8.64 38.03
C GLY A 197 4.32 10.13 38.18
N VAL A 198 5.59 10.54 38.36
CA VAL A 198 5.91 11.94 38.59
C VAL A 198 6.97 12.38 37.59
N LEU A 199 6.91 13.64 37.18
CA LEU A 199 7.84 14.17 36.21
C LEU A 199 9.28 13.99 36.72
N SER A 200 10.20 13.61 35.83
CA SER A 200 11.56 13.21 36.22
C SER A 200 12.31 14.35 36.90
N ARG A 201 13.30 14.00 37.75
CA ARG A 201 14.03 15.00 38.51
C ARG A 201 14.80 15.94 37.59
N GLN A 202 15.50 15.35 36.59
CA GLN A 202 16.29 16.09 35.62
C GLN A 202 15.40 17.08 34.84
N ASP A 203 14.24 16.60 34.37
CA ASP A 203 13.30 17.44 33.64
C ASP A 203 12.66 18.49 34.56
N PHE A 204 12.37 18.14 35.81
CA PHE A 204 11.76 19.07 36.75
C PHE A 204 12.70 20.25 37.01
N ASP A 205 13.96 19.96 37.33
CA ASP A 205 14.95 20.99 37.57
C ASP A 205 15.12 21.88 36.32
N ASN A 206 15.11 21.27 35.13
CA ASN A 206 15.19 21.98 33.86
C ASN A 206 14.01 22.95 33.68
N LEU A 207 12.79 22.42 33.84
CA LEU A 207 11.57 23.20 33.66
C LEU A 207 11.49 24.33 34.69
N ILE A 208 11.87 24.07 35.94
CA ILE A 208 11.97 25.09 36.99
C ILE A 208 12.90 26.22 36.54
N GLY A 209 14.04 25.87 35.96
CA GLY A 209 14.93 26.87 35.39
C GLY A 209 14.22 27.69 34.30
N VAL A 210 13.63 27.03 33.30
CA VAL A 210 12.93 27.69 32.20
C VAL A 210 11.81 28.60 32.71
N ARG A 211 11.01 28.13 33.68
CA ARG A 211 9.87 28.84 34.23
C ARG A 211 10.23 30.27 34.65
N GLN A 212 11.44 30.44 35.20
CA GLN A 212 11.90 31.74 35.70
C GLN A 212 11.76 32.80 34.59
N TYR A 213 12.02 32.41 33.32
CA TYR A 213 12.03 33.32 32.17
C TYR A 213 10.64 33.47 31.53
N ILE A 214 9.59 32.77 32.01
CA ILE A 214 8.23 32.95 31.48
C ILE A 214 7.54 34.14 32.18
N THR A 215 6.63 34.86 31.48
CA THR A 215 5.91 35.98 32.10
C THR A 215 4.91 35.52 33.16
N ILE A 216 4.53 36.44 34.08
CA ILE A 216 3.57 36.20 35.16
C ILE A 216 2.23 35.70 34.60
N GLN A 217 1.84 36.24 33.43
CA GLN A 217 0.58 35.91 32.77
C GLN A 217 0.57 34.45 32.26
N ASP A 218 1.70 33.94 31.74
CA ASP A 218 1.74 32.63 31.08
C ASP A 218 2.16 31.47 32.00
N ARG A 219 2.82 31.78 33.13
CA ARG A 219 3.23 30.77 34.09
C ARG A 219 2.11 29.77 34.42
N PRO A 220 0.84 30.16 34.69
CA PRO A 220 -0.22 29.19 34.98
C PRO A 220 -0.38 28.14 33.87
N ARG A 221 -0.43 28.57 32.60
CA ARG A 221 -0.61 27.64 31.50
C ARG A 221 0.59 26.69 31.36
N PHE A 222 1.80 27.21 31.60
CA PHE A 222 3.01 26.39 31.64
C PHE A 222 2.96 25.35 32.76
N ASP A 223 2.72 25.81 34.00
CA ASP A 223 2.70 24.95 35.18
C ASP A 223 1.67 23.81 35.01
N ASP A 224 0.53 24.12 34.38
CA ASP A 224 -0.52 23.17 34.09
C ASP A 224 -0.09 22.16 33.02
N ALA A 225 0.52 22.63 31.92
CA ALA A 225 0.90 21.77 30.79
C ALA A 225 1.92 20.68 31.17
N TYR A 226 2.70 20.89 32.25
CA TYR A 226 3.74 19.98 32.69
C TYR A 226 3.53 19.46 34.12
N ASN A 227 2.39 19.80 34.75
CA ASN A 227 2.04 19.40 36.13
C ASN A 227 3.18 19.70 37.11
N ILE A 228 3.65 20.96 37.09
CA ILE A 228 4.81 21.41 37.86
C ILE A 228 4.51 21.38 39.36
N ALA A 229 3.25 21.69 39.75
CA ALA A 229 2.86 21.81 41.14
C ALA A 229 3.07 20.49 41.90
N ASP A 230 2.57 19.38 41.33
CA ASP A 230 2.74 18.06 41.88
C ASP A 230 4.22 17.68 41.95
N ALA A 231 4.95 17.93 40.86
CA ALA A 231 6.37 17.63 40.80
C ALA A 231 7.13 18.41 41.89
N ALA A 232 6.80 19.69 42.07
CA ALA A 232 7.40 20.53 43.11
C ALA A 232 7.10 19.97 44.50
N ARG A 233 5.84 19.59 44.75
CA ARG A 233 5.44 19.05 46.03
C ARG A 233 6.17 17.74 46.31
N HIS A 234 6.20 16.83 45.33
CA HIS A 234 6.93 15.57 45.41
C HIS A 234 8.42 15.80 45.65
N TYR A 235 9.03 16.77 44.96
CA TYR A 235 10.46 17.07 45.13
C TYR A 235 10.75 18.06 46.26
N GLY A 236 9.77 18.37 47.12
CA GLY A 236 9.99 19.22 48.29
C GLY A 236 10.18 20.70 47.96
N VAL A 237 10.18 21.06 46.67
CA VAL A 237 10.56 22.40 46.23
C VAL A 237 9.39 23.35 46.44
N ASN A 238 9.63 24.37 47.28
CA ASN A 238 8.70 25.45 47.47
C ASN A 238 8.88 26.45 46.32
N LEU A 239 7.91 26.47 45.38
CA LEU A 239 7.96 27.36 44.22
C LEU A 239 8.00 28.83 44.65
N ASN A 240 7.33 29.20 45.74
CA ASN A 240 7.25 30.59 46.21
C ASN A 240 8.60 31.12 46.67
N THR A 241 9.52 30.24 47.08
CA THR A 241 10.84 30.63 47.56
C THR A 241 11.93 30.39 46.51
N LEU A 242 11.55 30.18 45.25
CA LEU A 242 12.51 30.30 44.15
C LEU A 242 12.94 31.76 44.01
N PRO A 243 14.23 32.02 43.71
CA PRO A 243 14.73 33.38 43.52
C PRO A 243 14.28 33.97 42.18
N LEU A 244 14.25 35.31 42.11
CA LEU A 244 14.10 36.01 40.84
C LEU A 244 15.26 35.64 39.91
N PRO A 245 15.04 35.41 38.61
CA PRO A 245 16.15 35.12 37.70
C PRO A 245 17.01 36.36 37.49
N ASN A 246 18.30 36.11 37.28
CA ASN A 246 19.19 37.16 36.82
C ASN A 246 19.04 37.31 35.30
N VAL A 247 18.21 38.29 34.88
CA VAL A 247 17.86 38.50 33.49
C VAL A 247 18.93 39.29 32.72
N ASP A 248 20.02 39.69 33.38
CA ASP A 248 21.10 40.38 32.69
C ASP A 248 22.12 39.36 32.17
N LEU A 249 22.29 39.30 30.84
CA LEU A 249 23.20 38.38 30.14
C LEU A 249 24.63 38.45 30.70
N THR A 250 25.02 39.59 31.29
CA THR A 250 26.38 39.77 31.78
C THR A 250 26.62 38.98 33.06
N THR A 251 25.64 39.00 33.99
CA THR A 251 25.76 38.37 35.30
C THR A 251 24.90 37.12 35.44
N MET A 252 24.13 36.74 34.41
CA MET A 252 23.43 35.45 34.32
C MET A 252 24.43 34.30 34.47
N PRO A 253 24.25 33.36 35.44
CA PRO A 253 25.24 32.32 35.72
C PRO A 253 25.30 31.16 34.73
N THR A 254 24.21 30.95 33.99
CA THR A 254 24.19 29.99 32.90
C THR A 254 23.11 30.39 31.90
N TYR A 255 23.45 30.31 30.62
CA TYR A 255 22.50 30.59 29.55
C TYR A 255 21.64 29.37 29.23
N LYS A 256 21.99 28.20 29.78
CA LYS A 256 21.32 26.91 29.53
C LYS A 256 19.80 27.05 29.47
N HIS A 257 19.17 27.59 30.52
CA HIS A 257 17.72 27.70 30.61
C HIS A 257 17.11 28.70 29.62
N LEU A 258 17.79 29.82 29.38
CA LEU A 258 17.34 30.79 28.40
C LEU A 258 17.37 30.18 26.98
N ILE A 259 18.44 29.44 26.66
CA ILE A 259 18.57 28.72 25.40
C ILE A 259 17.46 27.66 25.27
N MET A 260 17.17 26.92 26.35
CA MET A 260 16.09 25.93 26.32
C MET A 260 14.73 26.60 26.05
N PHE A 261 14.49 27.75 26.68
CA PHE A 261 13.28 28.52 26.43
C PHE A 261 13.16 28.85 24.94
N GLU A 262 14.22 29.42 24.37
CA GLU A 262 14.29 29.71 22.95
C GLU A 262 14.13 28.46 22.07
N GLN A 263 14.64 27.32 22.53
CA GLN A 263 14.65 26.12 21.71
C GLN A 263 13.28 25.42 21.69
N TYR A 264 12.56 25.36 22.83
CA TYR A 264 11.37 24.51 22.97
C TYR A 264 10.09 25.28 23.34
N PHE A 265 10.18 26.56 23.76
CA PHE A 265 9.08 27.19 24.49
C PHE A 265 8.70 28.59 24.01
N ILE A 266 9.61 29.32 23.36
CA ILE A 266 9.34 30.67 22.84
C ILE A 266 8.07 30.69 21.97
N TYR A 267 7.89 29.65 21.12
CA TYR A 267 6.78 29.56 20.17
C TYR A 267 5.43 29.27 20.88
N THR A 268 5.40 29.15 22.22
CA THR A 268 4.16 28.89 22.95
C THR A 268 3.96 29.78 24.19
N TYR A 269 5.03 30.36 24.76
CA TYR A 269 4.90 31.22 25.95
C TYR A 269 5.62 32.56 25.77
N ASP A 270 5.11 33.62 26.41
CA ASP A 270 5.80 34.90 26.46
C ASP A 270 6.97 34.88 27.45
N ARG A 271 8.11 35.44 27.01
CA ARG A 271 9.32 35.59 27.82
C ARG A 271 9.32 36.91 28.60
N VAL A 272 10.04 36.92 29.75
CA VAL A 272 10.45 38.15 30.43
C VAL A 272 11.49 38.90 29.59
N ASP A 273 11.68 40.20 29.90
CA ASP A 273 12.71 41.02 29.27
C ASP A 273 14.11 40.57 29.65
N ILE A 274 15.03 40.66 28.67
CA ILE A 274 16.44 40.32 28.84
C ILE A 274 17.29 41.60 28.68
N TYR A 275 18.32 41.69 29.52
CA TYR A 275 19.15 42.88 29.63
C TYR A 275 20.60 42.55 29.34
N TYR A 276 21.35 43.55 28.89
CA TYR A 276 22.81 43.49 28.80
C TYR A 276 23.39 44.69 29.54
N ASN A 277 24.08 44.44 30.67
CA ASN A 277 24.74 45.45 31.50
C ASN A 277 23.80 46.61 31.90
N GLY A 278 22.50 46.33 32.09
CA GLY A 278 21.53 47.38 32.45
C GLY A 278 20.66 47.86 31.27
N ASN A 279 21.04 47.58 30.02
CA ASN A 279 20.29 48.00 28.82
C ASN A 279 19.40 46.86 28.31
N LYS A 280 18.15 47.15 27.95
CA LYS A 280 17.24 46.14 27.43
C LYS A 280 17.62 45.74 26.01
N MET A 281 17.64 44.43 25.75
CA MET A 281 17.89 43.86 24.42
C MET A 281 16.69 44.04 23.49
N LEU A 282 16.92 44.35 22.19
CA LEU A 282 15.84 44.58 21.25
C LEU A 282 15.56 43.40 20.33
N PHE A 283 16.48 42.45 20.17
CA PHE A 283 16.30 41.38 19.19
C PHE A 283 16.70 40.01 19.74
N ASP A 284 15.76 39.06 19.64
CA ASP A 284 15.95 37.69 20.12
C ASP A 284 17.02 36.97 19.28
N ASP A 285 17.12 37.34 18.01
CA ASP A 285 18.19 36.89 17.13
C ASP A 285 19.58 37.20 17.71
N GLU A 286 19.72 38.40 18.30
CA GLU A 286 20.98 38.81 18.91
C GLU A 286 21.21 38.07 20.22
N ILE A 287 20.15 37.91 21.02
CA ILE A 287 20.20 37.14 22.25
C ILE A 287 20.65 35.70 21.96
N ILE A 288 20.07 35.05 20.94
CA ILE A 288 20.40 33.65 20.67
C ILE A 288 21.82 33.54 20.07
N ASN A 289 22.23 34.46 19.19
CA ASN A 289 23.60 34.46 18.68
C ASN A 289 24.63 34.70 19.80
N PHE A 290 24.37 35.62 20.74
CA PHE A 290 25.28 35.87 21.88
C PHE A 290 25.41 34.64 22.78
N THR A 291 24.28 34.13 23.30
CA THR A 291 24.27 33.06 24.30
C THR A 291 24.91 31.77 23.78
N ILE A 292 24.60 31.39 22.53
CA ILE A 292 25.18 30.18 21.92
C ILE A 292 26.70 30.34 21.78
N SER A 293 27.16 31.49 21.25
CA SER A 293 28.59 31.75 21.06
C SER A 293 29.36 31.66 22.38
N MET A 294 28.80 32.24 23.45
CA MET A 294 29.40 32.22 24.78
C MET A 294 29.41 30.81 25.38
N ARG A 295 28.32 30.05 25.19
CA ARG A 295 28.17 28.72 25.77
C ARG A 295 29.02 27.66 25.05
N TYR A 296 29.19 27.79 23.72
CA TYR A 296 29.82 26.78 22.87
C TYR A 296 31.05 27.30 22.10
N GLN A 297 31.74 28.31 22.67
CA GLN A 297 32.90 28.99 22.09
C GLN A 297 33.93 28.01 21.52
N SER A 298 34.18 26.91 22.25
CA SER A 298 35.19 25.92 21.91
C SER A 298 34.84 25.07 20.67
N LEU A 299 33.54 25.02 20.28
CA LEU A 299 33.08 24.17 19.18
C LEU A 299 32.92 24.93 17.87
N ILE A 300 33.00 26.28 17.90
CA ILE A 300 32.77 27.11 16.72
C ILE A 300 33.66 26.69 15.55
N PRO A 301 34.99 26.45 15.73
CA PRO A 301 35.82 25.98 14.62
C PRO A 301 35.31 24.69 14.01
N ARG A 302 34.83 23.77 14.87
CA ARG A 302 34.34 22.49 14.44
C ARG A 302 33.03 22.62 13.66
N LEU A 303 32.18 23.59 14.03
CA LEU A 303 31.01 23.93 13.23
C LEU A 303 31.43 24.42 11.85
N VAL A 304 32.43 25.31 11.78
CA VAL A 304 32.92 25.85 10.52
C VAL A 304 33.47 24.73 9.62
N ASP A 305 34.02 23.63 10.18
CA ASP A 305 34.46 22.50 9.38
C ASP A 305 33.33 21.89 8.55
N PHE A 306 32.09 21.86 9.08
CA PHE A 306 30.95 21.34 8.33
C PHE A 306 30.26 22.42 7.51
N PHE A 307 30.27 23.66 8.03
CA PHE A 307 29.59 24.80 7.43
C PHE A 307 30.57 25.96 7.25
N PRO A 308 31.50 25.87 6.27
CA PRO A 308 32.49 26.91 6.00
C PRO A 308 31.90 28.30 5.79
N ASP A 309 30.71 28.35 5.17
CA ASP A 309 30.07 29.60 4.80
C ASP A 309 29.39 30.27 6.01
N ILE A 310 29.36 29.62 7.18
CA ILE A 310 28.65 30.19 8.32
C ILE A 310 29.42 31.40 8.85
N PRO A 311 28.74 32.57 9.04
CA PRO A 311 29.42 33.77 9.52
C PRO A 311 29.95 33.60 10.93
N VAL A 312 31.28 33.74 11.07
CA VAL A 312 31.95 33.82 12.36
C VAL A 312 32.75 35.12 12.43
N ASN A 313 32.61 35.85 13.54
CA ASN A 313 33.14 37.20 13.69
C ASN A 313 33.88 37.34 15.02
N ASN A 314 34.83 38.28 15.11
CA ASN A 314 35.55 38.54 16.36
C ASN A 314 34.79 39.52 17.28
N ASN A 315 33.54 39.86 16.91
CA ASN A 315 32.68 40.78 17.64
C ASN A 315 31.23 40.52 17.25
N ILE A 316 30.29 41.07 18.04
CA ILE A 316 28.86 41.06 17.75
C ILE A 316 28.26 42.43 18.10
N VAL A 317 27.19 42.84 17.38
CA VAL A 317 26.46 44.07 17.67
C VAL A 317 25.09 43.74 18.26
N LEU A 318 24.85 44.26 19.47
CA LEU A 318 23.59 44.10 20.18
C LEU A 318 22.85 45.44 20.15
N HIS A 319 21.64 45.43 19.60
CA HIS A 319 20.81 46.62 19.62
C HIS A 319 20.03 46.62 20.92
N THR A 320 20.17 47.71 21.68
CA THR A 320 19.61 47.79 23.01
C THR A 320 18.95 49.16 23.20
N ARG A 321 18.20 49.28 24.29
CA ARG A 321 17.79 50.59 24.80
C ARG A 321 18.32 50.75 26.21
N ASP A 322 18.80 51.96 26.53
CA ASP A 322 19.11 52.30 27.91
C ASP A 322 17.82 52.49 28.72
N PRO A 323 17.86 52.58 30.07
CA PRO A 323 16.67 52.87 30.87
C PRO A 323 15.94 54.16 30.46
N GLN A 324 16.70 55.11 29.90
CA GLN A 324 16.19 56.36 29.35
C GLN A 324 15.61 56.20 27.92
N ASN A 325 15.46 54.95 27.45
CA ASN A 325 14.76 54.60 26.22
C ASN A 325 15.46 55.12 24.96
N ALA A 326 16.77 55.43 25.04
CA ALA A 326 17.57 55.77 23.86
C ALA A 326 18.15 54.50 23.25
N ALA A 327 18.07 54.38 21.91
CA ALA A 327 18.63 53.22 21.22
C ALA A 327 20.15 53.26 21.31
N VAL A 328 20.74 52.20 21.87
CA VAL A 328 22.17 52.08 22.00
C VAL A 328 22.60 50.76 21.37
N ASN A 329 23.44 50.88 20.33
CA ASN A 329 24.11 49.73 19.74
C ASN A 329 25.39 49.43 20.52
N VAL A 330 25.41 48.27 21.20
CA VAL A 330 26.58 47.82 21.96
C VAL A 330 27.37 46.85 21.08
N THR A 331 28.65 47.16 20.79
CA THR A 331 29.53 46.22 20.10
C THR A 331 30.37 45.48 21.14
N VAL A 332 30.17 44.16 21.24
CA VAL A 332 30.86 43.33 22.22
C VAL A 332 32.04 42.64 21.51
N ALA A 333 33.25 42.80 22.08
CA ALA A 333 34.48 42.25 21.53
C ALA A 333 35.40 41.78 22.67
N LEU A 334 35.17 40.55 23.13
CA LEU A 334 35.93 40.00 24.24
C LEU A 334 37.21 39.33 23.76
N PRO A 335 38.32 39.41 24.54
CA PRO A 335 39.56 38.72 24.19
C PRO A 335 39.34 37.21 24.01
N ASN A 336 39.77 36.70 22.84
CA ASN A 336 39.71 35.29 22.46
C ASN A 336 38.28 34.74 22.54
N VAL A 337 37.31 35.52 22.05
CA VAL A 337 35.94 35.06 21.84
C VAL A 337 35.53 35.33 20.38
N GLN A 338 34.80 34.38 19.78
CA GLN A 338 34.25 34.52 18.43
C GLN A 338 32.74 34.32 18.47
N PHE A 339 32.01 35.04 17.60
CA PHE A 339 30.56 34.99 17.56
C PHE A 339 30.08 34.44 16.20
N VAL A 340 29.16 33.46 16.26
CA VAL A 340 28.59 32.81 15.08
C VAL A 340 27.14 33.27 14.89
N ASP A 341 26.73 33.53 13.63
CA ASP A 341 25.33 33.81 13.33
C ASP A 341 24.60 32.54 12.91
N ILE A 342 23.55 32.14 13.66
CA ILE A 342 22.79 30.91 13.38
C ILE A 342 21.31 31.19 13.03
N ASN A 343 20.94 32.46 12.79
CA ASN A 343 19.54 32.87 12.68
C ASN A 343 18.73 32.10 11.63
N ARG A 344 19.34 31.77 10.51
CA ARG A 344 18.56 31.21 9.42
C ARG A 344 18.14 29.78 9.70
N ASN A 345 18.78 29.09 10.65
CA ASN A 345 18.24 27.80 11.12
C ASN A 345 18.64 27.51 12.58
N ASN A 346 18.24 28.42 13.48
CA ASN A 346 18.58 28.38 14.88
C ASN A 346 18.31 27.00 15.49
N LYS A 347 17.10 26.44 15.35
CA LYS A 347 16.75 25.17 15.96
C LYS A 347 17.70 24.04 15.55
N PHE A 348 18.09 23.99 14.28
CA PHE A 348 19.09 23.04 13.81
C PHE A 348 20.45 23.30 14.43
N PHE A 349 20.97 24.53 14.34
CA PHE A 349 22.32 24.82 14.80
C PHE A 349 22.47 24.65 16.31
N ILE A 350 21.44 24.98 17.11
CA ILE A 350 21.46 24.72 18.55
C ILE A 350 21.60 23.23 18.82
N ASN A 351 20.81 22.40 18.12
CA ASN A 351 20.85 20.95 18.27
C ASN A 351 22.18 20.38 17.75
N PHE A 352 22.73 20.96 16.68
CA PHE A 352 24.02 20.54 16.13
C PHE A 352 25.16 20.80 17.12
N PHE A 353 25.18 21.98 17.78
CA PHE A 353 26.14 22.27 18.84
C PHE A 353 26.05 21.24 19.98
N ASN A 354 24.84 20.80 20.37
CA ASN A 354 24.66 19.78 21.39
C ASN A 354 25.28 18.44 20.94
N LEU A 355 25.04 18.03 19.67
CA LEU A 355 25.65 16.82 19.10
C LEU A 355 27.18 16.90 19.14
N LEU A 356 27.76 18.02 18.68
CA LEU A 356 29.21 18.26 18.72
C LEU A 356 29.73 18.18 20.17
N ALA A 357 29.03 18.82 21.12
CA ALA A 357 29.42 18.86 22.52
C ALA A 357 29.42 17.46 23.15
N LYS A 358 28.49 16.60 22.71
CA LYS A 358 28.42 15.22 23.16
C LYS A 358 29.52 14.40 22.50
N GLU A 359 29.72 14.58 21.20
CA GLU A 359 30.79 13.91 20.46
C GLU A 359 32.15 14.15 21.10
N GLN A 360 32.43 15.40 21.51
CA GLN A 360 33.68 15.76 22.16
C GLN A 360 33.89 15.04 23.51
N ARG A 361 32.81 14.43 24.04
CA ARG A 361 32.79 13.73 25.33
C ARG A 361 32.32 12.28 25.18
N SER A 362 32.37 11.76 23.93
CA SER A 362 32.07 10.38 23.56
C SER A 362 33.18 9.81 22.68
N THR A 363 33.31 8.48 22.64
CA THR A 363 34.18 7.81 21.68
C THR A 363 33.49 7.63 20.33
N ALA A 364 34.28 7.68 19.25
CA ALA A 364 33.82 7.37 17.90
C ALA A 364 33.57 5.86 17.73
N ILE A 365 32.65 5.50 16.83
CA ILE A 365 32.27 4.10 16.65
C ILE A 365 32.98 3.54 15.41
N LYS A 366 33.62 2.37 15.58
CA LYS A 366 34.28 1.64 14.49
C LYS A 366 33.48 0.41 14.09
N VAL A 367 33.43 0.14 12.77
CA VAL A 367 32.68 -0.99 12.22
C VAL A 367 33.46 -1.65 11.10
N THR A 368 33.16 -2.95 10.91
CA THR A 368 33.67 -3.74 9.80
C THR A 368 32.84 -3.50 8.55
N LYS A 369 33.39 -3.93 7.40
CA LYS A 369 32.67 -3.88 6.13
C LYS A 369 31.39 -4.70 6.18
N SER A 370 30.29 -4.08 5.74
CA SER A 370 28.97 -4.69 5.75
C SER A 370 28.65 -5.29 4.37
N MET A 371 28.32 -6.59 4.31
CA MET A 371 27.92 -7.17 3.04
C MET A 371 26.62 -6.56 2.51
N PHE A 372 25.75 -6.09 3.42
CA PHE A 372 24.54 -5.39 3.04
C PHE A 372 24.86 -4.00 2.44
N TRP A 373 25.67 -3.19 3.12
CA TRP A 373 25.87 -1.83 2.67
C TRP A 373 27.02 -1.66 1.68
N ASP A 374 28.18 -2.24 1.97
CA ASP A 374 29.40 -2.07 1.19
C ASP A 374 29.55 -3.16 0.12
N GLY A 375 29.05 -4.35 0.44
CA GLY A 375 29.08 -5.48 -0.47
C GLY A 375 30.50 -5.90 -0.87
N MET A 376 30.63 -6.32 -2.13
CA MET A 376 31.90 -6.72 -2.73
C MET A 376 31.99 -6.05 -4.10
N ASP A 377 33.20 -5.93 -4.65
CA ASP A 377 33.34 -5.42 -6.02
C ASP A 377 32.70 -6.39 -7.00
N TYR A 378 32.12 -5.84 -8.09
CA TYR A 378 31.48 -6.63 -9.12
C TYR A 378 32.43 -7.64 -9.78
N GLU A 379 33.71 -7.30 -9.94
CA GLU A 379 34.70 -8.23 -10.45
C GLU A 379 34.96 -9.36 -9.47
N GLU A 380 35.04 -9.02 -8.17
CA GLU A 380 35.22 -10.03 -7.15
C GLU A 380 34.05 -11.01 -7.19
N TYR A 381 32.83 -10.48 -7.29
CA TYR A 381 31.66 -11.33 -7.46
C TYR A 381 31.81 -12.24 -8.69
N LYS A 382 32.07 -11.67 -9.86
CA LYS A 382 32.21 -12.44 -11.10
C LYS A 382 33.36 -13.44 -11.07
N SER A 383 34.33 -13.25 -10.18
CA SER A 383 35.43 -14.19 -10.03
C SER A 383 35.01 -15.46 -9.29
N LYS A 384 33.84 -15.48 -8.64
CA LYS A 384 33.41 -16.62 -7.84
C LYS A 384 33.04 -17.82 -8.69
N ASN A 385 32.92 -18.97 -8.02
CA ASN A 385 32.59 -20.23 -8.67
C ASN A 385 31.06 -20.37 -8.81
N LEU A 386 30.65 -21.26 -9.72
CA LEU A 386 29.26 -21.41 -10.14
C LEU A 386 28.36 -21.86 -8.97
N GLN A 387 28.90 -22.70 -8.07
CA GLN A 387 28.18 -23.16 -6.88
C GLN A 387 27.99 -22.01 -5.88
N ASP A 388 29.02 -21.19 -5.67
CA ASP A 388 28.92 -19.99 -4.82
C ASP A 388 27.84 -19.06 -5.37
N MET A 389 27.84 -18.78 -6.68
CA MET A 389 26.82 -17.94 -7.29
C MET A 389 25.42 -18.57 -7.12
N MET A 390 25.26 -19.89 -7.33
CA MET A 390 23.98 -20.54 -7.06
C MET A 390 23.58 -20.39 -5.59
N PHE A 391 24.50 -20.64 -4.64
CA PHE A 391 24.24 -20.55 -3.22
C PHE A 391 23.80 -19.13 -2.82
N ILE A 392 24.53 -18.10 -3.27
CA ILE A 392 24.22 -16.70 -2.97
C ILE A 392 22.83 -16.34 -3.51
N ASN A 393 22.60 -16.53 -4.81
CA ASN A 393 21.31 -16.29 -5.45
C ASN A 393 20.20 -17.23 -4.96
N SER A 394 20.49 -18.16 -4.02
CA SER A 394 19.48 -19.04 -3.43
C SER A 394 19.37 -18.93 -1.91
N THR A 395 20.11 -18.03 -1.25
CA THR A 395 20.07 -17.87 0.20
C THR A 395 20.06 -16.40 0.65
N CYS A 396 20.37 -15.47 -0.27
CA CYS A 396 20.43 -14.04 -0.01
C CYS A 396 19.58 -13.30 -1.05
N TYR A 397 18.99 -12.16 -0.66
CA TYR A 397 18.66 -11.15 -1.66
C TYR A 397 19.99 -10.59 -2.23
N VAL A 398 20.04 -10.34 -3.55
CA VAL A 398 21.24 -9.91 -4.25
C VAL A 398 21.02 -8.54 -4.94
N PHE A 399 21.79 -7.52 -4.52
CA PHE A 399 21.63 -6.14 -5.00
C PHE A 399 22.91 -5.66 -5.68
N GLY A 400 22.79 -4.63 -6.52
CA GLY A 400 23.96 -3.95 -7.06
C GLY A 400 23.90 -2.43 -6.91
N LEU A 401 25.09 -1.81 -6.83
CA LEU A 401 25.22 -0.35 -6.81
C LEU A 401 25.69 0.12 -8.19
N TYR A 402 25.05 1.17 -8.73
CA TYR A 402 25.38 1.65 -10.07
C TYR A 402 25.20 3.18 -10.11
N ASN A 403 25.88 3.84 -11.07
CA ASN A 403 25.83 5.28 -11.19
C ASN A 403 25.02 5.70 -12.42
N HIS A 404 24.18 6.73 -12.21
CA HIS A 404 23.49 7.38 -13.31
C HIS A 404 23.28 8.84 -12.94
N ASN A 405 23.37 9.73 -13.95
CA ASN A 405 23.26 11.18 -13.75
C ASN A 405 23.98 11.62 -12.46
N ASN A 406 25.26 11.23 -12.32
CA ASN A 406 26.11 11.66 -11.22
C ASN A 406 25.53 11.33 -9.84
N THR A 407 24.68 10.28 -9.79
CA THR A 407 24.10 9.80 -8.55
C THR A 407 24.24 8.29 -8.50
N THR A 408 24.56 7.79 -7.31
CA THR A 408 24.60 6.36 -7.08
C THR A 408 23.22 5.86 -6.66
N TYR A 409 22.83 4.78 -7.32
CA TYR A 409 21.59 4.09 -7.02
C TYR A 409 21.86 2.63 -6.72
N CYS A 410 20.91 2.02 -6.02
CA CYS A 410 20.92 0.60 -5.76
C CYS A 410 19.68 -0.05 -6.39
N SER A 411 19.84 -1.22 -7.00
CA SER A 411 18.74 -1.99 -7.57
C SER A 411 19.07 -3.49 -7.48
N ILE A 412 18.07 -4.36 -7.65
CA ILE A 412 18.32 -5.80 -7.75
C ILE A 412 19.30 -6.05 -8.89
N LEU A 413 20.26 -6.95 -8.68
CA LEU A 413 21.42 -7.10 -9.57
C LEU A 413 21.00 -7.50 -11.00
N SER A 414 20.02 -8.42 -11.13
CA SER A 414 19.45 -8.82 -12.41
C SER A 414 18.92 -7.64 -13.23
N ASP A 415 18.35 -6.63 -12.53
CA ASP A 415 17.61 -5.55 -13.16
C ASP A 415 18.58 -4.46 -13.63
N ILE A 416 19.67 -4.27 -12.89
CA ILE A 416 20.79 -3.45 -13.34
C ILE A 416 21.36 -4.02 -14.63
N ILE A 417 21.66 -5.33 -14.62
CA ILE A 417 22.19 -6.05 -15.78
C ILE A 417 21.21 -5.99 -16.95
N SER A 418 19.90 -6.13 -16.67
CA SER A 418 18.87 -6.10 -17.71
C SER A 418 18.68 -4.70 -18.31
N ALA A 419 18.76 -3.65 -17.47
CA ALA A 419 18.72 -2.26 -17.92
C ALA A 419 20.03 -1.82 -18.59
N GLU A 420 20.93 -2.78 -18.90
CA GLU A 420 22.24 -2.56 -19.53
C GLU A 420 23.14 -1.61 -18.73
N LYS A 421 22.79 -1.34 -17.46
CA LYS A 421 23.67 -0.62 -16.56
C LYS A 421 24.81 -1.55 -16.10
N THR A 422 25.94 -0.96 -15.69
CA THR A 422 27.04 -1.74 -15.14
C THR A 422 27.02 -1.63 -13.62
N PRO A 423 26.87 -2.76 -12.89
CA PRO A 423 27.08 -2.78 -11.44
C PRO A 423 28.53 -2.47 -11.07
N ILE A 424 28.71 -1.65 -10.03
CA ILE A 424 30.02 -1.35 -9.46
C ILE A 424 30.35 -2.36 -8.36
N ARG A 425 29.33 -2.62 -7.53
CA ARG A 425 29.43 -3.53 -6.40
C ARG A 425 28.20 -4.42 -6.31
N VAL A 426 28.37 -5.55 -5.63
CA VAL A 426 27.29 -6.47 -5.31
C VAL A 426 27.12 -6.50 -3.79
N CYS A 427 25.90 -6.19 -3.34
CA CYS A 427 25.52 -6.17 -1.94
C CYS A 427 24.56 -7.33 -1.64
N LEU A 428 24.69 -7.96 -0.47
CA LEU A 428 23.93 -9.17 -0.15
C LEU A 428 23.18 -9.03 1.17
N LEU A 429 21.99 -9.66 1.24
CA LEU A 429 21.25 -9.80 2.48
C LEU A 429 20.78 -11.25 2.66
N PRO A 430 21.48 -12.05 3.49
CA PRO A 430 21.05 -13.41 3.84
C PRO A 430 19.64 -13.44 4.42
N ARG A 431 18.81 -14.29 3.82
CA ARG A 431 17.43 -14.46 4.21
C ARG A 431 17.36 -15.28 5.50
N VAL A 432 16.24 -15.13 6.23
CA VAL A 432 16.08 -15.66 7.58
C VAL A 432 14.82 -16.53 7.66
N VAL A 433 14.94 -17.66 8.38
CA VAL A 433 13.80 -18.50 8.75
C VAL A 433 14.03 -19.02 10.18
N GLY A 434 12.95 -19.09 10.96
CA GLY A 434 12.98 -19.61 12.33
C GLY A 434 14.06 -18.95 13.21
N GLY A 435 14.34 -17.66 12.98
CA GLY A 435 15.29 -16.91 13.80
C GLY A 435 16.77 -17.17 13.51
N LYS A 436 17.08 -17.77 12.34
CA LYS A 436 18.46 -17.95 11.88
C LYS A 436 18.62 -17.47 10.43
N THR A 437 19.82 -17.04 10.06
CA THR A 437 20.11 -16.91 8.65
C THR A 437 20.19 -18.30 8.01
N VAL A 438 19.70 -18.38 6.78
CA VAL A 438 19.52 -19.63 6.05
C VAL A 438 20.88 -20.22 5.67
N THR A 439 21.77 -19.32 5.27
CA THR A 439 23.19 -19.56 5.10
C THR A 439 23.80 -20.28 6.32
N ASN A 440 23.53 -19.77 7.53
CA ASN A 440 24.04 -20.39 8.74
C ASN A 440 23.36 -21.73 9.00
N LEU A 441 22.03 -21.81 8.81
CA LEU A 441 21.30 -23.07 8.92
C LEU A 441 21.94 -24.16 8.06
N ILE A 442 22.27 -23.83 6.81
CA ILE A 442 22.94 -24.74 5.91
C ILE A 442 24.31 -25.12 6.46
N SER A 443 25.11 -24.11 6.87
CA SER A 443 26.44 -24.33 7.42
C SER A 443 26.41 -25.32 8.60
N GLU A 444 25.51 -25.08 9.55
CA GLU A 444 25.29 -25.93 10.71
C GLU A 444 24.87 -27.34 10.31
N THR A 445 23.94 -27.45 9.35
CA THR A 445 23.43 -28.73 8.90
C THR A 445 24.57 -29.57 8.32
N LEU A 446 25.34 -28.98 7.39
CA LEU A 446 26.44 -29.66 6.74
C LEU A 446 27.47 -30.12 7.77
N LYS A 447 27.91 -29.20 8.65
CA LYS A 447 28.80 -29.54 9.76
C LYS A 447 28.27 -30.71 10.57
N SER A 448 27.01 -30.65 11.02
CA SER A 448 26.48 -31.69 11.91
C SER A 448 26.53 -33.07 11.24
N ILE A 449 26.01 -33.20 10.01
CA ILE A 449 26.04 -34.48 9.30
C ILE A 449 27.48 -34.94 9.11
N SER A 450 28.37 -34.03 8.69
CA SER A 450 29.78 -34.33 8.48
C SER A 450 30.42 -34.90 9.75
N SER A 451 30.02 -34.38 10.92
CA SER A 451 30.60 -34.75 12.19
C SER A 451 30.15 -36.13 12.69
N MET A 452 29.06 -36.69 12.14
CA MET A 452 28.55 -37.96 12.64
C MET A 452 29.47 -39.12 12.26
N THR A 453 29.94 -39.84 13.29
CA THR A 453 30.46 -41.18 13.07
C THR A 453 29.33 -42.05 12.49
N ILE A 454 29.72 -42.85 11.49
CA ILE A 454 28.78 -43.67 10.74
C ILE A 454 28.27 -44.80 11.64
N ARG A 455 26.94 -44.97 11.69
CA ARG A 455 26.29 -46.09 12.37
C ARG A 455 25.95 -47.20 11.38
N GLU A 456 25.61 -48.39 11.90
CA GLU A 456 25.03 -49.43 11.06
C GLU A 456 23.71 -48.95 10.45
N PHE A 457 23.39 -49.49 9.27
CA PHE A 457 22.08 -49.28 8.66
C PHE A 457 21.02 -50.01 9.50
N PRO A 458 19.85 -49.40 9.78
CA PRO A 458 18.86 -49.99 10.69
C PRO A 458 18.30 -51.33 10.20
N ARG A 459 18.04 -52.23 11.14
CA ARG A 459 17.44 -53.52 10.85
C ARG A 459 15.91 -53.46 11.01
N LYS A 460 15.23 -54.30 10.21
CA LYS A 460 13.78 -54.34 10.15
C LYS A 460 13.20 -54.69 11.52
N ASP A 461 12.26 -53.86 11.98
CA ASP A 461 11.68 -53.97 13.31
C ASP A 461 10.15 -54.04 13.22
N LYS A 462 9.49 -54.43 14.31
CA LYS A 462 8.03 -54.45 14.40
C LYS A 462 7.49 -53.17 15.05
N SER A 463 6.30 -52.74 14.60
CA SER A 463 5.45 -51.72 15.25
C SER A 463 6.16 -50.40 15.58
N ILE A 464 7.00 -49.89 14.67
CA ILE A 464 7.56 -48.55 14.78
C ILE A 464 6.48 -47.51 14.45
N MET A 465 5.99 -46.78 15.46
CA MET A 465 4.86 -45.86 15.28
C MET A 465 5.31 -44.38 15.23
N HIS A 466 6.59 -44.12 14.99
CA HIS A 466 7.15 -42.78 14.96
C HIS A 466 8.37 -42.74 14.04
N ILE A 467 8.70 -41.54 13.53
CA ILE A 467 9.92 -41.31 12.76
C ILE A 467 10.95 -40.57 13.60
N GLY A 468 10.81 -40.59 14.93
CA GLY A 468 11.79 -39.95 15.80
C GLY A 468 11.61 -38.43 15.95
N LEU A 469 10.95 -37.74 15.00
CA LEU A 469 10.64 -36.33 15.18
C LEU A 469 9.58 -36.17 16.26
N SER A 470 9.63 -35.04 16.97
CA SER A 470 8.58 -34.62 17.90
C SER A 470 7.31 -34.28 17.15
N GLU A 471 6.29 -33.82 17.89
CA GLU A 471 5.05 -33.37 17.28
C GLU A 471 5.36 -32.22 16.32
N THR A 472 6.08 -31.18 16.79
CA THR A 472 6.31 -29.99 15.97
C THR A 472 7.25 -30.30 14.81
N GLY A 473 8.22 -31.19 15.03
CA GLY A 473 9.07 -31.68 13.95
C GLY A 473 8.28 -32.47 12.90
N PHE A 474 7.47 -33.43 13.38
CA PHE A 474 6.63 -34.25 12.52
C PHE A 474 5.67 -33.39 11.70
N MET A 475 5.00 -32.39 12.31
CA MET A 475 4.05 -31.58 11.57
C MET A 475 4.75 -30.69 10.51
N ARG A 476 5.92 -30.10 10.80
CA ARG A 476 6.70 -29.40 9.79
C ARG A 476 7.09 -30.34 8.64
N PHE A 477 7.58 -31.53 9.00
CA PHE A 477 7.99 -32.54 8.03
C PHE A 477 6.82 -32.97 7.14
N PHE A 478 5.66 -33.22 7.75
CA PHE A 478 4.44 -33.62 7.05
C PHE A 478 4.00 -32.54 6.04
N GLN A 479 4.02 -31.26 6.42
CA GLN A 479 3.75 -30.18 5.47
C GLN A 479 4.71 -30.28 4.27
N LEU A 480 6.01 -30.45 4.54
CA LEU A 480 7.02 -30.55 3.49
C LEU A 480 6.79 -31.76 2.58
N LEU A 481 6.37 -32.91 3.10
CA LEU A 481 6.03 -34.07 2.28
C LEU A 481 4.90 -33.75 1.30
N ARG A 482 3.90 -32.95 1.69
CA ARG A 482 2.83 -32.57 0.79
C ARG A 482 3.33 -31.73 -0.39
N LEU A 483 4.50 -31.09 -0.25
CA LEU A 483 5.13 -30.28 -1.30
C LEU A 483 6.11 -31.10 -2.17
N MET A 484 6.45 -32.33 -1.77
CA MET A 484 7.39 -33.16 -2.51
C MET A 484 6.66 -33.98 -3.58
N ALA A 485 6.92 -33.70 -4.87
CA ALA A 485 6.20 -34.38 -5.96
C ALA A 485 7.02 -34.46 -7.26
N ASP A 486 6.62 -35.47 -8.10
CA ASP A 486 6.95 -35.71 -9.51
C ASP A 486 8.46 -35.78 -9.79
N LYS A 487 9.32 -35.70 -8.77
CA LYS A 487 10.77 -35.68 -9.02
C LYS A 487 11.34 -37.06 -9.29
N PRO A 488 12.51 -37.12 -9.99
CA PRO A 488 13.21 -38.37 -10.23
C PRO A 488 13.46 -39.06 -8.89
N HIS A 489 13.16 -40.36 -8.91
CA HIS A 489 13.06 -41.18 -7.72
C HIS A 489 14.31 -41.05 -6.85
N GLU A 490 15.48 -41.13 -7.47
CA GLU A 490 16.74 -41.13 -6.75
C GLU A 490 16.97 -39.80 -6.05
N THR A 491 16.65 -38.70 -6.75
CA THR A 491 16.78 -37.37 -6.20
C THR A 491 15.73 -37.11 -5.12
N ALA A 492 14.49 -37.54 -5.38
CA ALA A 492 13.39 -37.43 -4.45
C ALA A 492 13.71 -38.11 -3.12
N ILE A 493 14.37 -39.28 -3.16
CA ILE A 493 14.91 -39.90 -1.95
C ILE A 493 15.90 -38.95 -1.25
N LYS A 494 16.96 -38.46 -1.93
CA LYS A 494 17.97 -37.64 -1.26
C LYS A 494 17.34 -36.37 -0.67
N GLU A 495 16.41 -35.74 -1.38
CA GLU A 495 15.74 -34.54 -0.92
C GLU A 495 14.91 -34.78 0.34
N VAL A 496 14.11 -35.85 0.38
CA VAL A 496 13.31 -36.16 1.56
C VAL A 496 14.22 -36.52 2.75
N VAL A 497 15.30 -37.29 2.53
CA VAL A 497 16.28 -37.63 3.57
C VAL A 497 16.89 -36.35 4.17
N MET A 498 17.30 -35.40 3.33
CA MET A 498 17.88 -34.15 3.79
C MET A 498 16.86 -33.25 4.51
N ALA A 499 15.58 -33.27 4.09
CA ALA A 499 14.50 -32.54 4.77
C ALA A 499 14.33 -33.01 6.22
N TYR A 500 14.22 -34.34 6.40
CA TYR A 500 14.12 -34.96 7.71
C TYR A 500 15.27 -34.53 8.64
N VAL A 501 16.52 -34.65 8.14
CA VAL A 501 17.71 -34.32 8.91
C VAL A 501 17.74 -32.83 9.30
N GLY A 502 17.44 -31.92 8.35
CA GLY A 502 17.37 -30.49 8.61
C GLY A 502 16.38 -30.10 9.72
N ILE A 503 15.25 -30.83 9.81
CA ILE A 503 14.28 -30.65 10.89
C ILE A 503 14.79 -31.30 12.18
N LYS A 504 15.24 -32.57 12.08
CA LYS A 504 15.73 -33.36 13.21
C LYS A 504 16.78 -32.58 14.01
N LEU A 505 17.64 -31.80 13.32
CA LEU A 505 18.70 -30.99 13.93
C LEU A 505 18.19 -29.86 14.84
N GLY A 506 16.94 -29.40 14.71
CA GLY A 506 16.35 -28.45 15.64
C GLY A 506 15.23 -29.05 16.51
N ASP A 507 15.10 -30.38 16.55
CA ASP A 507 13.89 -31.00 17.07
C ASP A 507 14.05 -31.52 18.51
N LYS A 508 13.82 -30.59 19.44
CA LYS A 508 13.98 -30.75 20.88
C LYS A 508 13.02 -31.78 21.53
N GLY A 509 11.90 -32.12 20.88
CA GLY A 509 10.83 -32.83 21.55
C GLY A 509 10.96 -34.35 21.46
N SER A 510 10.33 -35.03 22.42
CA SER A 510 10.17 -36.48 22.39
C SER A 510 9.41 -36.91 21.14
N PRO A 511 9.73 -38.08 20.55
CA PRO A 511 9.09 -38.56 19.32
C PRO A 511 7.57 -38.51 19.33
N TYR A 512 7.00 -38.16 18.18
CA TYR A 512 5.55 -38.13 18.00
C TYR A 512 5.02 -39.45 17.46
N TYR A 513 4.00 -40.00 18.17
CA TYR A 513 3.35 -41.28 17.84
C TYR A 513 2.26 -41.04 16.81
N ILE A 514 2.50 -41.54 15.59
CA ILE A 514 1.58 -41.42 14.46
C ILE A 514 0.28 -42.13 14.85
N ARG A 515 -0.81 -41.37 14.78
CA ARG A 515 -2.13 -41.90 15.05
C ARG A 515 -2.49 -43.01 14.05
N LYS A 516 -3.11 -44.09 14.56
CA LYS A 516 -3.41 -45.29 13.80
C LYS A 516 -4.22 -44.98 12.54
N GLU A 517 -5.16 -44.03 12.67
CA GLU A 517 -6.04 -43.56 11.60
C GLU A 517 -5.24 -42.96 10.43
N SER A 518 -4.13 -42.28 10.75
CA SER A 518 -3.31 -41.54 9.80
C SER A 518 -2.23 -42.42 9.14
N TYR A 519 -1.96 -43.58 9.75
CA TYR A 519 -0.74 -44.33 9.54
C TYR A 519 -0.55 -44.77 8.07
N GLN A 520 -1.62 -45.26 7.42
CA GLN A 520 -1.54 -45.71 6.03
C GLN A 520 -1.33 -44.53 5.05
N ASP A 521 -2.00 -43.40 5.31
CA ASP A 521 -1.90 -42.23 4.45
C ASP A 521 -0.51 -41.60 4.53
N PHE A 522 0.08 -41.61 5.73
CA PHE A 522 1.46 -41.20 5.94
C PHE A 522 2.41 -42.08 5.13
N ILE A 523 2.28 -43.42 5.23
CA ILE A 523 3.06 -44.36 4.44
C ILE A 523 2.95 -44.05 2.94
N TYR A 524 1.73 -43.79 2.46
CA TYR A 524 1.50 -43.47 1.06
C TYR A 524 2.23 -42.19 0.65
N LEU A 525 2.00 -41.10 1.40
CA LEU A 525 2.58 -39.81 1.10
C LEU A 525 4.11 -39.89 1.08
N LEU A 526 4.70 -40.56 2.08
CA LEU A 526 6.15 -40.69 2.23
C LEU A 526 6.77 -41.40 1.02
N PHE A 527 6.23 -42.56 0.62
CA PHE A 527 6.83 -43.29 -0.48
C PHE A 527 6.52 -42.65 -1.84
N ALA A 528 5.32 -42.10 -2.02
CA ALA A 528 4.94 -41.38 -3.23
C ALA A 528 5.81 -40.15 -3.45
N SER A 529 6.05 -39.37 -2.38
CA SER A 529 6.89 -38.17 -2.43
C SER A 529 8.32 -38.53 -2.82
N MET A 530 8.84 -39.64 -2.26
CA MET A 530 10.14 -40.17 -2.62
C MET A 530 10.17 -40.77 -4.03
N GLY A 531 9.02 -40.84 -4.71
CA GLY A 531 8.95 -41.35 -6.07
C GLY A 531 8.96 -42.88 -6.14
N PHE A 532 8.76 -43.58 -5.02
CA PHE A 532 8.43 -44.99 -5.09
C PHE A 532 7.04 -45.17 -5.68
N LYS A 533 6.91 -46.24 -6.47
CA LYS A 533 5.63 -46.72 -6.94
C LYS A 533 4.93 -47.43 -5.77
N VAL A 534 4.08 -46.65 -5.10
CA VAL A 534 3.18 -47.18 -4.08
C VAL A 534 1.92 -47.69 -4.78
N THR A 535 1.54 -48.93 -4.43
CA THR A 535 0.36 -49.57 -4.97
C THR A 535 -0.55 -50.03 -3.84
N THR A 536 -1.76 -49.47 -3.81
CA THR A 536 -2.72 -49.71 -2.74
C THR A 536 -3.83 -50.64 -3.22
N ARG A 537 -3.68 -51.94 -2.97
CA ARG A 537 -4.70 -52.90 -3.37
C ARG A 537 -5.83 -52.90 -2.34
N ARG A 538 -7.03 -52.41 -2.74
CA ARG A 538 -8.26 -52.59 -1.98
C ARG A 538 -8.93 -53.92 -2.38
N SER A 539 -8.93 -54.86 -1.44
CA SER A 539 -9.62 -56.14 -1.62
C SER A 539 -10.78 -56.23 -0.63
N ILE A 540 -12.00 -56.39 -1.16
CA ILE A 540 -13.16 -56.65 -0.34
C ILE A 540 -13.10 -58.12 0.11
N MET A 541 -12.85 -58.36 1.42
CA MET A 541 -12.90 -59.69 2.00
C MET A 541 -14.05 -59.75 3.00
N GLY A 542 -15.05 -60.59 2.72
CA GLY A 542 -16.33 -60.49 3.39
C GLY A 542 -16.85 -59.05 3.34
N SER A 543 -17.30 -58.55 4.50
CA SER A 543 -17.80 -57.20 4.66
C SER A 543 -16.69 -56.14 4.79
N ASN A 544 -15.41 -56.57 4.84
CA ASN A 544 -14.30 -55.68 5.18
C ASN A 544 -13.50 -55.26 3.94
N ASN A 545 -13.25 -53.95 3.83
CA ASN A 545 -12.59 -53.37 2.66
C ASN A 545 -11.09 -53.21 2.94
N ILE A 546 -10.33 -54.30 2.81
CA ILE A 546 -8.93 -54.35 3.24
C ILE A 546 -8.06 -53.58 2.23
N SER A 547 -7.19 -52.70 2.74
CA SER A 547 -6.19 -52.03 1.93
C SER A 547 -4.77 -52.55 2.22
N ILE A 548 -4.10 -53.09 1.20
CA ILE A 548 -2.73 -53.59 1.29
C ILE A 548 -1.81 -52.64 0.52
N ILE A 549 -0.72 -52.18 1.17
CA ILE A 549 0.22 -51.25 0.55
C ILE A 549 1.46 -52.00 0.08
N SER A 550 1.73 -51.92 -1.23
CA SER A 550 2.88 -52.52 -1.87
C SER A 550 3.80 -51.43 -2.44
N ILE A 551 5.06 -51.38 -1.98
CA ILE A 551 6.02 -50.37 -2.42
C ILE A 551 7.06 -51.02 -3.34
N ARG A 552 7.26 -50.42 -4.54
CA ARG A 552 8.31 -50.84 -5.44
C ARG A 552 9.10 -49.63 -5.95
N PRO A 553 10.43 -49.74 -6.19
CA PRO A 553 11.23 -50.95 -5.92
C PRO A 553 11.34 -51.18 -4.42
N ARG A 554 11.67 -52.42 -4.02
CA ARG A 554 11.68 -52.78 -2.60
C ARG A 554 12.74 -51.97 -1.85
N VAL A 555 12.34 -51.48 -0.66
CA VAL A 555 13.26 -50.82 0.25
C VAL A 555 14.21 -51.87 0.84
N THR A 556 15.50 -51.74 0.50
CA THR A 556 16.55 -52.62 1.02
C THR A 556 17.80 -51.78 1.27
N LYS A 557 18.71 -52.27 2.14
CA LYS A 557 19.97 -51.58 2.42
C LYS A 557 20.71 -51.30 1.11
N GLN A 558 20.89 -52.31 0.24
CA GLN A 558 21.54 -52.12 -1.05
C GLN A 558 20.83 -51.09 -1.94
N TYR A 559 19.49 -51.16 -2.04
CA TYR A 559 18.74 -50.23 -2.89
C TYR A 559 18.94 -48.78 -2.41
N ILE A 560 18.72 -48.51 -1.12
CA ILE A 560 18.88 -47.17 -0.56
C ILE A 560 20.35 -46.70 -0.69
N VAL A 561 21.30 -47.51 -0.21
CA VAL A 561 22.73 -47.19 -0.25
C VAL A 561 23.16 -46.87 -1.69
N ALA A 562 22.80 -47.74 -2.65
CA ALA A 562 23.10 -47.50 -4.05
C ALA A 562 22.45 -46.19 -4.54
N THR A 563 21.17 -45.95 -4.19
CA THR A 563 20.43 -44.77 -4.61
C THR A 563 21.03 -43.47 -4.05
N LEU A 564 21.46 -43.49 -2.79
CA LEU A 564 22.11 -42.33 -2.20
C LEU A 564 23.54 -42.16 -2.71
N MET A 565 24.27 -43.25 -2.96
CA MET A 565 25.63 -43.13 -3.48
C MET A 565 25.66 -42.42 -4.85
N LYS A 566 24.68 -42.69 -5.73
CA LYS A 566 24.57 -41.97 -6.99
C LYS A 566 24.46 -40.47 -6.77
N THR A 567 23.66 -40.06 -5.78
CA THR A 567 23.31 -38.66 -5.57
C THR A 567 24.25 -37.96 -4.57
N SER A 568 25.29 -38.64 -4.04
CA SER A 568 26.23 -38.11 -3.04
C SER A 568 27.63 -37.90 -3.64
N CYS A 569 28.38 -36.90 -3.17
CA CYS A 569 29.72 -36.57 -3.66
C CYS A 569 30.75 -37.66 -3.33
N SER A 570 30.45 -38.47 -2.30
CA SER A 570 31.28 -39.60 -1.88
C SER A 570 30.42 -40.67 -1.22
N LYS A 571 31.01 -41.86 -1.04
CA LYS A 571 30.36 -42.94 -0.30
C LYS A 571 30.17 -42.59 1.18
N ASN A 572 31.16 -41.87 1.73
CA ASN A 572 31.17 -41.42 3.12
C ASN A 572 29.95 -40.52 3.39
N GLU A 573 29.67 -39.58 2.48
CA GLU A 573 28.50 -38.72 2.54
C GLU A 573 27.22 -39.56 2.61
N ALA A 574 27.06 -40.53 1.69
CA ALA A 574 25.88 -41.40 1.66
C ALA A 574 25.69 -42.12 3.01
N GLU A 575 26.78 -42.64 3.59
CA GLU A 575 26.74 -43.32 4.87
C GLU A 575 26.48 -42.36 6.04
N LYS A 576 26.93 -41.11 5.95
CA LYS A 576 26.62 -40.10 6.96
C LYS A 576 25.19 -39.59 6.88
N LEU A 577 24.64 -39.49 5.66
CA LEU A 577 23.22 -39.24 5.46
C LEU A 577 22.39 -40.39 6.08
N ILE A 578 22.76 -41.66 5.82
CA ILE A 578 22.08 -42.83 6.37
C ILE A 578 22.08 -42.81 7.92
N THR A 579 23.20 -42.37 8.49
CA THR A 579 23.46 -42.27 9.92
C THR A 579 22.62 -41.17 10.59
N SER A 580 22.54 -40.00 9.95
CA SER A 580 21.72 -38.89 10.42
C SER A 580 20.22 -39.18 10.27
N ALA A 581 19.81 -39.88 9.19
CA ALA A 581 18.41 -40.24 8.95
C ALA A 581 18.03 -41.63 9.48
N PHE A 582 18.70 -42.10 10.55
CA PHE A 582 18.54 -43.48 11.02
C PHE A 582 17.09 -43.85 11.36
N ASP A 583 16.37 -43.02 12.14
CA ASP A 583 15.02 -43.33 12.61
C ASP A 583 14.04 -43.46 11.45
N LEU A 584 14.14 -42.53 10.49
CA LEU A 584 13.32 -42.54 9.28
C LEU A 584 13.59 -43.81 8.48
N LEU A 585 14.86 -44.15 8.26
CA LEU A 585 15.21 -45.37 7.52
C LEU A 585 14.76 -46.62 8.26
N ASN A 586 14.78 -46.61 9.61
CA ASN A 586 14.25 -47.71 10.41
C ASN A 586 12.73 -47.87 10.19
N PHE A 587 11.98 -46.76 10.23
CA PHE A 587 10.57 -46.74 9.86
C PHE A 587 10.35 -47.38 8.49
N MET A 588 10.96 -46.81 7.44
CA MET A 588 10.78 -47.21 6.05
C MET A 588 10.99 -48.71 5.85
N VAL A 589 12.12 -49.23 6.32
CA VAL A 589 12.49 -50.63 6.15
C VAL A 589 11.48 -51.52 6.87
N SER A 590 11.00 -51.08 8.04
CA SER A 590 10.02 -51.78 8.86
C SER A 590 8.59 -51.81 8.28
N VAL A 591 8.23 -50.88 7.38
CA VAL A 591 6.89 -50.82 6.77
C VAL A 591 6.90 -51.22 5.28
N SER A 592 8.06 -51.51 4.68
CA SER A 592 8.17 -51.76 3.24
C SER A 592 7.37 -53.00 2.78
N ASP A 593 7.19 -54.01 3.66
CA ASP A 593 6.38 -55.19 3.37
C ASP A 593 4.99 -55.14 4.03
N PHE A 594 4.54 -53.96 4.49
CA PHE A 594 3.28 -53.79 5.19
C PHE A 594 2.09 -54.09 4.25
N SER B 24 14.64 4.03 31.59
CA SER B 24 14.79 3.91 33.06
C SER B 24 15.89 4.84 33.57
N GLU B 25 15.52 5.80 34.43
CA GLU B 25 16.36 6.92 34.88
C GLU B 25 17.69 6.43 35.48
N GLU B 26 17.63 5.36 36.29
CA GLU B 26 18.80 4.79 36.95
C GLU B 26 19.82 4.17 35.97
N LYS B 27 19.34 3.67 34.81
CA LYS B 27 20.16 2.85 33.91
C LYS B 27 20.27 3.45 32.51
N ASP B 28 20.43 4.78 32.45
CA ASP B 28 21.02 5.41 31.29
C ASP B 28 22.41 5.91 31.69
N PRO B 29 23.51 5.16 31.35
CA PRO B 29 24.87 5.54 31.73
C PRO B 29 25.22 6.94 31.25
N ASP B 30 24.68 7.31 30.09
CA ASP B 30 24.81 8.66 29.53
C ASP B 30 24.35 9.75 30.52
N THR B 31 23.46 9.48 31.49
CA THR B 31 23.07 10.50 32.49
C THR B 31 24.31 11.08 33.18
N LYS B 32 25.35 10.24 33.39
CA LYS B 32 26.57 10.64 34.07
C LYS B 32 27.56 11.29 33.09
N LYS B 33 27.67 10.80 31.86
CA LYS B 33 28.41 11.50 30.81
C LYS B 33 27.85 12.90 30.61
N ASP B 34 26.51 13.00 30.53
CA ASP B 34 25.78 14.24 30.26
C ASP B 34 25.95 15.24 31.39
N GLU B 35 25.93 14.79 32.65
CA GLU B 35 26.27 15.65 33.77
C GLU B 35 27.70 16.19 33.60
N ALA B 36 28.67 15.34 33.24
CA ALA B 36 30.04 15.78 33.02
C ALA B 36 30.13 16.76 31.84
N ILE B 37 29.32 16.54 30.79
CA ILE B 37 29.21 17.43 29.64
C ILE B 37 28.66 18.80 30.07
N GLU B 38 27.53 18.85 30.82
CA GLU B 38 26.93 20.10 31.27
C GLU B 38 27.90 20.88 32.16
N ILE B 39 28.53 20.19 33.12
CA ILE B 39 29.49 20.80 34.02
C ILE B 39 30.58 21.51 33.20
N GLY B 40 31.15 20.83 32.20
CA GLY B 40 32.16 21.41 31.33
C GLY B 40 31.64 22.62 30.52
N LEU B 41 30.45 22.51 29.93
CA LEU B 41 29.86 23.60 29.16
C LEU B 41 29.60 24.82 30.06
N LYS B 42 28.94 24.61 31.20
CA LYS B 42 28.69 25.66 32.19
C LYS B 42 30.00 26.25 32.72
N SER B 43 31.05 25.43 32.87
CA SER B 43 32.37 25.90 33.28
C SER B 43 32.96 26.86 32.24
N GLN B 44 32.99 26.46 30.96
CA GLN B 44 33.43 27.32 29.87
C GLN B 44 32.57 28.60 29.82
N GLU B 45 31.25 28.43 29.87
CA GLU B 45 30.30 29.53 29.87
C GLU B 45 30.55 30.52 31.01
N SER B 46 30.78 30.00 32.24
CA SER B 46 31.11 30.81 33.41
C SER B 46 32.43 31.57 33.21
N TYR B 47 33.43 30.91 32.62
CA TYR B 47 34.70 31.55 32.29
C TYR B 47 34.48 32.74 31.35
N TYR B 48 33.78 32.51 30.23
CA TYR B 48 33.52 33.57 29.28
C TYR B 48 32.63 34.66 29.90
N GLN B 49 31.62 34.29 30.70
CA GLN B 49 30.82 35.26 31.46
C GLN B 49 31.69 36.10 32.41
N ARG B 50 32.75 35.52 32.98
CA ARG B 50 33.66 36.27 33.82
C ARG B 50 34.54 37.19 32.97
N GLN B 51 35.11 36.70 31.86
CA GLN B 51 35.88 37.56 30.95
C GLN B 51 35.04 38.75 30.47
N LEU B 52 33.76 38.48 30.18
CA LEU B 52 32.77 39.49 29.83
C LEU B 52 32.63 40.53 30.96
N ARG B 53 32.30 40.10 32.18
CA ARG B 53 32.10 41.00 33.31
C ARG B 53 33.37 41.74 33.70
N GLU B 54 34.54 41.11 33.54
CA GLU B 54 35.82 41.79 33.72
C GLU B 54 36.02 42.88 32.67
N GLN B 55 35.77 42.60 31.39
CA GLN B 55 35.87 43.61 30.34
C GLN B 55 34.91 44.77 30.62
N LEU B 56 33.66 44.45 30.97
CA LEU B 56 32.64 45.44 31.32
C LEU B 56 33.01 46.22 32.59
N ALA B 57 33.67 45.59 33.58
CA ALA B 57 34.13 46.30 34.76
C ALA B 57 35.21 47.33 34.38
N ARG B 58 36.23 46.93 33.59
CA ARG B 58 37.26 47.83 33.11
C ARG B 58 36.67 49.00 32.33
N ASP B 59 35.69 48.70 31.48
CA ASP B 59 35.02 49.71 30.67
C ASP B 59 34.15 50.61 31.55
N ASN B 60 33.40 50.08 32.54
CA ASN B 60 32.60 50.89 33.45
C ASN B 60 33.47 51.87 34.26
N MET B 61 34.60 51.39 34.82
CA MET B 61 35.51 52.23 35.59
C MET B 61 36.11 53.34 34.72
N THR B 62 36.51 53.03 33.48
CA THR B 62 37.06 54.04 32.58
C THR B 62 35.98 55.03 32.14
N VAL B 63 34.73 54.59 31.90
CA VAL B 63 33.65 55.51 31.57
C VAL B 63 33.31 56.43 32.75
N ALA B 64 33.34 55.91 33.99
CA ALA B 64 33.11 56.70 35.20
C ALA B 64 34.22 57.71 35.50
N SER B 65 35.27 57.78 34.65
CA SER B 65 36.39 58.71 34.80
C SER B 65 36.67 59.52 33.51
N ARG B 66 36.15 59.08 32.36
CA ARG B 66 36.25 59.81 31.10
C ARG B 66 35.11 60.84 31.00
N MET C 1 -0.09 -34.11 -4.61
CA MET C 1 -1.14 -33.08 -4.85
C MET C 1 -0.67 -31.73 -4.31
N MET C 2 -0.10 -30.91 -5.22
CA MET C 2 0.57 -29.63 -4.96
C MET C 2 -0.44 -28.51 -4.64
N PRO C 3 -0.03 -27.36 -4.03
CA PRO C 3 -0.95 -26.23 -3.80
C PRO C 3 -1.28 -25.33 -4.99
N ILE C 4 -2.35 -24.53 -4.86
CA ILE C 4 -3.07 -24.06 -6.04
C ILE C 4 -2.45 -22.84 -6.63
N LYS C 5 -2.13 -21.91 -5.75
CA LYS C 5 -1.92 -20.58 -6.30
C LYS C 5 -0.50 -20.66 -6.92
N SER C 6 0.04 -21.87 -7.18
CA SER C 6 1.44 -22.02 -7.63
C SER C 6 1.62 -21.75 -9.12
N ILE C 7 0.59 -21.90 -9.97
CA ILE C 7 0.74 -21.47 -11.35
C ILE C 7 0.55 -19.95 -11.36
N VAL C 8 1.61 -19.19 -11.00
CA VAL C 8 1.59 -17.73 -11.10
C VAL C 8 1.09 -17.35 -12.50
N THR C 9 0.15 -16.42 -12.55
CA THR C 9 -0.28 -15.88 -13.83
C THR C 9 0.93 -15.30 -14.58
N LEU C 10 0.72 -14.94 -15.84
CA LEU C 10 1.75 -14.36 -16.71
C LEU C 10 2.19 -12.96 -16.21
N ASP C 11 1.89 -12.60 -14.93
CA ASP C 11 1.74 -11.21 -14.49
C ASP C 11 2.35 -10.86 -13.11
N GLN C 12 2.94 -11.82 -12.36
CA GLN C 12 3.42 -11.56 -11.00
C GLN C 12 4.95 -11.76 -10.77
N LEU C 13 5.80 -12.07 -11.78
CA LEU C 13 7.27 -12.13 -11.62
C LEU C 13 8.00 -10.80 -11.83
N GLU C 14 9.33 -10.94 -11.79
CA GLU C 14 10.32 -10.00 -12.31
C GLU C 14 10.57 -10.21 -13.82
N ASP C 15 11.46 -9.37 -14.40
CA ASP C 15 11.68 -9.30 -15.85
C ASP C 15 12.36 -10.54 -16.43
N SER C 16 13.46 -11.02 -15.84
CA SER C 16 14.29 -12.08 -16.42
C SER C 16 13.51 -13.39 -16.58
N GLU C 17 12.69 -13.67 -15.57
CA GLU C 17 11.90 -14.90 -15.48
C GLU C 17 10.63 -14.78 -16.34
N TYR C 18 10.03 -13.57 -16.39
CA TYR C 18 9.14 -13.16 -17.48
C TYR C 18 9.82 -13.07 -18.87
N LEU C 19 11.11 -13.27 -19.03
CA LEU C 19 11.56 -13.52 -20.39
C LEU C 19 11.57 -15.02 -20.65
N PHE C 20 11.83 -15.79 -19.58
CA PHE C 20 11.99 -17.22 -19.69
C PHE C 20 10.73 -17.90 -20.26
N ARG C 21 9.52 -17.64 -19.72
CA ARG C 21 8.30 -18.23 -20.31
C ARG C 21 8.06 -17.74 -21.73
N ILE C 22 8.51 -16.55 -22.14
CA ILE C 22 8.29 -16.15 -23.52
C ILE C 22 9.12 -17.09 -24.41
N VAL C 23 10.38 -17.27 -24.01
CA VAL C 23 11.39 -18.08 -24.69
C VAL C 23 11.06 -19.58 -24.64
N SER C 24 10.36 -20.07 -23.60
CA SER C 24 10.09 -21.50 -23.44
C SER C 24 8.61 -21.86 -23.66
N THR C 25 7.67 -20.89 -23.58
CA THR C 25 6.24 -21.19 -23.61
C THR C 25 5.45 -20.30 -24.59
N VAL C 26 6.13 -19.58 -25.50
CA VAL C 26 5.49 -18.97 -26.65
C VAL C 26 6.34 -19.32 -27.88
N LEU C 27 7.63 -18.95 -27.81
CA LEU C 27 8.50 -18.95 -28.98
C LEU C 27 8.67 -20.34 -29.59
N PRO C 28 8.89 -21.48 -28.87
CA PRO C 28 9.00 -22.79 -29.50
C PRO C 28 7.77 -23.38 -30.19
N HIS C 29 6.57 -22.81 -30.00
CA HIS C 29 5.38 -23.22 -30.74
C HIS C 29 5.04 -22.29 -31.91
N LEU C 30 5.64 -21.09 -31.97
CA LEU C 30 5.53 -20.25 -33.16
C LEU C 30 6.44 -20.78 -34.27
N CYS C 31 5.88 -20.91 -35.47
CA CYS C 31 6.66 -21.15 -36.68
C CYS C 31 7.34 -19.84 -37.09
N LEU C 32 8.51 -19.92 -37.77
CA LEU C 32 9.31 -18.74 -38.10
C LEU C 32 8.56 -17.73 -39.00
N ASP C 33 7.45 -18.16 -39.63
CA ASP C 33 6.66 -17.33 -40.53
C ASP C 33 5.52 -16.58 -39.82
N TYR C 34 5.35 -16.77 -38.50
CA TYR C 34 4.24 -16.15 -37.77
C TYR C 34 4.37 -14.61 -37.74
N LYS C 35 3.33 -13.91 -38.22
CA LYS C 35 3.25 -12.46 -38.16
C LYS C 35 2.57 -11.97 -36.89
N VAL C 36 3.37 -11.34 -36.01
CA VAL C 36 2.84 -10.58 -34.89
C VAL C 36 2.05 -9.39 -35.43
N CYS C 37 0.87 -9.13 -34.83
CA CYS C 37 0.09 -7.94 -35.14
C CYS C 37 0.89 -6.67 -34.87
N ASP C 38 0.87 -5.74 -35.82
CA ASP C 38 1.64 -4.51 -35.74
C ASP C 38 1.17 -3.60 -34.59
N GLN C 39 -0.16 -3.51 -34.35
CA GLN C 39 -0.65 -2.68 -33.25
C GLN C 39 -0.06 -3.11 -31.91
N LEU C 40 0.28 -4.39 -31.78
CA LEU C 40 0.82 -4.91 -30.53
C LEU C 40 2.32 -4.61 -30.38
N LYS C 41 3.01 -4.05 -31.39
CA LYS C 41 4.47 -3.82 -31.33
C LYS C 41 4.84 -2.56 -30.55
N THR C 42 3.90 -1.61 -30.40
CA THR C 42 3.97 -0.55 -29.41
C THR C 42 3.11 -0.90 -28.19
N THR C 43 3.26 -0.16 -27.08
CA THR C 43 2.39 -0.31 -25.91
C THR C 43 2.07 1.06 -25.30
N PHE C 44 1.00 1.15 -24.49
CA PHE C 44 0.68 2.37 -23.76
C PHE C 44 1.60 2.53 -22.53
N VAL C 45 2.09 3.76 -22.31
CA VAL C 45 2.74 4.16 -21.06
C VAL C 45 2.20 5.54 -20.69
N HIS C 46 1.92 5.75 -19.40
CA HIS C 46 1.28 6.99 -18.96
C HIS C 46 2.19 8.20 -19.17
N PRO C 47 1.70 9.30 -19.80
CA PRO C 47 2.53 10.49 -20.07
C PRO C 47 3.40 11.00 -18.93
N PHE C 48 2.90 10.97 -17.68
CA PHE C 48 3.67 11.39 -16.52
C PHE C 48 5.00 10.61 -16.38
N ASP C 49 4.93 9.28 -16.55
CA ASP C 49 6.11 8.42 -16.52
C ASP C 49 7.16 8.92 -17.53
N ILE C 50 6.69 9.34 -18.72
CA ILE C 50 7.57 9.72 -19.82
C ILE C 50 8.09 11.16 -19.66
N LEU C 51 7.25 12.11 -19.19
CA LEU C 51 7.70 13.49 -18.94
C LEU C 51 8.84 13.52 -17.92
N LEU C 52 8.77 12.65 -16.91
CA LEU C 52 9.82 12.53 -15.92
C LEU C 52 10.98 11.64 -16.41
N ASN C 53 10.68 10.61 -17.22
CA ASN C 53 11.69 9.70 -17.75
C ASN C 53 11.42 9.41 -19.23
N ASN C 54 12.00 10.24 -20.12
CA ASN C 54 11.71 10.24 -21.55
C ASN C 54 12.00 8.88 -22.21
N SER C 55 12.92 8.07 -21.64
CA SER C 55 13.29 6.76 -22.17
C SER C 55 12.09 5.82 -22.28
N LEU C 56 11.12 5.95 -21.36
CA LEU C 56 9.93 5.12 -21.36
C LEU C 56 9.04 5.39 -22.58
N GLY C 57 9.18 6.56 -23.21
CA GLY C 57 8.48 6.88 -24.45
C GLY C 57 8.82 5.93 -25.59
N SER C 58 9.99 5.26 -25.53
CA SER C 58 10.52 4.44 -26.62
C SER C 58 9.59 3.30 -27.05
N VAL C 59 8.85 2.69 -26.12
CA VAL C 59 7.97 1.57 -26.44
C VAL C 59 6.58 2.03 -26.90
N THR C 60 6.32 3.34 -26.83
CA THR C 60 5.00 3.90 -27.16
C THR C 60 4.93 4.34 -28.62
N LYS C 61 3.69 4.51 -29.07
CA LYS C 61 3.37 5.11 -30.34
C LYS C 61 3.38 6.64 -30.18
N GLN C 62 4.33 7.33 -30.85
CA GLN C 62 4.60 8.76 -30.63
C GLN C 62 3.34 9.61 -30.76
N ASP C 63 2.52 9.34 -31.78
CA ASP C 63 1.33 10.15 -32.11
C ASP C 63 0.23 9.99 -31.04
N GLU C 64 0.14 8.82 -30.40
CA GLU C 64 -0.77 8.61 -29.27
C GLU C 64 -0.22 9.30 -28.02
N LEU C 65 1.11 9.29 -27.83
CA LEU C 65 1.78 9.93 -26.69
C LEU C 65 1.63 11.45 -26.70
N GLN C 66 2.00 12.13 -27.80
CA GLN C 66 1.89 13.58 -27.89
C GLN C 66 0.45 14.05 -27.66
N ALA C 67 -0.49 13.29 -28.21
CA ALA C 67 -1.91 13.53 -28.04
C ALA C 67 -2.31 13.41 -26.56
N ALA C 68 -1.90 12.32 -25.91
CA ALA C 68 -2.19 12.09 -24.50
C ALA C 68 -1.60 13.20 -23.61
N ILE C 69 -0.37 13.69 -23.89
CA ILE C 69 0.27 14.79 -23.16
C ILE C 69 -0.62 16.04 -23.18
N SER C 70 -1.00 16.49 -24.38
CA SER C 70 -1.85 17.65 -24.55
C SER C 70 -3.23 17.44 -23.91
N LYS C 71 -3.81 16.24 -24.05
CA LYS C 71 -5.13 15.95 -23.52
C LYS C 71 -5.14 15.95 -21.99
N LEU C 72 -4.19 15.24 -21.36
CA LEU C 72 -4.05 15.25 -19.91
C LEU C 72 -3.92 16.69 -19.40
N GLY C 73 -3.09 17.50 -20.07
CA GLY C 73 -2.93 18.90 -19.72
C GLY C 73 -4.26 19.63 -19.55
N ILE C 74 -5.18 19.43 -20.50
CA ILE C 74 -6.52 20.01 -20.45
C ILE C 74 -7.35 19.40 -19.31
N ASN C 75 -7.44 18.07 -19.23
CA ASN C 75 -8.28 17.36 -18.29
C ASN C 75 -7.92 17.75 -16.84
N TYR C 76 -6.62 17.83 -16.57
CA TYR C 76 -6.10 18.19 -15.27
C TYR C 76 -6.57 19.59 -14.84
N LEU C 77 -6.54 20.56 -15.75
CA LEU C 77 -6.93 21.94 -15.45
C LEU C 77 -8.42 22.02 -15.11
N ILE C 78 -9.24 21.31 -15.88
CA ILE C 78 -10.66 21.18 -15.63
C ILE C 78 -10.89 20.59 -14.23
N ASP C 79 -10.32 19.42 -13.98
CA ASP C 79 -10.52 18.72 -12.72
C ASP C 79 -10.02 19.53 -11.53
N THR C 80 -8.81 20.10 -11.66
CA THR C 80 -8.18 20.86 -10.58
C THR C 80 -9.02 22.07 -10.19
N THR C 81 -9.65 22.76 -11.16
CA THR C 81 -10.46 23.92 -10.82
C THR C 81 -11.91 23.58 -10.52
N SER C 82 -12.34 22.36 -10.84
CA SER C 82 -13.68 21.88 -10.54
C SER C 82 -13.94 21.87 -9.03
N ARG C 83 -15.17 22.19 -8.61
CA ARG C 83 -15.56 21.99 -7.22
C ARG C 83 -16.09 20.57 -7.01
N GLU C 84 -16.37 19.85 -8.11
CA GLU C 84 -16.78 18.45 -8.06
C GLU C 84 -15.59 17.57 -7.67
N LEU C 85 -15.91 16.32 -7.30
CA LEU C 85 -14.94 15.34 -6.85
C LEU C 85 -13.84 15.19 -7.90
N LYS C 86 -12.59 15.28 -7.42
CA LYS C 86 -11.43 15.16 -8.28
C LYS C 86 -11.34 13.76 -8.89
N LEU C 87 -11.23 13.71 -10.22
CA LEU C 87 -10.94 12.45 -10.88
C LEU C 87 -9.44 12.11 -10.78
N PHE C 88 -8.55 13.10 -10.75
CA PHE C 88 -7.13 12.86 -10.49
C PHE C 88 -6.84 12.71 -8.99
N ASN C 89 -5.83 11.86 -8.68
CA ASN C 89 -5.30 11.66 -7.33
C ASN C 89 -3.78 11.80 -7.33
N VAL C 90 -3.29 12.74 -8.15
CA VAL C 90 -1.89 13.14 -8.14
C VAL C 90 -1.82 14.67 -8.10
N THR C 91 -0.70 15.21 -7.59
CA THR C 91 -0.44 16.64 -7.63
C THR C 91 0.77 16.89 -8.53
N LEU C 92 0.57 17.70 -9.57
CA LEU C 92 1.67 18.13 -10.41
C LEU C 92 2.33 19.35 -9.75
N ASN C 93 3.57 19.16 -9.29
CA ASN C 93 4.37 20.28 -8.80
C ASN C 93 5.44 20.66 -9.81
N ALA C 94 6.16 21.73 -9.47
CA ALA C 94 7.40 22.06 -10.13
C ALA C 94 8.41 20.90 -10.05
N GLY C 95 8.82 20.32 -11.20
CA GLY C 95 9.87 19.31 -11.26
C GLY C 95 9.48 17.89 -10.85
N ASN C 96 8.29 17.70 -10.26
CA ASN C 96 7.91 16.40 -9.70
C ASN C 96 6.40 16.25 -9.59
N ILE C 97 5.95 14.99 -9.47
CA ILE C 97 4.55 14.67 -9.30
C ILE C 97 4.41 13.90 -8.00
N ASP C 98 3.45 14.29 -7.16
CA ASP C 98 3.10 13.53 -5.98
C ASP C 98 1.88 12.68 -6.24
N ILE C 99 1.99 11.37 -6.04
CA ILE C 99 0.77 10.58 -5.89
C ILE C 99 0.21 10.84 -4.50
N ILE C 100 -1.04 11.29 -4.47
CA ILE C 100 -1.71 11.62 -3.23
C ILE C 100 -2.25 10.32 -2.62
N ASN C 101 -2.12 10.18 -1.29
CA ASN C 101 -2.46 8.94 -0.59
C ASN C 101 -3.93 8.95 -0.17
N THR C 102 -4.82 9.16 -1.14
CA THR C 102 -6.24 9.38 -0.91
C THR C 102 -6.87 8.22 -0.14
N PRO C 103 -7.84 8.50 0.77
CA PRO C 103 -8.62 7.44 1.39
C PRO C 103 -9.27 6.55 0.33
N ILE C 104 -9.33 5.25 0.60
CA ILE C 104 -9.98 4.33 -0.33
C ILE C 104 -11.49 4.42 -0.07
N ASN C 105 -12.16 5.23 -0.88
CA ASN C 105 -13.61 5.31 -0.88
C ASN C 105 -14.19 4.04 -1.51
N ILE C 106 -15.17 3.42 -0.84
CA ILE C 106 -15.85 2.25 -1.36
C ILE C 106 -17.36 2.51 -1.27
N SER C 107 -18.06 2.31 -2.40
CA SER C 107 -19.45 2.73 -2.60
C SER C 107 -20.21 1.76 -3.52
N SER C 108 -21.49 2.03 -3.77
CA SER C 108 -22.31 1.28 -4.72
C SER C 108 -21.77 1.36 -6.17
N GLU C 109 -20.94 2.38 -6.47
CA GLU C 109 -20.37 2.61 -7.79
C GLU C 109 -18.98 2.00 -8.01
N THR C 110 -18.36 1.43 -6.97
CA THR C 110 -17.12 0.70 -7.10
C THR C 110 -17.36 -0.49 -8.04
N ASN C 111 -16.37 -0.78 -8.90
CA ASN C 111 -16.45 -1.93 -9.79
C ASN C 111 -16.81 -3.17 -8.98
N PRO C 112 -17.96 -3.85 -9.24
CA PRO C 112 -18.34 -5.02 -8.46
C PRO C 112 -17.46 -6.25 -8.70
N ILE C 113 -16.57 -6.21 -9.72
CA ILE C 113 -15.54 -7.23 -9.89
C ILE C 113 -14.25 -6.77 -9.22
N ILE C 114 -13.74 -7.54 -8.24
CA ILE C 114 -12.49 -7.27 -7.54
C ILE C 114 -11.30 -7.52 -8.47
N ASN C 115 -10.23 -6.70 -8.34
CA ASN C 115 -9.00 -6.87 -9.10
C ASN C 115 -7.96 -7.69 -8.32
N THR C 116 -7.43 -8.77 -8.94
CA THR C 116 -6.45 -9.67 -8.33
C THR C 116 -5.04 -9.53 -8.92
N HIS C 117 -4.72 -8.39 -9.54
CA HIS C 117 -3.39 -8.08 -10.04
C HIS C 117 -2.79 -6.81 -9.44
N SER C 118 -1.45 -6.82 -9.28
CA SER C 118 -0.71 -5.74 -8.65
C SER C 118 0.12 -4.92 -9.63
N PHE C 119 0.50 -5.48 -10.79
CA PHE C 119 1.14 -4.76 -11.90
C PHE C 119 2.47 -4.08 -11.52
N TYR C 120 3.25 -4.69 -10.60
CA TYR C 120 4.51 -4.10 -10.12
C TYR C 120 5.60 -4.03 -11.20
N ASP C 121 5.36 -4.60 -12.39
CA ASP C 121 6.31 -4.48 -13.49
C ASP C 121 6.13 -3.19 -14.30
N LEU C 122 5.05 -2.43 -14.07
CA LEU C 122 4.77 -1.26 -14.88
C LEU C 122 5.26 0.02 -14.21
N PRO C 123 5.65 1.04 -15.02
CA PRO C 123 5.97 2.36 -14.49
C PRO C 123 4.86 2.89 -13.59
N PRO C 124 5.21 3.70 -12.57
CA PRO C 124 4.32 3.95 -11.44
C PRO C 124 3.00 4.63 -11.80
N PHE C 125 2.98 5.58 -12.73
CA PHE C 125 1.72 6.19 -13.16
C PHE C 125 0.92 5.23 -14.04
N THR C 126 1.58 4.44 -14.89
CA THR C 126 0.95 3.39 -15.67
C THR C 126 0.27 2.35 -14.75
N GLN C 127 1.01 1.90 -13.72
CA GLN C 127 0.49 1.00 -12.71
C GLN C 127 -0.72 1.59 -11.98
N HIS C 128 -0.58 2.86 -11.59
CA HIS C 128 -1.60 3.60 -10.86
C HIS C 128 -2.88 3.74 -11.67
N LEU C 129 -2.75 4.10 -12.96
CA LEU C 129 -3.86 4.16 -13.89
C LEU C 129 -4.60 2.81 -13.94
N LEU C 130 -3.88 1.70 -14.07
CA LEU C 130 -4.50 0.39 -14.16
C LEU C 130 -5.29 0.05 -12.91
N ASN C 131 -4.72 0.30 -11.72
CA ASN C 131 -5.45 0.10 -10.48
C ASN C 131 -6.80 0.84 -10.51
N ILE C 132 -6.79 2.11 -10.95
CA ILE C 132 -8.02 2.89 -11.04
C ILE C 132 -8.97 2.29 -12.09
N ARG C 133 -8.47 1.98 -13.29
CA ARG C 133 -9.27 1.48 -14.39
C ARG C 133 -10.05 0.22 -14.02
N LEU C 134 -9.46 -0.63 -13.16
CA LEU C 134 -10.02 -1.91 -12.80
C LEU C 134 -10.91 -1.84 -11.56
N THR C 135 -10.80 -0.78 -10.75
CA THR C 135 -11.59 -0.64 -9.52
C THR C 135 -12.74 0.37 -9.66
N ASP C 136 -12.60 1.30 -10.62
CA ASP C 136 -13.51 2.41 -10.82
C ASP C 136 -14.23 2.27 -12.17
N THR C 137 -14.98 3.31 -12.53
CA THR C 137 -15.61 3.42 -13.85
C THR C 137 -14.56 3.58 -14.95
N GLU C 138 -14.87 3.07 -16.14
CA GLU C 138 -14.01 3.24 -17.30
C GLU C 138 -13.93 4.72 -17.70
N TYR C 139 -15.00 5.48 -17.45
CA TYR C 139 -15.01 6.92 -17.71
C TYR C 139 -13.85 7.61 -16.96
N ARG C 140 -13.70 7.37 -15.66
CA ARG C 140 -12.64 7.99 -14.88
C ARG C 140 -11.27 7.65 -15.48
N ALA C 141 -11.06 6.37 -15.80
CA ALA C 141 -9.79 5.88 -16.34
C ALA C 141 -9.39 6.63 -17.62
N ARG C 142 -10.32 6.70 -18.59
CA ARG C 142 -10.11 7.41 -19.85
C ARG C 142 -9.77 8.89 -19.62
N PHE C 143 -10.50 9.55 -18.72
CA PHE C 143 -10.25 10.95 -18.39
C PHE C 143 -8.86 11.16 -17.81
N ILE C 144 -8.46 10.41 -16.78
CA ILE C 144 -7.15 10.63 -16.18
C ILE C 144 -6.01 10.18 -17.10
N GLY C 145 -6.19 9.12 -17.90
CA GLY C 145 -5.14 8.63 -18.79
C GLY C 145 -5.00 9.42 -20.09
N GLY C 146 -5.72 10.54 -20.23
CA GLY C 146 -5.61 11.39 -21.40
C GLY C 146 -6.09 10.73 -22.68
N TYR C 147 -7.07 9.83 -22.58
CA TYR C 147 -7.70 9.22 -23.74
C TYR C 147 -8.32 10.30 -24.63
N ILE C 148 -8.07 10.17 -25.94
CA ILE C 148 -8.83 10.90 -26.95
C ILE C 148 -9.58 9.88 -27.80
N LYS C 149 -10.87 10.12 -28.00
CA LYS C 149 -11.70 9.29 -28.85
C LYS C 149 -11.21 9.38 -30.30
N PRO C 150 -10.85 8.25 -30.94
CA PRO C 150 -10.35 8.30 -32.31
C PRO C 150 -11.47 8.55 -33.30
N ASP C 151 -11.11 9.03 -34.48
CA ASP C 151 -12.07 9.25 -35.55
C ASP C 151 -12.61 7.90 -36.04
N GLY C 152 -13.95 7.80 -36.16
CA GLY C 152 -14.59 6.59 -36.64
C GLY C 152 -15.73 6.10 -35.75
N SER C 153 -16.67 5.36 -36.37
CA SER C 153 -17.87 4.85 -35.70
C SER C 153 -17.56 3.73 -34.68
N ASP C 154 -16.37 3.12 -34.79
CA ASP C 154 -15.97 1.97 -33.96
C ASP C 154 -15.30 2.38 -32.63
N SER C 155 -15.45 3.66 -32.22
CA SER C 155 -15.02 4.10 -30.91
C SER C 155 -16.19 4.05 -29.92
N MET C 156 -16.06 3.22 -28.87
CA MET C 156 -17.18 3.00 -27.94
C MET C 156 -17.26 4.11 -26.90
N ASP C 157 -18.45 4.74 -26.79
CA ASP C 157 -18.78 5.61 -25.67
C ASP C 157 -19.14 4.81 -24.43
N VAL C 158 -18.64 5.29 -23.28
CA VAL C 158 -18.75 4.58 -22.02
C VAL C 158 -19.87 5.20 -21.18
N LEU C 159 -20.67 4.34 -20.55
CA LEU C 159 -21.72 4.82 -19.69
C LEU C 159 -21.13 5.26 -18.35
N ALA C 160 -21.50 6.47 -17.95
CA ALA C 160 -21.17 7.03 -16.65
C ALA C 160 -22.26 8.05 -16.32
N GLU C 161 -22.52 8.26 -15.03
CA GLU C 161 -23.67 9.06 -14.64
C GLU C 161 -23.40 10.56 -14.80
N LYS C 162 -22.13 10.98 -14.58
CA LYS C 162 -21.69 12.36 -14.78
C LYS C 162 -20.36 12.39 -15.53
N LYS C 163 -20.18 13.44 -16.35
CA LYS C 163 -18.98 13.65 -17.17
C LYS C 163 -18.60 15.13 -17.16
N TYR C 164 -17.28 15.41 -17.17
CA TYR C 164 -16.73 16.71 -17.49
C TYR C 164 -16.84 17.02 -18.99
N PRO C 165 -16.78 18.31 -19.41
CA PRO C 165 -16.61 18.69 -20.82
C PRO C 165 -15.39 18.07 -21.50
N ASP C 166 -15.45 17.91 -22.82
CA ASP C 166 -14.42 17.21 -23.59
C ASP C 166 -13.80 18.13 -24.65
N LEU C 167 -12.83 18.97 -24.22
CA LEU C 167 -12.05 19.83 -25.12
C LEU C 167 -10.81 19.08 -25.63
N ASN C 168 -10.32 19.45 -26.84
CA ASN C 168 -9.25 18.71 -27.50
C ASN C 168 -8.44 19.61 -28.44
N PHE C 169 -7.28 20.08 -27.96
CA PHE C 169 -6.41 20.90 -28.77
C PHE C 169 -4.96 20.80 -28.28
N ASP C 170 -4.03 21.05 -29.19
CA ASP C 170 -2.63 20.95 -28.83
C ASP C 170 -2.20 22.11 -27.93
N ASN C 171 -1.37 21.76 -26.94
CA ASN C 171 -0.99 22.66 -25.85
C ASN C 171 0.27 22.13 -25.14
N THR C 172 0.89 22.99 -24.31
CA THR C 172 2.10 22.64 -23.56
C THR C 172 1.88 22.73 -22.05
N TYR C 173 0.65 22.53 -21.57
CA TYR C 173 0.31 22.77 -20.17
C TYR C 173 1.21 21.97 -19.23
N LEU C 174 1.41 20.68 -19.50
CA LEU C 174 2.18 19.81 -18.61
C LEU C 174 3.64 20.29 -18.47
N PHE C 175 4.30 20.73 -19.56
CA PHE C 175 5.67 21.23 -19.52
C PHE C 175 5.79 22.52 -18.69
N ASN C 176 4.77 23.36 -18.74
CA ASN C 176 4.71 24.59 -17.95
C ASN C 176 4.51 24.26 -16.46
N ILE C 177 3.55 23.38 -16.15
CA ILE C 177 3.25 23.00 -14.76
C ILE C 177 4.47 22.34 -14.11
N LEU C 178 5.11 21.41 -14.82
CA LEU C 178 6.23 20.63 -14.30
C LEU C 178 7.56 21.39 -14.37
N TYR C 179 7.57 22.68 -14.75
CA TYR C 179 8.78 23.50 -14.79
C TYR C 179 9.37 23.63 -13.38
N LYS C 180 10.64 23.23 -13.23
CA LYS C 180 11.23 22.98 -11.91
C LYS C 180 11.49 24.28 -11.13
N ASP C 181 11.82 25.37 -11.83
CA ASP C 181 12.31 26.58 -11.19
C ASP C 181 11.20 27.63 -11.07
N VAL C 182 10.57 27.69 -9.87
CA VAL C 182 9.50 28.63 -9.59
C VAL C 182 9.70 29.23 -8.19
N ILE C 183 9.23 30.47 -7.99
CA ILE C 183 9.23 31.05 -6.65
C ILE C 183 8.26 30.26 -5.78
N ASN C 184 8.76 29.86 -4.60
CA ASN C 184 8.00 29.09 -3.63
C ASN C 184 7.15 30.03 -2.77
N ALA C 185 6.29 30.84 -3.41
CA ALA C 185 5.45 31.80 -2.72
C ALA C 185 4.40 31.11 -1.84
N PRO C 186 3.91 31.79 -0.77
CA PRO C 186 2.89 31.22 0.12
C PRO C 186 1.60 30.92 -0.63
N ILE C 187 1.30 31.73 -1.65
CA ILE C 187 0.23 31.43 -2.58
C ILE C 187 0.78 30.52 -3.68
N LYS C 188 0.32 29.27 -3.72
CA LYS C 188 0.74 28.31 -4.72
C LYS C 188 -0.02 28.41 -6.04
N GLU C 189 -1.10 29.20 -6.08
CA GLU C 189 -2.01 29.27 -7.22
C GLU C 189 -1.36 29.94 -8.44
N PHE C 190 -0.34 30.78 -8.22
CA PHE C 190 0.39 31.44 -9.30
C PHE C 190 1.85 30.96 -9.30
N LYS C 191 2.21 30.05 -10.23
CA LYS C 191 3.56 29.48 -10.32
C LYS C 191 4.51 30.40 -11.11
N ALA C 192 4.95 31.49 -10.45
CA ALA C 192 5.89 32.45 -11.01
C ALA C 192 7.23 31.79 -11.32
N LYS C 193 7.59 31.72 -12.61
CA LYS C 193 8.81 31.03 -13.04
C LYS C 193 10.05 31.87 -12.73
N ILE C 194 11.14 31.18 -12.39
CA ILE C 194 12.45 31.79 -12.25
C ILE C 194 13.29 31.38 -13.47
N VAL C 195 13.84 32.39 -14.16
CA VAL C 195 14.73 32.17 -15.28
C VAL C 195 16.04 32.91 -15.00
N ASN C 196 17.15 32.17 -15.06
CA ASN C 196 18.48 32.68 -14.69
C ASN C 196 18.44 33.37 -13.31
N GLY C 197 17.79 32.72 -12.35
CA GLY C 197 17.74 33.20 -10.97
C GLY C 197 16.79 34.37 -10.73
N VAL C 198 16.12 34.87 -11.78
CA VAL C 198 15.26 36.04 -11.65
C VAL C 198 13.87 35.70 -12.18
N LEU C 199 12.85 36.29 -11.58
CA LEU C 199 11.49 36.02 -11.97
C LEU C 199 11.31 36.35 -13.46
N SER C 200 10.56 35.50 -14.18
CA SER C 200 10.47 35.57 -15.64
C SER C 200 9.89 36.90 -16.12
N ARG C 201 10.23 37.30 -17.34
CA ARG C 201 9.80 38.59 -17.85
C ARG C 201 8.27 38.65 -17.98
N GLN C 202 7.69 37.59 -18.54
CA GLN C 202 6.24 37.46 -18.73
C GLN C 202 5.51 37.55 -17.39
N ASP C 203 6.00 36.81 -16.38
CA ASP C 203 5.42 36.84 -15.05
C ASP C 203 5.64 38.19 -14.36
N PHE C 204 6.81 38.80 -14.55
CA PHE C 204 7.11 40.09 -13.95
C PHE C 204 6.15 41.17 -14.45
N ASP C 205 5.99 41.26 -15.77
CA ASP C 205 5.07 42.21 -16.38
C ASP C 205 3.63 41.96 -15.89
N ASN C 206 3.23 40.69 -15.77
CA ASN C 206 1.93 40.30 -15.24
C ASN C 206 1.72 40.79 -13.80
N LEU C 207 2.67 40.47 -12.92
CA LEU C 207 2.61 40.81 -11.51
C LEU C 207 2.62 42.33 -11.32
N ILE C 208 3.43 43.06 -12.10
CA ILE C 208 3.44 44.52 -12.12
C ILE C 208 2.04 45.06 -12.45
N GLY C 209 1.38 44.47 -13.45
CA GLY C 209 0.00 44.82 -13.73
C GLY C 209 -0.91 44.59 -12.52
N VAL C 210 -0.90 43.37 -11.95
CA VAL C 210 -1.72 43.02 -10.80
C VAL C 210 -1.47 43.97 -9.61
N ARG C 211 -0.19 44.27 -9.32
CA ARG C 211 0.22 45.10 -8.19
C ARG C 211 -0.54 46.42 -8.15
N GLN C 212 -0.82 47.01 -9.33
CA GLN C 212 -1.49 48.30 -9.42
C GLN C 212 -2.81 48.26 -8.62
N TYR C 213 -3.51 47.11 -8.66
CA TYR C 213 -4.84 46.93 -8.04
C TYR C 213 -4.74 46.51 -6.56
N ILE C 214 -3.53 46.29 -5.99
CA ILE C 214 -3.40 45.97 -4.56
C ILE C 214 -3.38 47.26 -3.73
N THR C 215 -3.89 47.22 -2.47
CA THR C 215 -3.87 48.41 -1.60
C THR C 215 -2.45 48.77 -1.13
N ILE C 216 -2.26 50.05 -0.73
CA ILE C 216 -0.99 50.58 -0.25
C ILE C 216 -0.46 49.77 0.95
N GLN C 217 -1.38 49.28 1.79
CA GLN C 217 -1.08 48.51 2.99
C GLN C 217 -0.50 47.14 2.63
N ASP C 218 -1.00 46.46 1.58
CA ASP C 218 -0.64 45.08 1.26
C ASP C 218 0.49 44.93 0.24
N ARG C 219 0.75 45.98 -0.55
CA ARG C 219 1.83 45.98 -1.53
C ARG C 219 3.15 45.46 -0.95
N PRO C 220 3.63 45.85 0.26
CA PRO C 220 4.88 45.30 0.80
C PRO C 220 4.88 43.77 0.88
N ARG C 221 3.80 43.18 1.40
CA ARG C 221 3.74 41.72 1.56
C ARG C 221 3.71 41.03 0.19
N PHE C 222 3.02 41.63 -0.80
CA PHE C 222 3.04 41.15 -2.17
C PHE C 222 4.43 41.20 -2.78
N ASP C 223 5.06 42.39 -2.75
CA ASP C 223 6.38 42.62 -3.34
C ASP C 223 7.41 41.64 -2.76
N ASP C 224 7.29 41.34 -1.46
CA ASP C 224 8.17 40.40 -0.77
C ASP C 224 7.90 38.96 -1.22
N ALA C 225 6.62 38.55 -1.31
CA ALA C 225 6.24 37.17 -1.64
C ALA C 225 6.72 36.72 -3.03
N TYR C 226 6.97 37.68 -3.95
CA TYR C 226 7.37 37.41 -5.33
C TYR C 226 8.72 38.05 -5.70
N ASN C 227 9.41 38.66 -4.72
CA ASN C 227 10.70 39.33 -4.92
C ASN C 227 10.67 40.30 -6.11
N ILE C 228 9.68 41.21 -6.09
CA ILE C 228 9.41 42.13 -7.19
C ILE C 228 10.53 43.16 -7.33
N ALA C 229 11.13 43.58 -6.21
CA ALA C 229 12.15 44.63 -6.19
C ALA C 229 13.37 44.24 -7.03
N ASP C 230 13.89 43.02 -6.81
CA ASP C 230 15.00 42.49 -7.57
C ASP C 230 14.65 42.35 -9.04
N ALA C 231 13.45 41.82 -9.32
CA ALA C 231 12.99 41.64 -10.69
C ALA C 231 12.88 42.99 -11.40
N ALA C 232 12.35 44.01 -10.71
CA ALA C 232 12.25 45.36 -11.24
C ALA C 232 13.63 45.94 -11.55
N ARG C 233 14.57 45.79 -10.61
CA ARG C 233 15.93 46.28 -10.78
C ARG C 233 16.61 45.60 -11.97
N HIS C 234 16.52 44.26 -12.03
CA HIS C 234 17.03 43.47 -13.14
C HIS C 234 16.40 43.89 -14.48
N TYR C 235 15.08 44.12 -14.50
CA TYR C 235 14.39 44.53 -15.72
C TYR C 235 14.38 46.05 -15.96
N GLY C 236 15.18 46.82 -15.20
CA GLY C 236 15.33 48.25 -15.41
C GLY C 236 14.11 49.08 -15.01
N VAL C 237 13.05 48.42 -14.52
CA VAL C 237 11.76 49.08 -14.29
C VAL C 237 11.82 49.83 -12.96
N ASN C 238 11.63 51.15 -13.05
CA ASN C 238 11.48 52.00 -11.89
C ASN C 238 10.03 51.90 -11.40
N LEU C 239 9.83 51.20 -10.26
CA LEU C 239 8.50 51.00 -9.69
C LEU C 239 7.85 52.34 -9.34
N ASN C 240 8.63 53.34 -8.90
CA ASN C 240 8.11 54.64 -8.47
C ASN C 240 7.48 55.43 -9.63
N THR C 241 7.91 55.14 -10.88
CA THR C 241 7.41 55.83 -12.05
C THR C 241 6.40 54.99 -12.84
N LEU C 242 5.85 53.92 -12.23
CA LEU C 242 4.65 53.29 -12.76
C LEU C 242 3.46 54.25 -12.59
N PRO C 243 2.54 54.29 -13.59
CA PRO C 243 1.37 55.15 -13.51
C PRO C 243 0.31 54.60 -12.55
N LEU C 244 -0.54 55.49 -12.04
CA LEU C 244 -1.74 55.08 -11.33
C LEU C 244 -2.61 54.23 -12.24
N PRO C 245 -3.23 53.13 -11.77
CA PRO C 245 -4.12 52.35 -12.61
C PRO C 245 -5.41 53.11 -12.91
N ASN C 246 -5.94 52.87 -14.10
CA ASN C 246 -7.29 53.33 -14.40
C ASN C 246 -8.31 52.35 -13.82
N VAL C 247 -8.82 52.70 -12.62
CA VAL C 247 -9.71 51.84 -11.85
C VAL C 247 -11.17 51.92 -12.33
N ASP C 248 -11.46 52.72 -13.36
CA ASP C 248 -12.81 52.79 -13.89
C ASP C 248 -12.97 51.77 -15.04
N LEU C 249 -13.86 50.79 -14.84
CA LEU C 249 -14.15 49.70 -15.78
C LEU C 249 -14.45 50.23 -17.19
N THR C 250 -14.96 51.47 -17.31
CA THR C 250 -15.34 52.01 -18.61
C THR C 250 -14.11 52.39 -19.44
N THR C 251 -13.09 52.98 -18.79
CA THR C 251 -11.89 53.48 -19.47
C THR C 251 -10.64 52.65 -19.16
N MET C 252 -10.76 51.60 -18.34
CA MET C 252 -9.70 50.60 -18.12
C MET C 252 -9.33 49.93 -19.46
N PRO C 253 -8.04 49.96 -19.89
CA PRO C 253 -7.64 49.48 -21.22
C PRO C 253 -7.59 47.96 -21.39
N THR C 254 -7.48 47.23 -20.28
CA THR C 254 -7.59 45.79 -20.31
C THR C 254 -8.02 45.30 -18.93
N TYR C 255 -8.95 44.36 -18.91
CA TYR C 255 -9.41 43.76 -17.67
C TYR C 255 -8.49 42.61 -17.24
N LYS C 256 -7.55 42.19 -18.10
CA LYS C 256 -6.64 41.07 -17.88
C LYS C 256 -6.09 41.04 -16.44
N HIS C 257 -5.46 42.13 -15.98
CA HIS C 257 -4.84 42.19 -14.67
C HIS C 257 -5.84 42.16 -13.51
N LEU C 258 -7.00 42.83 -13.66
CA LEU C 258 -8.04 42.78 -12.65
C LEU C 258 -8.59 41.36 -12.52
N ILE C 259 -8.82 40.68 -13.65
CA ILE C 259 -9.25 39.28 -13.65
C ILE C 259 -8.19 38.38 -12.99
N MET C 260 -6.90 38.58 -13.28
CA MET C 260 -5.84 37.81 -12.65
C MET C 260 -5.84 38.02 -11.13
N PHE C 261 -6.05 39.27 -10.67
CA PHE C 261 -6.16 39.55 -9.25
C PHE C 261 -7.29 38.72 -8.63
N GLU C 262 -8.48 38.78 -9.23
CA GLU C 262 -9.61 37.98 -8.81
C GLU C 262 -9.35 36.48 -8.87
N GLN C 263 -8.55 36.02 -9.83
CA GLN C 263 -8.35 34.61 -10.03
C GLN C 263 -7.33 34.02 -9.04
N TYR C 264 -6.23 34.73 -8.74
CA TYR C 264 -5.09 34.17 -7.99
C TYR C 264 -4.79 34.90 -6.67
N PHE C 265 -5.33 36.11 -6.44
CA PHE C 265 -4.77 37.00 -5.43
C PHE C 265 -5.79 37.62 -4.47
N ILE C 266 -7.07 37.73 -4.85
CA ILE C 266 -8.12 38.30 -4.00
C ILE C 266 -8.16 37.61 -2.61
N TYR C 267 -7.98 36.28 -2.58
CA TYR C 267 -8.06 35.47 -1.35
C TYR C 267 -6.84 35.71 -0.44
N THR C 268 -5.87 36.57 -0.82
CA THR C 268 -4.69 36.83 0.01
C THR C 268 -4.36 38.32 0.16
N TYR C 269 -4.81 39.20 -0.76
CA TYR C 269 -4.51 40.63 -0.66
C TYR C 269 -5.76 41.49 -0.81
N ASP C 270 -5.79 42.66 -0.14
CA ASP C 270 -6.85 43.65 -0.33
C ASP C 270 -6.68 44.39 -1.66
N ARG C 271 -7.80 44.56 -2.38
CA ARG C 271 -7.88 45.31 -3.63
C ARG C 271 -8.20 46.79 -3.39
N VAL C 272 -7.78 47.64 -4.35
CA VAL C 272 -8.29 49.00 -4.49
C VAL C 272 -9.75 48.98 -4.94
N ASP C 273 -10.44 50.13 -4.74
CA ASP C 273 -11.80 50.33 -5.20
C ASP C 273 -11.88 50.35 -6.73
N ILE C 274 -12.99 49.80 -7.26
CA ILE C 274 -13.27 49.75 -8.69
C ILE C 274 -14.52 50.60 -8.97
N TYR C 275 -14.48 51.31 -10.10
CA TYR C 275 -15.50 52.28 -10.46
C TYR C 275 -16.12 51.93 -11.81
N TYR C 276 -17.37 52.36 -12.00
CA TYR C 276 -18.02 52.33 -13.30
C TYR C 276 -18.53 53.74 -13.62
N ASN C 277 -17.93 54.40 -14.62
CA ASN C 277 -18.31 55.73 -15.10
C ASN C 277 -18.36 56.78 -13.96
N GLY C 278 -17.50 56.66 -12.95
CA GLY C 278 -17.49 57.58 -11.81
C GLY C 278 -18.18 57.05 -10.54
N ASN C 279 -19.00 55.99 -10.64
CA ASN C 279 -19.70 55.40 -9.50
C ASN C 279 -18.94 54.19 -8.95
N LYS C 280 -18.81 54.06 -7.62
CA LYS C 280 -18.14 52.92 -7.02
C LYS C 280 -18.99 51.65 -7.12
N MET C 281 -18.36 50.53 -7.53
CA MET C 281 -18.97 49.21 -7.59
C MET C 281 -19.18 48.62 -6.19
N LEU C 282 -20.32 47.92 -5.95
CA LEU C 282 -20.60 47.37 -4.63
C LEU C 282 -20.35 45.86 -4.53
N PHE C 283 -20.27 45.13 -5.65
CA PHE C 283 -20.17 43.67 -5.56
C PHE C 283 -19.14 43.08 -6.52
N ASP C 284 -18.24 42.25 -5.99
CA ASP C 284 -17.18 41.64 -6.79
C ASP C 284 -17.75 40.61 -7.76
N ASP C 285 -18.87 39.97 -7.39
CA ASP C 285 -19.62 39.07 -8.26
C ASP C 285 -20.05 39.78 -9.55
N GLU C 286 -20.40 41.08 -9.43
CA GLU C 286 -20.81 41.89 -10.58
C GLU C 286 -19.59 42.30 -11.39
N ILE C 287 -18.50 42.69 -10.71
CA ILE C 287 -17.25 43.04 -11.36
C ILE C 287 -16.73 41.85 -12.18
N ILE C 288 -16.75 40.63 -11.62
CA ILE C 288 -16.21 39.47 -12.33
C ILE C 288 -17.14 39.06 -13.47
N ASN C 289 -18.47 39.12 -13.30
CA ASN C 289 -19.39 38.85 -14.40
C ASN C 289 -19.24 39.87 -15.55
N PHE C 290 -19.10 41.18 -15.25
CA PHE C 290 -18.90 42.20 -16.27
C PHE C 290 -17.60 41.99 -17.06
N THR C 291 -16.45 41.93 -16.36
CA THR C 291 -15.13 41.89 -16.98
C THR C 291 -14.96 40.65 -17.86
N ILE C 292 -15.40 39.47 -17.39
CA ILE C 292 -15.31 38.23 -18.15
C ILE C 292 -16.15 38.32 -19.43
N SER C 293 -17.41 38.78 -19.32
CA SER C 293 -18.31 38.92 -20.45
C SER C 293 -17.74 39.84 -21.53
N MET C 294 -17.14 40.96 -21.12
CA MET C 294 -16.53 41.92 -22.03
C MET C 294 -15.26 41.37 -22.69
N ARG C 295 -14.45 40.62 -21.92
CA ARG C 295 -13.18 40.10 -22.39
C ARG C 295 -13.37 38.89 -23.33
N TYR C 296 -14.39 38.05 -23.08
CA TYR C 296 -14.58 36.77 -23.75
C TYR C 296 -15.94 36.67 -24.47
N GLN C 297 -16.50 37.81 -24.90
CA GLN C 297 -17.81 37.95 -25.55
C GLN C 297 -18.03 36.91 -26.66
N SER C 298 -16.98 36.67 -27.46
CA SER C 298 -17.04 35.78 -28.62
C SER C 298 -17.16 34.29 -28.26
N LEU C 299 -16.82 33.90 -27.02
CA LEU C 299 -16.80 32.50 -26.60
C LEU C 299 -18.07 32.10 -25.82
N ILE C 300 -18.92 33.07 -25.45
CA ILE C 300 -20.10 32.83 -24.63
C ILE C 300 -20.99 31.75 -25.27
N PRO C 301 -21.30 31.77 -26.59
CA PRO C 301 -22.11 30.71 -27.20
C PRO C 301 -21.47 29.34 -27.01
N ARG C 302 -20.14 29.28 -27.14
CA ARG C 302 -19.41 28.04 -27.03
C ARG C 302 -19.42 27.52 -25.58
N LEU C 303 -19.42 28.41 -24.59
CA LEU C 303 -19.65 28.01 -23.21
C LEU C 303 -21.04 27.39 -23.03
N VAL C 304 -22.07 28.05 -23.60
CA VAL C 304 -23.44 27.56 -23.52
C VAL C 304 -23.57 26.17 -24.16
N ASP C 305 -22.77 25.83 -25.17
CA ASP C 305 -22.78 24.49 -25.76
C ASP C 305 -22.45 23.40 -24.73
N PHE C 306 -21.55 23.68 -23.76
CA PHE C 306 -21.22 22.71 -22.71
C PHE C 306 -22.13 22.88 -21.50
N PHE C 307 -22.55 24.11 -21.22
CA PHE C 307 -23.36 24.45 -20.05
C PHE C 307 -24.62 25.20 -20.50
N PRO C 308 -25.61 24.48 -21.10
CA PRO C 308 -26.86 25.08 -21.56
C PRO C 308 -27.61 25.87 -20.48
N ASP C 309 -27.53 25.41 -19.24
CA ASP C 309 -28.26 26.00 -18.13
C ASP C 309 -27.60 27.28 -17.61
N ILE C 310 -26.41 27.65 -18.12
CA ILE C 310 -25.72 28.82 -17.60
C ILE C 310 -26.47 30.09 -18.02
N PRO C 311 -26.76 31.00 -17.06
CA PRO C 311 -27.49 32.23 -17.39
C PRO C 311 -26.68 33.14 -18.31
N VAL C 312 -27.25 33.42 -19.50
CA VAL C 312 -26.75 34.43 -20.42
C VAL C 312 -27.87 35.44 -20.70
N ASN C 313 -27.53 36.73 -20.63
CA ASN C 313 -28.50 37.82 -20.68
C ASN C 313 -28.04 38.90 -21.67
N ASN C 314 -28.97 39.70 -22.21
CA ASN C 314 -28.63 40.79 -23.10
C ASN C 314 -28.30 42.09 -22.33
N ASN C 315 -28.22 41.99 -20.99
CA ASN C 315 -27.93 43.11 -20.10
C ASN C 315 -27.39 42.56 -18.77
N ILE C 316 -26.80 43.46 -17.96
CA ILE C 316 -26.37 43.17 -16.59
C ILE C 316 -26.73 44.34 -15.67
N VAL C 317 -26.99 44.06 -14.38
CA VAL C 317 -27.25 45.09 -13.37
C VAL C 317 -26.07 45.19 -12.41
N LEU C 318 -25.48 46.40 -12.35
CA LEU C 318 -24.38 46.72 -11.46
C LEU C 318 -24.90 47.60 -10.33
N HIS C 319 -24.73 47.13 -9.10
CA HIS C 319 -25.10 47.94 -7.95
C HIS C 319 -23.90 48.81 -7.60
N THR C 320 -24.15 50.12 -7.56
CA THR C 320 -23.09 51.10 -7.39
C THR C 320 -23.52 52.15 -6.37
N ARG C 321 -22.57 52.98 -5.94
CA ARG C 321 -22.85 54.22 -5.26
C ARG C 321 -22.27 55.37 -6.07
N ASP C 322 -23.01 56.48 -6.17
CA ASP C 322 -22.46 57.71 -6.71
C ASP C 322 -21.48 58.33 -5.70
N PRO C 323 -20.68 59.37 -6.08
CA PRO C 323 -19.80 60.07 -5.12
C PRO C 323 -20.55 60.65 -3.92
N GLN C 324 -21.85 60.96 -4.11
CA GLN C 324 -22.77 61.42 -3.07
C GLN C 324 -23.34 60.28 -2.22
N ASN C 325 -22.81 59.05 -2.39
CA ASN C 325 -23.10 57.88 -1.54
C ASN C 325 -24.55 57.40 -1.66
N ALA C 326 -25.26 57.76 -2.74
CA ALA C 326 -26.58 57.21 -3.02
C ALA C 326 -26.46 55.91 -3.81
N ALA C 327 -27.22 54.88 -3.43
CA ALA C 327 -27.19 53.60 -4.14
C ALA C 327 -27.83 53.78 -5.53
N VAL C 328 -27.05 53.46 -6.57
CA VAL C 328 -27.52 53.56 -7.93
C VAL C 328 -27.30 52.21 -8.61
N ASN C 329 -28.41 51.60 -9.04
CA ASN C 329 -28.37 50.41 -9.87
C ASN C 329 -28.22 50.84 -11.33
N VAL C 330 -27.08 50.48 -11.95
CA VAL C 330 -26.81 50.76 -13.35
C VAL C 330 -27.13 49.50 -14.16
N THR C 331 -28.07 49.59 -15.12
CA THR C 331 -28.32 48.50 -16.05
C THR C 331 -27.55 48.76 -17.34
N VAL C 332 -26.58 47.88 -17.64
CA VAL C 332 -25.72 48.03 -18.82
C VAL C 332 -26.27 47.12 -19.92
N ALA C 333 -26.52 47.70 -21.11
CA ALA C 333 -27.08 46.99 -22.26
C ALA C 333 -26.45 47.52 -23.55
N LEU C 334 -25.28 46.97 -23.89
CA LEU C 334 -24.54 47.41 -25.06
C LEU C 334 -25.00 46.67 -26.32
N PRO C 335 -25.03 47.33 -27.49
CA PRO C 335 -25.36 46.68 -28.76
C PRO C 335 -24.46 45.47 -29.04
N ASN C 336 -25.09 44.31 -29.27
CA ASN C 336 -24.43 43.05 -29.60
C ASN C 336 -23.42 42.62 -28.54
N VAL C 337 -23.80 42.78 -27.26
CA VAL C 337 -23.05 42.23 -26.13
C VAL C 337 -24.00 41.37 -25.28
N GLN C 338 -23.49 40.23 -24.78
CA GLN C 338 -24.21 39.35 -23.88
C GLN C 338 -23.41 39.16 -22.59
N PHE C 339 -24.12 38.99 -21.46
CA PHE C 339 -23.48 38.85 -20.16
C PHE C 339 -23.81 37.46 -19.57
N VAL C 340 -22.76 36.76 -19.12
CA VAL C 340 -22.88 35.43 -18.53
C VAL C 340 -22.63 35.52 -17.02
N ASP C 341 -23.45 34.79 -16.25
CA ASP C 341 -23.23 34.73 -14.81
C ASP C 341 -22.43 33.46 -14.44
N ILE C 342 -21.25 33.64 -13.81
CA ILE C 342 -20.33 32.54 -13.50
C ILE C 342 -20.09 32.36 -11.98
N ASN C 343 -20.94 33.03 -11.19
CA ASN C 343 -20.92 32.99 -9.72
C ASN C 343 -20.76 31.59 -9.10
N ARG C 344 -21.25 30.49 -9.73
CA ARG C 344 -21.30 29.16 -9.12
C ARG C 344 -19.90 28.69 -8.83
N ASN C 345 -19.02 29.08 -9.76
CA ASN C 345 -17.72 28.49 -9.82
C ASN C 345 -16.85 29.38 -10.68
N ASN C 346 -16.71 30.63 -10.24
CA ASN C 346 -15.89 31.61 -10.95
C ASN C 346 -14.52 31.05 -11.34
N LYS C 347 -13.73 30.50 -10.41
CA LYS C 347 -12.39 30.00 -10.71
C LYS C 347 -12.38 28.98 -11.86
N PHE C 348 -13.33 28.05 -11.87
CA PHE C 348 -13.49 27.11 -12.96
C PHE C 348 -13.85 27.81 -14.27
N PHE C 349 -14.90 28.64 -14.27
CA PHE C 349 -15.38 29.25 -15.51
C PHE C 349 -14.35 30.22 -16.12
N ILE C 350 -13.59 30.95 -15.29
CA ILE C 350 -12.49 31.80 -15.79
C ILE C 350 -11.45 30.92 -16.50
N ASN C 351 -11.05 29.81 -15.88
CA ASN C 351 -10.09 28.88 -16.47
C ASN C 351 -10.64 28.19 -17.72
N PHE C 352 -11.94 27.89 -17.73
CA PHE C 352 -12.60 27.27 -18.87
C PHE C 352 -12.63 28.22 -20.07
N PHE C 353 -12.93 29.51 -19.86
CA PHE C 353 -12.82 30.52 -20.92
C PHE C 353 -11.40 30.60 -21.51
N ASN C 354 -10.36 30.50 -20.67
CA ASN C 354 -8.98 30.48 -21.13
C ASN C 354 -8.71 29.25 -22.03
N LEU C 355 -9.18 28.05 -21.62
CA LEU C 355 -9.07 26.83 -22.42
C LEU C 355 -9.76 27.01 -23.78
N LEU C 356 -11.01 27.49 -23.80
CA LEU C 356 -11.75 27.79 -25.03
C LEU C 356 -10.99 28.79 -25.91
N ALA C 357 -10.46 29.87 -25.31
CA ALA C 357 -9.73 30.91 -26.03
C ALA C 357 -8.46 30.36 -26.69
N LYS C 358 -7.82 29.39 -26.02
CA LYS C 358 -6.64 28.74 -26.57
C LYS C 358 -7.03 27.75 -27.67
N GLU C 359 -8.08 26.96 -27.43
CA GLU C 359 -8.61 26.04 -28.41
C GLU C 359 -8.95 26.73 -29.73
N GLN C 360 -9.56 27.92 -29.66
CA GLN C 360 -9.91 28.72 -30.84
C GLN C 360 -8.67 29.17 -31.63
N ARG C 361 -7.48 29.05 -31.03
CA ARG C 361 -6.19 29.45 -31.59
C ARG C 361 -5.18 28.30 -31.64
N SER C 362 -5.69 27.07 -31.52
CA SER C 362 -4.95 25.81 -31.63
C SER C 362 -5.66 24.85 -32.58
N THR C 363 -4.91 23.90 -33.14
CA THR C 363 -5.50 22.80 -33.90
C THR C 363 -5.98 21.68 -32.97
N ALA C 364 -7.06 20.99 -33.37
CA ALA C 364 -7.55 19.79 -32.69
C ALA C 364 -6.63 18.59 -32.95
N ILE C 365 -6.58 17.66 -32.00
CA ILE C 365 -5.68 16.52 -32.08
C ILE C 365 -6.43 15.28 -32.58
N LYS C 366 -5.89 14.62 -33.62
CA LYS C 366 -6.43 13.38 -34.17
C LYS C 366 -5.59 12.18 -33.75
N VAL C 367 -6.26 11.05 -33.44
CA VAL C 367 -5.59 9.83 -33.02
C VAL C 367 -6.25 8.59 -33.63
N THR C 368 -5.44 7.55 -33.77
CA THR C 368 -5.90 6.24 -34.21
C THR C 368 -6.52 5.47 -33.04
N LYS C 369 -7.23 4.38 -33.37
CA LYS C 369 -7.79 3.49 -32.37
C LYS C 369 -6.68 2.86 -31.51
N SER C 370 -6.88 2.91 -30.18
CA SER C 370 -5.92 2.41 -29.20
C SER C 370 -6.32 1.01 -28.76
N MET C 371 -5.41 0.03 -28.89
CA MET C 371 -5.72 -1.31 -28.38
C MET C 371 -5.87 -1.31 -26.86
N PHE C 372 -5.18 -0.39 -26.17
CA PHE C 372 -5.35 -0.23 -24.73
C PHE C 372 -6.72 0.33 -24.38
N TRP C 373 -7.14 1.43 -25.03
CA TRP C 373 -8.37 2.10 -24.61
C TRP C 373 -9.63 1.57 -25.31
N ASP C 374 -9.56 1.43 -26.64
CA ASP C 374 -10.72 1.07 -27.46
C ASP C 374 -10.82 -0.44 -27.67
N GLY C 375 -9.66 -1.09 -27.72
CA GLY C 375 -9.56 -2.53 -27.89
C GLY C 375 -10.17 -3.01 -29.20
N MET C 376 -10.77 -4.21 -29.13
CA MET C 376 -11.47 -4.84 -30.24
C MET C 376 -12.83 -5.32 -29.72
N ASP C 377 -13.78 -5.56 -30.62
CA ASP C 377 -15.05 -6.16 -30.21
C ASP C 377 -14.81 -7.58 -29.69
N TYR C 378 -15.60 -7.98 -28.70
CA TYR C 378 -15.52 -9.31 -28.10
C TYR C 378 -15.72 -10.43 -29.13
N GLU C 379 -16.61 -10.22 -30.11
CA GLU C 379 -16.81 -11.18 -31.18
C GLU C 379 -15.58 -11.29 -32.08
N GLU C 380 -14.98 -10.13 -32.39
CA GLU C 380 -13.76 -10.10 -33.19
C GLU C 380 -12.68 -10.89 -32.46
N TYR C 381 -12.53 -10.67 -31.15
CA TYR C 381 -11.60 -11.44 -30.35
C TYR C 381 -11.89 -12.94 -30.45
N LYS C 382 -13.13 -13.36 -30.18
CA LYS C 382 -13.52 -14.77 -30.24
C LYS C 382 -13.39 -15.39 -31.62
N SER C 383 -13.35 -14.57 -32.67
CA SER C 383 -13.15 -15.06 -34.02
C SER C 383 -11.68 -15.45 -34.28
N LYS C 384 -10.74 -15.05 -33.42
CA LYS C 384 -9.32 -15.31 -33.66
C LYS C 384 -8.97 -16.78 -33.48
N ASN C 385 -7.81 -17.15 -34.03
CA ASN C 385 -7.31 -18.51 -33.95
C ASN C 385 -6.70 -18.79 -32.57
N LEU C 386 -6.47 -20.07 -32.28
CA LEU C 386 -6.07 -20.57 -30.96
C LEU C 386 -4.64 -20.11 -30.62
N GLN C 387 -3.75 -20.04 -31.63
CA GLN C 387 -2.39 -19.57 -31.45
C GLN C 387 -2.36 -18.07 -31.14
N ASP C 388 -3.17 -17.27 -31.85
CA ASP C 388 -3.30 -15.84 -31.58
C ASP C 388 -3.77 -15.62 -30.13
N MET C 389 -4.81 -16.34 -29.70
CA MET C 389 -5.29 -16.25 -28.32
C MET C 389 -4.19 -16.65 -27.32
N MET C 390 -3.44 -17.74 -27.57
CA MET C 390 -2.31 -18.09 -26.72
C MET C 390 -1.26 -16.97 -26.71
N PHE C 391 -0.89 -16.43 -27.87
CA PHE C 391 0.11 -15.37 -27.99
C PHE C 391 -0.32 -14.11 -27.21
N ILE C 392 -1.58 -13.66 -27.39
CA ILE C 392 -2.12 -12.48 -26.72
C ILE C 392 -2.08 -12.69 -25.19
N ASN C 393 -2.72 -13.76 -24.70
CA ASN C 393 -2.73 -14.11 -23.28
C ASN C 393 -1.35 -14.48 -22.75
N SER C 394 -0.28 -14.46 -23.58
CA SER C 394 1.09 -14.73 -23.14
C SER C 394 2.07 -13.58 -23.41
N THR C 395 1.61 -12.43 -23.95
CA THR C 395 2.49 -11.29 -24.25
C THR C 395 1.87 -9.94 -23.86
N CYS C 396 0.56 -9.93 -23.57
CA CYS C 396 -0.19 -8.73 -23.20
C CYS C 396 -0.95 -8.99 -21.90
N TYR C 397 -1.15 -7.95 -21.07
CA TYR C 397 -2.29 -7.96 -20.16
C TYR C 397 -3.58 -7.89 -21.01
N VAL C 398 -4.63 -8.64 -20.60
CA VAL C 398 -5.88 -8.77 -21.35
C VAL C 398 -7.06 -8.30 -20.49
N PHE C 399 -7.76 -7.24 -20.95
CA PHE C 399 -8.86 -6.61 -20.20
C PHE C 399 -10.16 -6.68 -21.00
N GLY C 400 -11.30 -6.56 -20.31
CA GLY C 400 -12.59 -6.40 -20.97
C GLY C 400 -13.39 -5.22 -20.45
N LEU C 401 -14.25 -4.65 -21.31
CA LEU C 401 -15.19 -3.61 -20.93
C LEU C 401 -16.59 -4.22 -20.82
N TYR C 402 -17.32 -3.90 -19.74
CA TYR C 402 -18.63 -4.47 -19.51
C TYR C 402 -19.53 -3.45 -18.80
N ASN C 403 -20.85 -3.63 -18.93
CA ASN C 403 -21.81 -2.70 -18.35
C ASN C 403 -22.51 -3.31 -17.15
N HIS C 404 -22.66 -2.48 -16.10
CA HIS C 404 -23.47 -2.85 -14.96
C HIS C 404 -24.05 -1.57 -14.36
N ASN C 405 -25.30 -1.64 -13.87
CA ASN C 405 -26.02 -0.50 -13.32
C ASN C 405 -25.76 0.77 -14.17
N ASN C 406 -25.98 0.66 -15.49
CA ASN C 406 -25.91 1.79 -16.42
C ASN C 406 -24.54 2.50 -16.37
N THR C 407 -23.50 1.76 -15.98
CA THR C 407 -22.14 2.27 -15.96
C THR C 407 -21.23 1.25 -16.62
N THR C 408 -20.27 1.75 -17.41
CA THR C 408 -19.26 0.90 -17.99
C THR C 408 -18.08 0.77 -17.03
N TYR C 409 -17.66 -0.48 -16.88
CA TYR C 409 -16.50 -0.83 -16.09
C TYR C 409 -15.51 -1.64 -16.93
N CYS C 410 -14.26 -1.62 -16.47
CA CYS C 410 -13.22 -2.45 -17.04
C CYS C 410 -12.70 -3.41 -15.97
N SER C 411 -12.44 -4.66 -16.35
CA SER C 411 -11.85 -5.67 -15.47
C SER C 411 -11.00 -6.63 -16.31
N ILE C 412 -10.15 -7.44 -15.66
CA ILE C 412 -9.43 -8.50 -16.36
C ILE C 412 -10.45 -9.44 -17.01
N LEU C 413 -10.17 -9.88 -18.25
CA LEU C 413 -11.16 -10.54 -19.10
C LEU C 413 -11.67 -11.85 -18.47
N SER C 414 -10.77 -12.65 -17.87
CA SER C 414 -11.10 -13.87 -17.16
C SER C 414 -12.13 -13.65 -16.05
N ASP C 415 -12.05 -12.48 -15.38
CA ASP C 415 -12.81 -12.19 -14.18
C ASP C 415 -14.21 -11.71 -14.55
N ILE C 416 -14.33 -10.99 -15.67
CA ILE C 416 -15.61 -10.65 -16.26
C ILE C 416 -16.35 -11.94 -16.64
N ILE C 417 -15.67 -12.83 -17.35
CA ILE C 417 -16.21 -14.13 -17.75
C ILE C 417 -16.58 -14.97 -16.51
N SER C 418 -15.75 -14.96 -15.47
CA SER C 418 -15.99 -15.73 -14.26
C SER C 418 -17.16 -15.17 -13.43
N ALA C 419 -17.31 -13.83 -13.38
CA ALA C 419 -18.44 -13.17 -12.75
C ALA C 419 -19.72 -13.26 -13.59
N GLU C 420 -19.73 -14.09 -14.64
CA GLU C 420 -20.83 -14.32 -15.58
C GLU C 420 -21.29 -13.03 -16.26
N LYS C 421 -20.48 -11.97 -16.22
CA LYS C 421 -20.72 -10.77 -17.01
C LYS C 421 -20.34 -11.04 -18.47
N THR C 422 -20.92 -10.27 -19.39
CA THR C 422 -20.56 -10.36 -20.80
C THR C 422 -19.63 -9.22 -21.16
N PRO C 423 -18.38 -9.50 -21.61
CA PRO C 423 -17.52 -8.48 -22.20
C PRO C 423 -18.10 -7.91 -23.50
N ILE C 424 -18.01 -6.59 -23.66
CA ILE C 424 -18.39 -5.90 -24.88
C ILE C 424 -17.18 -5.82 -25.82
N ARG C 425 -16.04 -5.48 -25.23
CA ARG C 425 -14.78 -5.32 -25.93
C ARG C 425 -13.63 -5.94 -25.15
N VAL C 426 -12.56 -6.27 -25.88
CA VAL C 426 -11.31 -6.75 -25.32
C VAL C 426 -10.22 -5.70 -25.58
N CYS C 427 -9.60 -5.23 -24.50
CA CYS C 427 -8.53 -4.25 -24.52
C CYS C 427 -7.20 -4.91 -24.13
N LEU C 428 -6.10 -4.53 -24.80
CA LEU C 428 -4.82 -5.20 -24.63
C LEU C 428 -3.71 -4.20 -24.24
N LEU C 429 -2.76 -4.67 -23.42
CA LEU C 429 -1.53 -3.93 -23.13
C LEU C 429 -0.32 -4.85 -23.26
N PRO C 430 0.42 -4.79 -24.39
CA PRO C 430 1.67 -5.54 -24.57
C PRO C 430 2.68 -5.22 -23.47
N ARG C 431 3.18 -6.30 -22.86
CA ARG C 431 4.14 -6.22 -21.78
C ARG C 431 5.52 -5.89 -22.35
N VAL C 432 6.39 -5.33 -21.49
CA VAL C 432 7.68 -4.75 -21.90
C VAL C 432 8.81 -5.39 -21.09
N VAL C 433 9.93 -5.68 -21.77
CA VAL C 433 11.19 -6.07 -21.14
C VAL C 433 12.35 -5.42 -21.91
N GLY C 434 13.38 -4.97 -21.18
CA GLY C 434 14.58 -4.37 -21.75
C GLY C 434 14.28 -3.23 -22.74
N GLY C 435 13.20 -2.47 -22.49
CA GLY C 435 12.86 -1.30 -23.29
C GLY C 435 12.19 -1.60 -24.63
N LYS C 436 11.65 -2.83 -24.81
CA LYS C 436 10.86 -3.21 -25.98
C LYS C 436 9.56 -3.88 -25.56
N THR C 437 8.53 -3.77 -26.41
CA THR C 437 7.39 -4.66 -26.25
C THR C 437 7.80 -6.09 -26.61
N VAL C 438 7.26 -7.05 -25.87
CA VAL C 438 7.64 -8.45 -25.93
C VAL C 438 7.17 -9.05 -27.25
N THR C 439 5.96 -8.65 -27.63
CA THR C 439 5.37 -8.86 -28.95
C THR C 439 6.36 -8.47 -30.07
N ASN C 440 6.94 -7.27 -29.97
CA ASN C 440 7.89 -6.82 -30.98
C ASN C 440 9.20 -7.62 -30.91
N LEU C 441 9.71 -7.88 -29.69
CA LEU C 441 10.88 -8.75 -29.50
C LEU C 441 10.72 -10.08 -30.22
N ILE C 442 9.54 -10.71 -30.06
CA ILE C 442 9.23 -11.96 -30.72
C ILE C 442 9.21 -11.75 -32.24
N SER C 443 8.51 -10.71 -32.71
CA SER C 443 8.43 -10.38 -34.12
C SER C 443 9.81 -10.24 -34.77
N GLU C 444 10.70 -9.49 -34.11
CA GLU C 444 12.07 -9.26 -34.56
C GLU C 444 12.87 -10.57 -34.56
N THR C 445 12.72 -11.37 -33.50
CA THR C 445 13.44 -12.62 -33.35
C THR C 445 13.10 -13.57 -34.50
N LEU C 446 11.79 -13.77 -34.73
CA LEU C 446 11.29 -14.64 -35.79
C LEU C 446 11.81 -14.15 -37.15
N LYS C 447 11.62 -12.85 -37.45
CA LYS C 447 12.14 -12.25 -38.66
C LYS C 447 13.64 -12.53 -38.83
N SER C 448 14.45 -12.25 -37.80
CA SER C 448 15.90 -12.40 -37.92
C SER C 448 16.29 -13.84 -38.27
N ILE C 449 15.80 -14.84 -37.53
CA ILE C 449 16.14 -16.23 -37.79
C ILE C 449 15.67 -16.62 -39.20
N SER C 450 14.45 -16.22 -39.57
CA SER C 450 13.88 -16.50 -40.89
C SER C 450 14.79 -15.96 -41.99
N SER C 451 15.40 -14.79 -41.77
CA SER C 451 16.20 -14.12 -42.78
C SER C 451 17.58 -14.77 -42.97
N MET C 452 18.04 -15.63 -42.04
CA MET C 452 19.37 -16.19 -42.16
C MET C 452 19.44 -17.22 -43.28
N THR C 453 20.36 -16.99 -44.23
CA THR C 453 20.83 -18.05 -45.09
C THR C 453 21.47 -19.14 -44.23
N ILE C 454 21.17 -20.38 -44.58
CA ILE C 454 21.59 -21.54 -43.81
C ILE C 454 23.10 -21.74 -43.99
N ARG C 455 23.81 -21.90 -42.86
CA ARG C 455 25.23 -22.25 -42.85
C ARG C 455 25.42 -23.75 -42.64
N GLU C 456 26.64 -24.24 -42.89
CA GLU C 456 27.00 -25.60 -42.51
C GLU C 456 26.88 -25.77 -40.99
N PHE C 457 26.57 -27.00 -40.57
CA PHE C 457 26.61 -27.36 -39.16
C PHE C 457 28.07 -27.34 -38.69
N PRO C 458 28.38 -26.79 -37.50
CA PRO C 458 29.77 -26.62 -37.06
C PRO C 458 30.52 -27.94 -36.89
N ARG C 459 31.81 -27.92 -37.22
CA ARG C 459 32.69 -29.08 -37.04
C ARG C 459 33.41 -29.01 -35.69
N LYS C 460 33.71 -30.21 -35.16
CA LYS C 460 34.31 -30.36 -33.85
C LYS C 460 35.68 -29.68 -33.81
N ASP C 461 35.87 -28.80 -32.82
CA ASP C 461 37.07 -27.98 -32.70
C ASP C 461 37.71 -28.19 -31.31
N LYS C 462 38.97 -27.72 -31.15
CA LYS C 462 39.67 -27.77 -29.87
C LYS C 462 39.53 -26.43 -29.12
N SER C 463 39.48 -26.50 -27.78
CA SER C 463 39.65 -25.39 -26.85
C SER C 463 38.74 -24.18 -27.11
N ILE C 464 37.45 -24.42 -27.45
CA ILE C 464 36.46 -23.35 -27.51
C ILE C 464 36.07 -22.91 -26.10
N MET C 465 36.49 -21.72 -25.67
CA MET C 465 36.29 -21.26 -24.30
C MET C 465 35.15 -20.23 -24.17
N HIS C 466 34.27 -20.14 -25.18
CA HIS C 466 33.18 -19.17 -25.21
C HIS C 466 32.02 -19.73 -26.05
N ILE C 467 30.81 -19.23 -25.79
CA ILE C 467 29.63 -19.55 -26.59
C ILE C 467 29.28 -18.37 -27.49
N GLY C 468 30.22 -17.45 -27.74
CA GLY C 468 29.96 -16.33 -28.62
C GLY C 468 29.20 -15.16 -27.98
N LEU C 469 28.44 -15.39 -26.91
CA LEU C 469 27.81 -14.28 -26.19
C LEU C 469 28.88 -13.47 -25.46
N SER C 470 28.63 -12.16 -25.32
CA SER C 470 29.42 -11.26 -24.49
C SER C 470 29.27 -11.63 -23.02
N GLU C 471 29.92 -10.84 -22.15
CA GLU C 471 29.78 -11.03 -20.71
C GLU C 471 28.31 -10.88 -20.32
N THR C 472 27.66 -9.78 -20.76
CA THR C 472 26.30 -9.50 -20.32
C THR C 472 25.31 -10.48 -20.97
N GLY C 473 25.58 -10.89 -22.20
CA GLY C 473 24.80 -11.96 -22.83
C GLY C 473 24.95 -13.30 -22.11
N PHE C 474 26.21 -13.69 -21.85
CA PHE C 474 26.52 -14.92 -21.13
C PHE C 474 25.86 -14.95 -19.76
N MET C 475 25.94 -13.86 -18.98
CA MET C 475 25.36 -13.86 -17.64
C MET C 475 23.82 -13.95 -17.68
N ARG C 476 23.13 -13.27 -18.61
CA ARG C 476 21.69 -13.43 -18.78
C ARG C 476 21.36 -14.88 -19.16
N PHE C 477 22.11 -15.44 -20.10
CA PHE C 477 21.92 -16.82 -20.56
C PHE C 477 22.13 -17.81 -19.42
N PHE C 478 23.19 -17.63 -18.63
CA PHE C 478 23.50 -18.47 -17.48
C PHE C 478 22.37 -18.46 -16.44
N GLN C 479 21.81 -17.29 -16.11
CA GLN C 479 20.65 -17.20 -15.24
C GLN C 479 19.51 -18.07 -15.81
N LEU C 480 19.22 -17.93 -17.10
CA LEU C 480 18.15 -18.69 -17.75
C LEU C 480 18.40 -20.20 -17.70
N LEU C 481 19.64 -20.66 -17.88
CA LEU C 481 19.96 -22.08 -17.76
C LEU C 481 19.65 -22.63 -16.36
N ARG C 482 19.80 -21.82 -15.31
CA ARG C 482 19.45 -22.26 -13.95
C ARG C 482 17.95 -22.48 -13.80
N LEU C 483 17.13 -21.85 -14.65
CA LEU C 483 15.67 -21.99 -14.62
C LEU C 483 15.19 -23.17 -15.48
N MET C 484 15.95 -23.56 -16.50
CA MET C 484 15.63 -24.68 -17.39
C MET C 484 15.78 -26.03 -16.68
N ALA C 485 14.67 -26.79 -16.51
CA ALA C 485 14.71 -28.08 -15.82
C ALA C 485 13.56 -29.02 -16.22
N ASP C 486 13.81 -30.34 -15.97
CA ASP C 486 12.89 -31.49 -15.98
C ASP C 486 12.10 -31.66 -17.29
N LYS C 487 12.34 -30.83 -18.31
CA LYS C 487 11.54 -30.89 -19.53
C LYS C 487 11.97 -32.03 -20.44
N PRO C 488 11.03 -32.51 -21.31
CA PRO C 488 11.34 -33.53 -22.32
C PRO C 488 12.54 -33.05 -23.14
N HIS C 489 13.47 -33.98 -23.31
CA HIS C 489 14.79 -33.71 -23.82
C HIS C 489 14.76 -32.97 -25.15
N GLU C 490 13.88 -33.40 -26.05
CA GLU C 490 13.80 -32.82 -27.38
C GLU C 490 13.33 -31.36 -27.31
N THR C 491 12.35 -31.10 -26.46
CA THR C 491 11.81 -29.76 -26.27
C THR C 491 12.82 -28.88 -25.53
N ALA C 492 13.45 -29.44 -24.48
CA ALA C 492 14.47 -28.76 -23.71
C ALA C 492 15.62 -28.28 -24.60
N ILE C 493 16.04 -29.10 -25.58
CA ILE C 493 16.97 -28.66 -26.61
C ILE C 493 16.41 -27.43 -27.36
N LYS C 494 15.22 -27.50 -27.97
CA LYS C 494 14.70 -26.39 -28.76
C LYS C 494 14.57 -25.10 -27.93
N GLU C 495 14.12 -25.23 -26.67
CA GLU C 495 13.97 -24.09 -25.78
C GLU C 495 15.30 -23.42 -25.45
N VAL C 496 16.34 -24.20 -25.13
CA VAL C 496 17.65 -23.63 -24.84
C VAL C 496 18.26 -23.00 -26.11
N VAL C 497 18.11 -23.63 -27.27
CA VAL C 497 18.57 -23.07 -28.55
C VAL C 497 17.91 -21.71 -28.83
N MET C 498 16.59 -21.62 -28.63
CA MET C 498 15.86 -20.37 -28.85
C MET C 498 16.22 -19.30 -27.82
N ALA C 499 16.51 -19.67 -26.56
CA ALA C 499 16.98 -18.74 -25.54
C ALA C 499 18.30 -18.06 -25.94
N TYR C 500 19.28 -18.87 -26.35
CA TYR C 500 20.58 -18.39 -26.83
C TYR C 500 20.40 -17.37 -27.96
N VAL C 501 19.62 -17.73 -28.99
CA VAL C 501 19.40 -16.88 -30.16
C VAL C 501 18.72 -15.56 -29.76
N GLY C 502 17.66 -15.61 -28.94
CA GLY C 502 16.98 -14.41 -28.44
C GLY C 502 17.90 -13.42 -27.72
N ILE C 503 18.90 -13.93 -26.98
CA ILE C 503 19.91 -13.10 -26.34
C ILE C 503 20.93 -12.62 -27.37
N LYS C 504 21.46 -13.55 -28.18
CA LYS C 504 22.48 -13.29 -29.20
C LYS C 504 22.06 -12.12 -30.09
N LEU C 505 20.75 -12.00 -30.41
CA LEU C 505 20.19 -10.94 -31.25
C LEU C 505 20.31 -9.53 -30.66
N GLY C 506 20.48 -9.38 -29.33
CA GLY C 506 20.75 -8.07 -28.72
C GLY C 506 22.18 -7.94 -28.16
N ASP C 507 23.09 -8.87 -28.52
CA ASP C 507 24.34 -9.01 -27.78
C ASP C 507 25.52 -8.34 -28.49
N LYS C 508 25.66 -7.04 -28.21
CA LYS C 508 26.64 -6.13 -28.80
C LYS C 508 28.11 -6.45 -28.47
N GLY C 509 28.38 -7.21 -27.40
CA GLY C 509 29.73 -7.30 -26.87
C GLY C 509 30.55 -8.43 -27.49
N SER C 510 31.88 -8.27 -27.41
CA SER C 510 32.83 -9.31 -27.77
C SER C 510 32.60 -10.54 -26.90
N PRO C 511 32.81 -11.78 -27.43
CA PRO C 511 32.57 -13.02 -26.68
C PRO C 511 33.21 -13.07 -25.30
N TYR C 512 32.50 -13.68 -24.36
CA TYR C 512 32.98 -13.85 -22.99
C TYR C 512 33.69 -15.20 -22.82
N TYR C 513 34.93 -15.14 -22.29
CA TYR C 513 35.79 -16.31 -22.06
C TYR C 513 35.45 -16.94 -20.70
N ILE C 514 34.84 -18.13 -20.78
CA ILE C 514 34.43 -18.89 -19.61
C ILE C 514 35.69 -19.20 -18.78
N ARG C 515 35.65 -18.78 -17.51
CA ARG C 515 36.73 -19.03 -16.58
C ARG C 515 36.93 -20.54 -16.37
N LYS C 516 38.19 -20.98 -16.34
CA LYS C 516 38.56 -22.39 -16.26
C LYS C 516 37.89 -23.10 -15.08
N GLU C 517 37.81 -22.38 -13.95
CA GLU C 517 37.20 -22.88 -12.71
C GLU C 517 35.71 -23.23 -12.90
N SER C 518 35.02 -22.45 -13.74
CA SER C 518 33.58 -22.56 -13.98
C SER C 518 33.23 -23.58 -15.07
N TYR C 519 34.22 -23.95 -15.88
CA TYR C 519 34.02 -24.56 -17.19
C TYR C 519 33.27 -25.89 -17.10
N GLN C 520 33.60 -26.76 -16.14
CA GLN C 520 32.92 -28.06 -15.99
C GLN C 520 31.47 -27.91 -15.51
N ASP C 521 31.23 -26.98 -14.58
CA ASP C 521 29.90 -26.75 -14.03
C ASP C 521 28.96 -26.16 -15.08
N PHE C 522 29.49 -25.28 -15.95
CA PHE C 522 28.78 -24.76 -17.11
C PHE C 522 28.37 -25.91 -18.04
N ILE C 523 29.33 -26.79 -18.41
CA ILE C 523 29.07 -27.98 -19.23
C ILE C 523 27.94 -28.82 -18.62
N TYR C 524 27.99 -29.05 -17.30
CA TYR C 524 26.98 -29.82 -16.61
C TYR C 524 25.60 -29.16 -16.72
N LEU C 525 25.52 -27.88 -16.33
CA LEU C 525 24.26 -27.14 -16.32
C LEU C 525 23.63 -27.13 -17.72
N LEU C 526 24.44 -26.85 -18.76
CA LEU C 526 23.99 -26.76 -20.14
C LEU C 526 23.37 -28.09 -20.62
N PHE C 527 24.07 -29.21 -20.42
CA PHE C 527 23.55 -30.46 -20.91
C PHE C 527 22.39 -31.00 -20.05
N ALA C 528 22.46 -30.80 -18.72
CA ALA C 528 21.38 -31.18 -17.82
C ALA C 528 20.10 -30.40 -18.11
N SER C 529 20.21 -29.08 -18.34
CA SER C 529 19.07 -28.23 -18.67
C SER C 529 18.43 -28.67 -19.98
N MET C 530 19.26 -29.03 -20.98
CA MET C 530 18.78 -29.59 -22.24
C MET C 530 18.21 -31.01 -22.08
N GLY C 531 18.31 -31.61 -20.88
CA GLY C 531 17.77 -32.93 -20.65
C GLY C 531 18.66 -34.06 -21.16
N PHE C 532 19.93 -33.77 -21.51
CA PHE C 532 20.90 -34.84 -21.68
C PHE C 532 21.22 -35.47 -20.33
N LYS C 533 21.41 -36.78 -20.37
CA LYS C 533 21.97 -37.53 -19.26
C LYS C 533 23.47 -37.24 -19.20
N VAL C 534 23.80 -36.27 -18.35
CA VAL C 534 25.18 -35.97 -17.99
C VAL C 534 25.59 -36.89 -16.86
N THR C 535 26.75 -37.55 -17.04
CA THR C 535 27.30 -38.46 -16.05
C THR C 535 28.72 -38.03 -15.70
N THR C 536 28.93 -37.68 -14.42
CA THR C 536 30.19 -37.15 -13.94
C THR C 536 30.94 -38.21 -13.13
N ARG C 537 31.84 -38.95 -13.78
CA ARG C 537 32.62 -39.95 -13.08
C ARG C 537 33.79 -39.30 -12.34
N ARG C 538 33.74 -39.30 -11.00
CA ARG C 538 34.88 -38.97 -10.16
C ARG C 538 35.72 -40.21 -9.89
N SER C 539 36.93 -40.23 -10.47
CA SER C 539 37.91 -41.29 -10.25
C SER C 539 39.11 -40.72 -9.51
N ILE C 540 39.39 -41.28 -8.32
CA ILE C 540 40.60 -40.95 -7.59
C ILE C 540 41.77 -41.66 -8.27
N MET C 541 42.67 -40.90 -8.93
CA MET C 541 43.90 -41.42 -9.50
C MET C 541 45.08 -40.82 -8.77
N GLY C 542 45.86 -41.68 -8.09
CA GLY C 542 46.79 -41.21 -7.08
C GLY C 542 46.10 -40.25 -6.10
N SER C 543 46.75 -39.10 -5.83
CA SER C 543 46.21 -38.07 -4.96
C SER C 543 45.17 -37.16 -5.64
N ASN C 544 44.91 -37.36 -6.94
CA ASN C 544 44.10 -36.43 -7.73
C ASN C 544 42.68 -36.97 -7.97
N ASN C 545 41.69 -36.11 -7.72
CA ASN C 545 40.28 -36.48 -7.79
C ASN C 545 39.70 -36.08 -9.14
N ILE C 546 39.98 -36.91 -10.18
CA ILE C 546 39.67 -36.56 -11.56
C ILE C 546 38.17 -36.68 -11.81
N SER C 547 37.57 -35.63 -12.42
CA SER C 547 36.18 -35.69 -12.89
C SER C 547 36.10 -35.76 -14.41
N ILE C 548 35.46 -36.83 -14.93
CA ILE C 548 35.24 -37.04 -16.35
C ILE C 548 33.75 -36.86 -16.65
N ILE C 549 33.40 -36.01 -17.64
CA ILE C 549 32.02 -35.74 -18.00
C ILE C 549 31.64 -36.54 -19.24
N SER C 550 30.61 -37.38 -19.09
CA SER C 550 30.07 -38.20 -20.17
C SER C 550 28.63 -37.77 -20.46
N ILE C 551 28.35 -37.34 -21.70
CA ILE C 551 27.02 -36.89 -22.10
C ILE C 551 26.36 -37.93 -23.01
N ARG C 552 25.13 -38.34 -22.65
CA ARG C 552 24.34 -39.21 -23.50
C ARG C 552 22.92 -38.66 -23.65
N PRO C 553 22.24 -38.84 -24.82
CA PRO C 553 22.82 -39.46 -26.02
C PRO C 553 23.90 -38.56 -26.62
N ARG C 554 24.79 -39.13 -27.44
CA ARG C 554 25.93 -38.38 -27.97
C ARG C 554 25.45 -37.22 -28.84
N VAL C 555 26.11 -36.06 -28.65
CA VAL C 555 25.90 -34.90 -29.49
C VAL C 555 26.51 -35.17 -30.86
N THR C 556 25.65 -35.25 -31.89
CA THR C 556 26.08 -35.43 -33.28
C THR C 556 25.19 -34.59 -34.18
N LYS C 557 25.67 -34.27 -35.40
CA LYS C 557 24.88 -33.52 -36.37
C LYS C 557 23.52 -34.19 -36.59
N GLN C 558 23.50 -35.51 -36.84
CA GLN C 558 22.26 -36.26 -37.02
C GLN C 558 21.35 -36.20 -35.79
N TYR C 559 21.90 -36.40 -34.57
CA TYR C 559 21.08 -36.37 -33.36
C TYR C 559 20.42 -35.00 -33.18
N ILE C 560 21.19 -33.92 -33.23
CA ILE C 560 20.66 -32.56 -33.07
C ILE C 560 19.65 -32.25 -34.20
N VAL C 561 20.06 -32.43 -35.46
CA VAL C 561 19.21 -32.15 -36.61
C VAL C 561 17.88 -32.92 -36.51
N ALA C 562 17.96 -34.23 -36.23
CA ALA C 562 16.76 -35.03 -36.04
C ALA C 562 15.91 -34.48 -34.88
N THR C 563 16.54 -34.16 -33.73
CA THR C 563 15.84 -33.67 -32.54
C THR C 563 15.14 -32.33 -32.79
N LEU C 564 15.80 -31.42 -33.50
CA LEU C 564 15.20 -30.14 -33.85
C LEU C 564 14.13 -30.32 -34.94
N MET C 565 14.32 -31.22 -35.92
CA MET C 565 13.31 -31.40 -36.95
C MET C 565 11.98 -31.88 -36.37
N LYS C 566 12.00 -32.73 -35.33
CA LYS C 566 10.77 -33.14 -34.64
C LYS C 566 10.03 -31.93 -34.08
N THR C 567 10.77 -30.99 -33.48
CA THR C 567 10.19 -29.87 -32.74
C THR C 567 10.01 -28.62 -33.62
N SER C 568 10.32 -28.68 -34.93
CA SER C 568 10.24 -27.55 -35.86
C SER C 568 9.12 -27.75 -36.89
N CYS C 569 8.50 -26.63 -37.33
CA CYS C 569 7.40 -26.65 -38.29
C CYS C 569 7.82 -27.13 -39.68
N SER C 570 9.12 -27.04 -39.97
CA SER C 570 9.72 -27.46 -41.23
C SER C 570 11.20 -27.81 -41.03
N LYS C 571 11.79 -28.47 -42.01
CA LYS C 571 13.23 -28.76 -42.00
C LYS C 571 14.05 -27.47 -42.11
N ASN C 572 13.56 -26.52 -42.91
CA ASN C 572 14.18 -25.22 -43.14
C ASN C 572 14.35 -24.48 -41.81
N GLU C 573 13.29 -24.47 -40.99
CA GLU C 573 13.28 -23.88 -39.67
C GLU C 573 14.38 -24.49 -38.78
N ALA C 574 14.45 -25.83 -38.73
CA ALA C 574 15.48 -26.53 -37.96
C ALA C 574 16.89 -26.08 -38.41
N GLU C 575 17.12 -25.99 -39.73
CA GLU C 575 18.40 -25.57 -40.26
C GLU C 575 18.70 -24.08 -40.02
N LYS C 576 17.67 -23.24 -39.98
CA LYS C 576 17.84 -21.83 -39.63
C LYS C 576 18.09 -21.61 -38.14
N LEU C 577 17.45 -22.43 -37.28
CA LEU C 577 17.80 -22.47 -35.86
C LEU C 577 19.26 -22.90 -35.69
N ILE C 578 19.71 -23.95 -36.38
CA ILE C 578 21.11 -24.42 -36.32
C ILE C 578 22.10 -23.33 -36.74
N THR C 579 21.72 -22.54 -37.75
CA THR C 579 22.48 -21.44 -38.33
C THR C 579 22.60 -20.26 -37.37
N SER C 580 21.48 -19.87 -36.74
CA SER C 580 21.47 -18.80 -35.74
C SER C 580 22.19 -19.21 -34.45
N ALA C 581 22.11 -20.49 -34.04
CA ALA C 581 22.79 -20.98 -32.83
C ALA C 581 24.15 -21.62 -33.12
N PHE C 582 24.85 -21.16 -34.17
CA PHE C 582 26.08 -21.81 -34.62
C PHE C 582 27.16 -21.91 -33.53
N ASP C 583 27.48 -20.82 -32.81
CA ASP C 583 28.56 -20.78 -31.84
C ASP C 583 28.32 -21.75 -30.69
N LEU C 584 27.06 -21.77 -30.20
CA LEU C 584 26.64 -22.66 -29.14
C LEU C 584 26.79 -24.12 -29.60
N LEU C 585 26.30 -24.45 -30.80
CA LEU C 585 26.41 -25.80 -31.33
C LEU C 585 27.89 -26.19 -31.55
N ASN C 586 28.74 -25.24 -31.93
CA ASN C 586 30.17 -25.48 -32.05
C ASN C 586 30.79 -25.83 -30.69
N PHE C 587 30.45 -25.05 -29.64
CA PHE C 587 30.82 -25.38 -28.26
C PHE C 587 30.42 -26.82 -27.92
N MET C 588 29.11 -27.12 -27.99
CA MET C 588 28.52 -28.40 -27.58
C MET C 588 29.23 -29.59 -28.23
N VAL C 589 29.37 -29.55 -29.56
CA VAL C 589 29.97 -30.64 -30.33
C VAL C 589 31.43 -30.82 -29.92
N SER C 590 32.13 -29.70 -29.65
CA SER C 590 33.52 -29.68 -29.24
C SER C 590 33.79 -30.18 -27.81
N VAL C 591 32.77 -30.20 -26.92
CA VAL C 591 32.92 -30.66 -25.54
C VAL C 591 32.19 -31.99 -25.26
N SER C 592 31.47 -32.56 -26.25
CA SER C 592 30.64 -33.74 -26.05
C SER C 592 31.45 -34.98 -25.63
N ASP C 593 32.73 -35.08 -26.04
CA ASP C 593 33.62 -36.18 -25.65
C ASP C 593 34.63 -35.75 -24.57
N PHE C 594 34.39 -34.62 -23.87
CA PHE C 594 35.31 -34.08 -22.87
C PHE C 594 35.39 -35.01 -21.66
N SER D 24 11.74 25.99 -20.26
CA SER D 24 12.73 26.94 -20.84
C SER D 24 12.01 28.02 -21.65
N GLU D 25 12.16 29.29 -21.24
CA GLU D 25 11.38 30.44 -21.73
C GLU D 25 11.52 30.61 -23.26
N GLU D 26 12.75 30.42 -23.76
CA GLU D 26 13.16 30.47 -25.16
C GLU D 26 12.39 29.48 -26.04
N LYS D 27 12.01 28.30 -25.48
CA LYS D 27 11.66 27.12 -26.27
C LYS D 27 10.32 26.54 -25.83
N ASP D 28 9.40 27.45 -25.48
CA ASP D 28 7.99 27.11 -25.48
C ASP D 28 7.34 27.81 -26.68
N PRO D 29 7.09 27.10 -27.81
CA PRO D 29 6.50 27.71 -29.01
C PRO D 29 5.17 28.38 -28.71
N ASP D 30 4.42 27.79 -27.77
CA ASP D 30 3.17 28.35 -27.30
C ASP D 30 3.32 29.79 -26.77
N THR D 31 4.51 30.24 -26.32
CA THR D 31 4.71 31.63 -25.89
C THR D 31 4.26 32.61 -26.99
N LYS D 32 4.47 32.23 -28.26
CA LYS D 32 4.14 33.06 -29.41
C LYS D 32 2.67 32.90 -29.81
N LYS D 33 2.11 31.67 -29.76
CA LYS D 33 0.68 31.47 -29.91
C LYS D 33 -0.08 32.29 -28.86
N ASP D 34 0.38 32.24 -27.61
CA ASP D 34 -0.25 32.86 -26.46
C ASP D 34 -0.21 34.39 -26.57
N GLU D 35 0.90 34.95 -27.03
CA GLU D 35 0.96 36.38 -27.34
C GLU D 35 -0.11 36.72 -28.40
N ALA D 36 -0.23 35.92 -29.47
CA ALA D 36 -1.24 36.14 -30.49
C ALA D 36 -2.66 36.01 -29.91
N ILE D 37 -2.86 35.07 -28.99
CA ILE D 37 -4.11 34.88 -28.27
C ILE D 37 -4.45 36.11 -27.42
N GLU D 38 -3.50 36.62 -26.59
CA GLU D 38 -3.72 37.79 -25.73
C GLU D 38 -4.03 39.02 -26.58
N ILE D 39 -3.25 39.25 -27.64
CA ILE D 39 -3.47 40.36 -28.55
C ILE D 39 -4.91 40.36 -29.06
N GLY D 40 -5.39 39.21 -29.54
CA GLY D 40 -6.76 39.06 -30.01
C GLY D 40 -7.82 39.31 -28.91
N LEU D 41 -7.62 38.74 -27.71
CA LEU D 41 -8.55 38.93 -26.60
C LEU D 41 -8.60 40.41 -26.20
N LYS D 42 -7.43 41.05 -25.98
CA LYS D 42 -7.33 42.46 -25.65
C LYS D 42 -7.91 43.34 -26.78
N SER D 43 -7.77 42.91 -28.04
CA SER D 43 -8.36 43.61 -29.18
C SER D 43 -9.88 43.59 -29.10
N GLN D 44 -10.48 42.40 -28.92
CA GLN D 44 -11.92 42.27 -28.72
C GLN D 44 -12.38 43.08 -27.51
N GLU D 45 -11.67 42.93 -26.39
CA GLU D 45 -11.94 43.64 -25.15
C GLU D 45 -11.91 45.16 -25.34
N SER D 46 -10.89 45.68 -26.06
CA SER D 46 -10.76 47.09 -26.40
C SER D 46 -11.94 47.56 -27.26
N TYR D 47 -12.35 46.74 -28.23
CA TYR D 47 -13.51 47.04 -29.07
C TYR D 47 -14.77 47.19 -28.21
N TYR D 48 -15.05 46.21 -27.35
CA TYR D 48 -16.23 46.26 -26.49
C TYR D 48 -16.11 47.43 -25.50
N GLN D 49 -14.92 47.67 -24.92
CA GLN D 49 -14.67 48.85 -24.08
C GLN D 49 -14.94 50.16 -24.82
N ARG D 50 -14.67 50.21 -26.13
CA ARG D 50 -14.99 51.39 -26.92
C ARG D 50 -16.49 51.48 -27.17
N GLN D 51 -17.17 50.39 -27.56
CA GLN D 51 -18.62 50.39 -27.70
C GLN D 51 -19.31 50.85 -26.42
N LEU D 52 -18.79 50.39 -25.28
CA LEU D 52 -19.21 50.79 -23.95
C LEU D 52 -19.06 52.31 -23.76
N ARG D 53 -17.84 52.85 -23.94
CA ARG D 53 -17.57 54.27 -23.76
C ARG D 53 -18.33 55.14 -24.75
N GLU D 54 -18.55 54.66 -25.98
CA GLU D 54 -19.40 55.34 -26.95
C GLU D 54 -20.86 55.39 -26.47
N GLN D 55 -21.40 54.26 -25.99
CA GLN D 55 -22.77 54.24 -25.46
C GLN D 55 -22.89 55.20 -24.27
N LEU D 56 -21.91 55.15 -23.34
CA LEU D 56 -21.87 56.03 -22.18
C LEU D 56 -21.68 57.50 -22.59
N ALA D 57 -20.92 57.79 -23.66
CA ALA D 57 -20.79 59.15 -24.16
C ALA D 57 -22.14 59.68 -24.67
N ARG D 58 -22.84 58.89 -25.50
CA ARG D 58 -24.18 59.24 -26.00
C ARG D 58 -25.15 59.48 -24.85
N ASP D 59 -25.10 58.61 -23.85
CA ASP D 59 -25.96 58.73 -22.68
C ASP D 59 -25.57 59.94 -21.83
N ASN D 60 -24.27 60.21 -21.60
CA ASN D 60 -23.83 61.39 -20.85
C ASN D 60 -24.28 62.69 -21.52
N MET D 61 -24.11 62.81 -22.84
CA MET D 61 -24.52 64.00 -23.57
C MET D 61 -26.03 64.21 -23.50
N THR D 62 -26.82 63.14 -23.64
CA THR D 62 -28.27 63.25 -23.55
C THR D 62 -28.72 63.57 -22.12
N VAL D 63 -28.05 63.02 -21.08
CA VAL D 63 -28.38 63.37 -19.69
C VAL D 63 -28.01 64.83 -19.39
N ALA D 64 -26.90 65.35 -19.93
CA ALA D 64 -26.50 66.75 -19.77
C ALA D 64 -27.42 67.73 -20.52
N SER D 65 -28.47 67.24 -21.21
CA SER D 65 -29.44 68.07 -21.92
C SER D 65 -30.90 67.75 -21.56
N ARG D 66 -31.16 66.58 -20.94
CA ARG D 66 -32.48 66.22 -20.43
C ARG D 66 -32.69 66.82 -19.02
N MET E 1 18.11 -27.33 -10.41
CA MET E 1 17.72 -26.86 -9.05
C MET E 1 17.08 -25.46 -9.14
N MET E 2 15.72 -25.40 -9.30
CA MET E 2 15.02 -24.12 -9.49
C MET E 2 14.81 -23.31 -8.20
N PRO E 3 14.39 -22.01 -8.25
CA PRO E 3 14.22 -21.19 -7.05
C PRO E 3 12.97 -21.43 -6.19
N ILE E 4 12.91 -20.77 -5.03
CA ILE E 4 12.26 -21.39 -3.87
C ILE E 4 10.84 -20.95 -3.78
N LYS E 5 10.75 -19.65 -3.73
CA LYS E 5 9.46 -19.08 -3.56
C LYS E 5 9.00 -19.35 -4.99
N SER E 6 8.46 -20.53 -5.36
CA SER E 6 7.88 -20.83 -6.69
C SER E 6 6.68 -21.77 -6.52
N ILE E 7 6.70 -22.64 -5.49
CA ILE E 7 5.46 -23.25 -5.03
C ILE E 7 4.64 -22.15 -4.33
N VAL E 8 3.94 -21.31 -5.10
CA VAL E 8 3.02 -20.31 -4.57
C VAL E 8 2.09 -21.02 -3.60
N THR E 9 1.92 -20.46 -2.40
CA THR E 9 0.94 -20.99 -1.46
C THR E 9 -0.43 -21.03 -2.15
N LEU E 10 -1.40 -21.70 -1.50
CA LEU E 10 -2.78 -21.84 -1.98
C LEU E 10 -3.50 -20.47 -2.04
N ASP E 11 -2.75 -19.33 -1.99
CA ASP E 11 -3.25 -18.04 -1.50
C ASP E 11 -2.81 -16.79 -2.28
N GLN E 12 -2.00 -16.91 -3.35
CA GLN E 12 -1.49 -15.73 -4.09
C GLN E 12 -1.89 -15.64 -5.60
N LEU E 13 -2.74 -16.52 -6.18
CA LEU E 13 -3.23 -16.36 -7.57
C LEU E 13 -4.51 -15.52 -7.72
N GLU E 14 -4.97 -15.53 -8.97
CA GLU E 14 -6.31 -15.17 -9.40
C GLU E 14 -7.28 -16.37 -9.29
N ASP E 15 -8.57 -16.14 -9.63
CA ASP E 15 -9.66 -17.09 -9.41
C ASP E 15 -9.56 -18.35 -10.30
N SER E 16 -9.37 -18.20 -11.61
CA SER E 16 -9.45 -19.31 -12.56
C SER E 16 -8.41 -20.40 -12.27
N GLU E 17 -7.22 -19.93 -11.89
CA GLU E 17 -6.05 -20.76 -11.65
C GLU E 17 -6.14 -21.36 -10.23
N TYR E 18 -6.65 -20.58 -9.25
CA TYR E 18 -7.24 -21.11 -8.01
C TYR E 18 -8.49 -21.99 -8.22
N LEU E 19 -9.03 -22.17 -9.41
CA LEU E 19 -9.96 -23.28 -9.53
C LEU E 19 -9.21 -24.52 -9.99
N PHE E 20 -8.15 -24.29 -10.77
CA PHE E 20 -7.41 -25.37 -11.38
C PHE E 20 -6.79 -26.33 -10.34
N ARG E 21 -6.08 -25.84 -9.31
CA ARG E 21 -5.57 -26.74 -8.25
C ARG E 21 -6.70 -27.41 -7.48
N ILE E 22 -7.90 -26.84 -7.36
CA ILE E 22 -8.96 -27.55 -6.65
C ILE E 22 -9.31 -28.79 -7.48
N VAL E 23 -9.49 -28.56 -8.79
CA VAL E 23 -9.87 -29.55 -9.78
C VAL E 23 -8.76 -30.60 -10.03
N SER E 24 -7.47 -30.24 -9.84
CA SER E 24 -6.36 -31.14 -10.14
C SER E 24 -5.64 -31.65 -8.87
N THR E 25 -5.79 -30.96 -7.71
CA THR E 25 -5.00 -31.28 -6.52
C THR E 25 -5.86 -31.39 -5.24
N VAL E 26 -7.19 -31.49 -5.36
CA VAL E 26 -8.04 -31.90 -4.26
C VAL E 26 -9.00 -32.97 -4.81
N LEU E 27 -9.74 -32.59 -5.86
CA LEU E 27 -10.89 -33.36 -6.32
C LEU E 27 -10.49 -34.78 -6.79
N PRO E 28 -9.42 -35.04 -7.57
CA PRO E 28 -9.07 -36.42 -7.97
C PRO E 28 -8.60 -37.39 -6.88
N HIS E 29 -8.33 -36.91 -5.64
CA HIS E 29 -8.03 -37.80 -4.52
C HIS E 29 -9.23 -37.99 -3.57
N LEU E 30 -10.28 -37.17 -3.70
CA LEU E 30 -11.52 -37.41 -2.98
C LEU E 30 -12.32 -38.51 -3.68
N CYS E 31 -12.77 -39.50 -2.89
CA CYS E 31 -13.76 -40.46 -3.35
C CYS E 31 -15.15 -39.79 -3.39
N LEU E 32 -16.05 -40.25 -4.29
CA LEU E 32 -17.34 -39.61 -4.51
C LEU E 32 -18.22 -39.58 -3.24
N ASP E 33 -17.88 -40.40 -2.23
CA ASP E 33 -18.64 -40.48 -0.98
C ASP E 33 -18.15 -39.52 0.11
N TYR E 34 -17.08 -38.74 -0.15
CA TYR E 34 -16.51 -37.86 0.87
C TYR E 34 -17.49 -36.73 1.27
N LYS E 35 -17.80 -36.65 2.57
CA LYS E 35 -18.62 -35.58 3.12
C LYS E 35 -17.79 -34.38 3.56
N VAL E 36 -17.97 -33.27 2.82
CA VAL E 36 -17.48 -31.97 3.24
C VAL E 36 -18.22 -31.56 4.52
N CYS E 37 -17.49 -31.01 5.50
CA CYS E 37 -18.07 -30.45 6.70
C CYS E 37 -19.04 -29.30 6.34
N ASP E 38 -20.23 -29.32 6.95
CA ASP E 38 -21.27 -28.35 6.65
C ASP E 38 -20.87 -26.93 7.08
N GLN E 39 -20.20 -26.77 8.22
CA GLN E 39 -19.77 -25.44 8.66
C GLN E 39 -18.90 -24.75 7.62
N LEU E 40 -18.16 -25.55 6.84
CA LEU E 40 -17.27 -24.99 5.83
C LEU E 40 -18.00 -24.60 4.54
N LYS E 41 -19.31 -24.87 4.39
CA LYS E 41 -20.05 -24.58 3.15
C LYS E 41 -20.49 -23.12 3.04
N THR E 42 -20.57 -22.41 4.17
CA THR E 42 -20.61 -20.95 4.20
C THR E 42 -19.22 -20.40 4.53
N THR E 43 -19.01 -19.08 4.33
CA THR E 43 -17.78 -18.41 4.75
C THR E 43 -18.09 -17.03 5.35
N PHE E 44 -17.15 -16.46 6.12
CA PHE E 44 -17.30 -15.10 6.63
C PHE E 44 -16.99 -14.06 5.53
N VAL E 45 -17.82 -13.01 5.45
CA VAL E 45 -17.53 -11.81 4.68
C VAL E 45 -17.91 -10.61 5.54
N HIS E 46 -17.07 -9.56 5.52
CA HIS E 46 -17.27 -8.41 6.39
C HIS E 46 -18.56 -7.66 6.05
N PRO E 47 -19.45 -7.36 7.03
CA PRO E 47 -20.71 -6.66 6.78
C PRO E 47 -20.67 -5.44 5.87
N PHE E 48 -19.61 -4.62 5.96
CA PHE E 48 -19.45 -3.45 5.10
C PHE E 48 -19.44 -3.82 3.61
N ASP E 49 -18.70 -4.89 3.25
CA ASP E 49 -18.66 -5.40 1.88
C ASP E 49 -20.09 -5.70 1.39
N ILE E 50 -20.92 -6.27 2.27
CA ILE E 50 -22.26 -6.73 1.91
C ILE E 50 -23.27 -5.57 1.90
N LEU E 51 -23.18 -4.62 2.84
CA LEU E 51 -24.07 -3.45 2.85
C LEU E 51 -23.93 -2.63 1.56
N LEU E 52 -22.70 -2.54 1.04
CA LEU E 52 -22.43 -1.85 -0.21
C LEU E 52 -22.71 -2.77 -1.41
N ASN E 53 -22.47 -4.08 -1.29
CA ASN E 53 -22.69 -5.05 -2.36
C ASN E 53 -23.36 -6.31 -1.81
N ASN E 54 -24.70 -6.33 -1.81
CA ASN E 54 -25.51 -7.35 -1.17
C ASN E 54 -25.23 -8.75 -1.71
N SER E 55 -24.76 -8.87 -2.97
CA SER E 55 -24.46 -10.15 -3.61
C SER E 55 -23.41 -10.96 -2.83
N LEU E 56 -22.48 -10.27 -2.16
CA LEU E 56 -21.44 -10.93 -1.38
C LEU E 56 -22.02 -11.65 -0.16
N GLY E 57 -23.23 -11.26 0.29
CA GLY E 57 -23.93 -11.96 1.36
C GLY E 57 -24.23 -13.42 1.04
N SER E 58 -24.28 -13.78 -0.26
CA SER E 58 -24.71 -15.09 -0.72
C SER E 58 -23.89 -16.26 -0.16
N VAL E 59 -22.57 -16.07 0.04
CA VAL E 59 -21.71 -17.14 0.53
C VAL E 59 -21.69 -17.21 2.07
N THR E 60 -22.34 -16.25 2.74
CA THR E 60 -22.33 -16.17 4.19
C THR E 60 -23.53 -16.88 4.81
N LYS E 61 -23.38 -17.17 6.11
CA LYS E 61 -24.46 -17.66 6.95
C LYS E 61 -25.30 -16.47 7.41
N GLN E 62 -26.58 -16.39 6.98
CA GLN E 62 -27.43 -15.22 7.17
C GLN E 62 -27.50 -14.77 8.64
N ASP E 63 -27.66 -15.74 9.57
CA ASP E 63 -27.84 -15.48 10.99
C ASP E 63 -26.58 -14.89 11.63
N GLU E 64 -25.39 -15.26 11.14
CA GLU E 64 -24.13 -14.68 11.58
C GLU E 64 -23.98 -13.26 10.99
N LEU E 65 -24.43 -13.06 9.74
CA LEU E 65 -24.35 -11.77 9.05
C LEU E 65 -25.25 -10.71 9.70
N GLN E 66 -26.55 -11.00 9.91
CA GLN E 66 -27.46 -10.04 10.53
C GLN E 66 -26.97 -9.63 11.92
N ALA E 67 -26.46 -10.61 12.65
CA ALA E 67 -25.87 -10.40 13.96
C ALA E 67 -24.66 -9.46 13.88
N ALA E 68 -23.73 -9.76 12.97
CA ALA E 68 -22.55 -8.93 12.77
C ALA E 68 -22.91 -7.50 12.37
N ILE E 69 -23.93 -7.28 11.51
CA ILE E 69 -24.41 -5.95 11.13
C ILE E 69 -24.83 -5.15 12.36
N SER E 70 -25.73 -5.71 13.17
CA SER E 70 -26.19 -5.06 14.38
C SER E 70 -25.04 -4.82 15.38
N LYS E 71 -24.12 -5.79 15.51
CA LYS E 71 -23.02 -5.69 16.46
C LYS E 71 -22.01 -4.61 16.05
N LEU E 72 -21.56 -4.61 14.79
CA LEU E 72 -20.67 -3.58 14.28
C LEU E 72 -21.27 -2.20 14.53
N GLY E 73 -22.57 -2.03 14.24
CA GLY E 73 -23.27 -0.78 14.48
C GLY E 73 -23.05 -0.23 15.89
N ILE E 74 -23.17 -1.08 16.90
CA ILE E 74 -22.92 -0.72 18.28
C ILE E 74 -21.44 -0.39 18.52
N ASN E 75 -20.53 -1.28 18.12
CA ASN E 75 -19.10 -1.16 18.38
C ASN E 75 -18.54 0.15 17.80
N TYR E 76 -18.99 0.49 16.60
CA TYR E 76 -18.58 1.69 15.90
C TYR E 76 -18.96 2.95 16.68
N LEU E 77 -20.19 2.99 17.23
CA LEU E 77 -20.67 4.16 17.98
C LEU E 77 -19.84 4.38 19.25
N ILE E 78 -19.56 3.28 19.95
CA ILE E 78 -18.71 3.27 21.12
C ILE E 78 -17.33 3.83 20.75
N ASP E 79 -16.68 3.21 19.76
CA ASP E 79 -15.34 3.59 19.35
C ASP E 79 -15.28 5.04 18.87
N THR E 80 -16.24 5.43 18.01
CA THR E 80 -16.28 6.76 17.41
C THR E 80 -16.40 7.83 18.49
N THR E 81 -17.20 7.61 19.55
CA THR E 81 -17.36 8.62 20.59
C THR E 81 -16.30 8.50 21.69
N SER E 82 -15.58 7.38 21.75
CA SER E 82 -14.50 7.18 22.70
C SER E 82 -13.40 8.23 22.54
N ARG E 83 -12.79 8.68 23.65
CA ARG E 83 -11.58 9.50 23.55
C ARG E 83 -10.34 8.61 23.46
N GLU E 84 -10.49 7.31 23.76
CA GLU E 84 -9.41 6.33 23.63
C GLU E 84 -9.13 6.06 22.15
N LEU E 85 -7.97 5.43 21.91
CA LEU E 85 -7.49 5.12 20.57
C LEU E 85 -8.56 4.34 19.81
N LYS E 86 -8.85 4.80 18.60
CA LYS E 86 -9.83 4.17 17.74
C LYS E 86 -9.41 2.77 17.34
N LEU E 87 -10.28 1.79 17.58
CA LEU E 87 -10.06 0.45 17.06
C LEU E 87 -10.45 0.36 15.58
N PHE E 88 -11.43 1.14 15.11
CA PHE E 88 -11.72 1.23 13.68
C PHE E 88 -10.77 2.21 12.96
N ASN E 89 -10.49 1.89 11.67
CA ASN E 89 -9.71 2.72 10.77
C ASN E 89 -10.46 2.91 9.43
N VAL E 90 -11.80 3.03 9.54
CA VAL E 90 -12.65 3.39 8.42
C VAL E 90 -13.59 4.50 8.89
N THR E 91 -14.08 5.30 7.94
CA THR E 91 -15.10 6.30 8.20
C THR E 91 -16.37 5.91 7.43
N LEU E 92 -17.47 5.75 8.17
CA LEU E 92 -18.77 5.51 7.57
C LEU E 92 -19.40 6.85 7.21
N ASN E 93 -19.51 7.14 5.91
CA ASN E 93 -20.21 8.32 5.44
C ASN E 93 -21.57 7.94 4.89
N ALA E 94 -22.32 8.98 4.52
CA ALA E 94 -23.50 8.82 3.68
C ALA E 94 -23.16 8.11 2.36
N GLY E 95 -23.74 6.92 2.10
CA GLY E 95 -23.61 6.22 0.83
C GLY E 95 -22.28 5.49 0.58
N ASN E 96 -21.27 5.70 1.41
CA ASN E 96 -19.94 5.16 1.14
C ASN E 96 -19.12 5.04 2.44
N ILE E 97 -18.08 4.21 2.38
CA ILE E 97 -17.15 4.02 3.48
C ILE E 97 -15.76 4.40 2.98
N ASP E 98 -15.03 5.20 3.77
CA ASP E 98 -13.64 5.48 3.49
C ASP E 98 -12.76 4.62 4.37
N ILE E 99 -11.85 3.85 3.77
CA ILE E 99 -10.74 3.33 4.56
C ILE E 99 -9.76 4.46 4.76
N ILE E 100 -9.47 4.73 6.04
CA ILE E 100 -8.57 5.80 6.43
C ILE E 100 -7.13 5.28 6.29
N ASN E 101 -6.23 6.13 5.77
CA ASN E 101 -4.86 5.73 5.45
C ASN E 101 -3.94 5.95 6.66
N THR E 102 -4.32 5.35 7.80
CA THR E 102 -3.69 5.61 9.08
C THR E 102 -2.20 5.29 9.05
N PRO E 103 -1.36 6.07 9.77
CA PRO E 103 0.05 5.71 9.94
C PRO E 103 0.18 4.30 10.50
N ILE E 104 1.19 3.57 10.03
CA ILE E 104 1.45 2.24 10.56
C ILE E 104 2.21 2.41 11.86
N ASN E 105 1.47 2.36 12.97
CA ASN E 105 2.04 2.33 14.31
C ASN E 105 2.67 0.95 14.55
N ILE E 106 3.92 0.93 15.04
CA ILE E 106 4.61 -0.30 15.39
C ILE E 106 5.17 -0.14 16.81
N SER E 107 4.85 -1.12 17.68
CA SER E 107 5.08 -1.04 19.12
C SER E 107 5.39 -2.42 19.71
N SER E 108 5.62 -2.48 21.05
CA SER E 108 5.82 -3.73 21.77
C SER E 108 4.58 -4.66 21.70
N GLU E 109 3.39 -4.10 21.39
CA GLU E 109 2.13 -4.86 21.32
C GLU E 109 1.77 -5.36 19.92
N THR E 110 2.54 -4.98 18.89
CA THR E 110 2.38 -5.52 17.55
C THR E 110 2.59 -7.04 17.61
N ASN E 111 1.79 -7.80 16.86
CA ASN E 111 1.94 -9.25 16.77
C ASN E 111 3.41 -9.56 16.46
N PRO E 112 4.15 -10.29 17.32
CA PRO E 112 5.56 -10.58 17.04
C PRO E 112 5.77 -11.58 15.90
N ILE E 113 4.70 -12.21 15.38
CA ILE E 113 4.77 -13.00 14.15
C ILE E 113 4.36 -12.12 12.96
N ILE E 114 5.27 -11.96 11.98
CA ILE E 114 5.00 -11.20 10.75
C ILE E 114 4.04 -11.96 9.85
N ASN E 115 3.16 -11.23 9.13
CA ASN E 115 2.23 -11.80 8.17
C ASN E 115 2.78 -11.76 6.74
N THR E 116 2.84 -12.93 6.06
CA THR E 116 3.37 -13.08 4.71
C THR E 116 2.27 -13.32 3.65
N HIS E 117 1.02 -12.91 3.94
CA HIS E 117 -0.08 -12.99 2.99
C HIS E 117 -0.73 -11.63 2.73
N SER E 118 -1.20 -11.44 1.48
CA SER E 118 -1.78 -10.20 1.00
C SER E 118 -3.30 -10.27 0.81
N PHE E 119 -3.86 -11.47 0.58
CA PHE E 119 -5.31 -11.71 0.55
C PHE E 119 -6.07 -10.89 -0.51
N TYR E 120 -5.43 -10.62 -1.67
CA TYR E 120 -6.02 -9.80 -2.73
C TYR E 120 -7.25 -10.44 -3.39
N ASP E 121 -7.58 -11.69 -3.05
CA ASP E 121 -8.78 -12.33 -3.56
C ASP E 121 -10.03 -12.01 -2.74
N LEU E 122 -9.88 -11.38 -1.58
CA LEU E 122 -11.01 -11.14 -0.68
C LEU E 122 -11.58 -9.74 -0.87
N PRO E 123 -12.91 -9.56 -0.65
CA PRO E 123 -13.52 -8.23 -0.63
C PRO E 123 -12.78 -7.29 0.32
N PRO E 124 -12.76 -5.98 0.00
CA PRO E 124 -11.79 -5.05 0.57
C PRO E 124 -11.86 -4.91 2.09
N PHE E 125 -13.07 -4.91 2.69
CA PHE E 125 -13.17 -4.86 4.14
C PHE E 125 -12.81 -6.20 4.78
N THR E 126 -13.17 -7.31 4.14
CA THR E 126 -12.75 -8.64 4.56
C THR E 126 -11.21 -8.77 4.56
N GLN E 127 -10.58 -8.31 3.47
CA GLN E 127 -9.13 -8.26 3.35
C GLN E 127 -8.50 -7.40 4.44
N HIS E 128 -9.09 -6.22 4.63
CA HIS E 128 -8.63 -5.24 5.61
C HIS E 128 -8.69 -5.79 7.04
N LEU E 129 -9.82 -6.44 7.39
CA LEU E 129 -9.98 -7.12 8.67
C LEU E 129 -8.85 -8.14 8.88
N LEU E 130 -8.56 -8.98 7.88
CA LEU E 130 -7.53 -10.01 8.02
C LEU E 130 -6.16 -9.41 8.28
N ASN E 131 -5.78 -8.37 7.52
CA ASN E 131 -4.53 -7.67 7.76
C ASN E 131 -4.43 -7.24 9.24
N ILE E 132 -5.50 -6.65 9.80
CA ILE E 132 -5.52 -6.23 11.19
C ILE E 132 -5.41 -7.44 12.13
N ARG E 133 -6.22 -8.48 11.90
CA ARG E 133 -6.29 -9.67 12.74
C ARG E 133 -4.92 -10.33 12.91
N LEU E 134 -4.10 -10.29 11.84
CA LEU E 134 -2.83 -10.98 11.80
C LEU E 134 -1.67 -10.11 12.30
N THR E 135 -1.84 -8.77 12.36
CA THR E 135 -0.78 -7.86 12.78
C THR E 135 -1.01 -7.31 14.20
N ASP E 136 -2.27 -7.33 14.65
CA ASP E 136 -2.69 -6.73 15.91
C ASP E 136 -3.17 -7.83 16.86
N THR E 137 -3.74 -7.39 18.00
CA THR E 137 -4.39 -8.28 18.96
C THR E 137 -5.66 -8.88 18.36
N GLU E 138 -5.98 -10.11 18.79
CA GLU E 138 -7.22 -10.77 18.40
C GLU E 138 -8.44 -9.99 18.93
N TYR E 139 -8.28 -9.33 20.10
CA TYR E 139 -9.34 -8.50 20.67
C TYR E 139 -9.78 -7.42 19.66
N ARG E 140 -8.84 -6.66 19.09
CA ARG E 140 -9.18 -5.62 18.15
C ARG E 140 -9.95 -6.20 16.95
N ALA E 141 -9.46 -7.32 16.41
CA ALA E 141 -10.06 -7.98 15.26
C ALA E 141 -11.54 -8.32 15.51
N ARG E 142 -11.81 -9.01 16.62
CA ARG E 142 -13.16 -9.39 17.02
C ARG E 142 -14.08 -8.17 17.17
N PHE E 143 -13.58 -7.11 17.80
CA PHE E 143 -14.34 -5.88 17.98
C PHE E 143 -14.70 -5.24 16.63
N ILE E 144 -13.73 -5.01 15.73
CA ILE E 144 -14.04 -4.36 14.48
C ILE E 144 -14.87 -5.27 13.55
N GLY E 145 -14.65 -6.59 13.56
CA GLY E 145 -15.38 -7.51 12.69
C GLY E 145 -16.79 -7.86 13.19
N GLY E 146 -17.26 -7.20 14.26
CA GLY E 146 -18.60 -7.41 14.77
C GLY E 146 -18.83 -8.83 15.32
N TYR E 147 -17.77 -9.44 15.87
CA TYR E 147 -17.89 -10.73 16.52
C TYR E 147 -18.85 -10.65 17.70
N ILE E 148 -19.75 -11.63 17.77
CA ILE E 148 -20.54 -11.88 18.98
C ILE E 148 -20.13 -13.24 19.53
N LYS E 149 -19.85 -13.28 20.83
CA LYS E 149 -19.53 -14.52 21.52
C LYS E 149 -20.75 -15.45 21.50
N PRO E 150 -20.63 -16.68 20.96
CA PRO E 150 -21.76 -17.59 20.91
C PRO E 150 -22.07 -18.18 22.27
N ASP E 151 -23.31 -18.64 22.43
CA ASP E 151 -23.73 -19.30 23.66
C ASP E 151 -22.98 -20.63 23.80
N GLY E 152 -22.41 -20.86 24.99
CA GLY E 152 -21.69 -22.10 25.29
C GLY E 152 -20.30 -21.88 25.92
N SER E 153 -19.84 -22.89 26.67
CA SER E 153 -18.57 -22.84 27.40
C SER E 153 -17.36 -22.90 26.45
N ASP E 154 -17.55 -23.34 25.20
CA ASP E 154 -16.48 -23.55 24.22
C ASP E 154 -16.16 -22.28 23.41
N SER E 155 -16.61 -21.10 23.87
CA SER E 155 -16.21 -19.83 23.28
C SER E 155 -15.02 -19.24 24.04
N MET E 156 -13.88 -19.06 23.36
CA MET E 156 -12.66 -18.64 24.04
C MET E 156 -12.62 -17.11 24.21
N ASP E 157 -12.43 -16.67 25.47
CA ASP E 157 -12.10 -15.28 25.76
C ASP E 157 -10.63 -14.99 25.46
N VAL E 158 -10.40 -13.81 24.88
CA VAL E 158 -9.08 -13.43 24.39
C VAL E 158 -8.44 -12.46 25.38
N LEU E 159 -7.15 -12.67 25.63
CA LEU E 159 -6.42 -11.77 26.51
C LEU E 159 -6.07 -10.49 25.76
N ALA E 160 -6.40 -9.37 26.41
CA ALA E 160 -6.04 -8.04 25.96
C ALA E 160 -5.99 -7.15 27.19
N GLU E 161 -5.16 -6.10 27.14
CA GLU E 161 -4.89 -5.33 28.35
C GLU E 161 -6.05 -4.37 28.67
N LYS E 162 -6.71 -3.84 27.63
CA LYS E 162 -7.90 -2.99 27.76
C LYS E 162 -8.99 -3.42 26.78
N LYS E 163 -10.25 -3.25 27.20
CA LYS E 163 -11.43 -3.61 26.41
C LYS E 163 -12.52 -2.54 26.58
N TYR E 164 -13.27 -2.28 25.50
CA TYR E 164 -14.52 -1.55 25.53
C TYR E 164 -15.64 -2.41 26.15
N PRO E 165 -16.75 -1.79 26.64
CA PRO E 165 -17.98 -2.50 27.00
C PRO E 165 -18.56 -3.34 25.87
N ASP E 166 -19.30 -4.41 26.23
CA ASP E 166 -19.82 -5.37 25.26
C ASP E 166 -21.35 -5.44 25.30
N LEU E 167 -22.01 -4.49 24.63
CA LEU E 167 -23.46 -4.48 24.46
C LEU E 167 -23.88 -5.28 23.22
N ASN E 168 -25.10 -5.86 23.24
CA ASN E 168 -25.55 -6.79 22.20
C ASN E 168 -27.07 -6.76 22.05
N PHE E 169 -27.56 -6.02 21.03
CA PHE E 169 -28.98 -5.97 20.74
C PHE E 169 -29.22 -5.62 19.29
N ASP E 170 -30.39 -6.02 18.78
CA ASP E 170 -30.70 -5.75 17.39
C ASP E 170 -31.01 -4.27 17.17
N ASN E 171 -30.51 -3.78 16.03
CA ASN E 171 -30.52 -2.37 15.68
C ASN E 171 -30.28 -2.19 14.18
N THR E 172 -30.44 -0.95 13.71
CA THR E 172 -30.29 -0.61 12.30
C THR E 172 -29.24 0.50 12.08
N TYR E 173 -28.31 0.66 13.03
CA TYR E 173 -27.38 1.80 13.05
C TYR E 173 -26.67 1.95 11.70
N LEU E 174 -26.13 0.86 11.13
CA LEU E 174 -25.35 0.92 9.90
C LEU E 174 -26.21 1.43 8.72
N PHE E 175 -27.49 1.04 8.61
CA PHE E 175 -28.38 1.50 7.54
C PHE E 175 -28.68 2.99 7.64
N ASN E 176 -28.79 3.52 8.87
CA ASN E 176 -28.99 4.94 9.11
C ASN E 176 -27.73 5.73 8.76
N ILE E 177 -26.56 5.28 9.23
CA ILE E 177 -25.29 5.97 8.99
C ILE E 177 -24.98 6.03 7.49
N LEU E 178 -25.16 4.90 6.79
CA LEU E 178 -24.82 4.78 5.37
C LEU E 178 -25.92 5.35 4.46
N TYR E 179 -26.98 5.99 5.00
CA TYR E 179 -28.02 6.61 4.20
C TYR E 179 -27.44 7.74 3.33
N LYS E 180 -27.65 7.64 2.01
CA LYS E 180 -26.90 8.43 1.05
C LYS E 180 -27.31 9.90 1.05
N ASP E 181 -28.59 10.20 1.31
CA ASP E 181 -29.12 11.54 1.11
C ASP E 181 -29.21 12.30 2.45
N VAL E 182 -28.20 13.14 2.70
CA VAL E 182 -28.13 13.94 3.91
C VAL E 182 -27.67 15.36 3.57
N ILE E 183 -28.10 16.36 4.36
CA ILE E 183 -27.59 17.72 4.19
C ILE E 183 -26.11 17.72 4.56
N ASN E 184 -25.31 18.30 3.66
CA ASN E 184 -23.87 18.40 3.82
C ASN E 184 -23.52 19.63 4.67
N ALA E 185 -24.07 19.69 5.90
CA ALA E 185 -23.86 20.82 6.80
C ALA E 185 -22.40 20.89 7.27
N PRO E 186 -21.90 22.09 7.66
CA PRO E 186 -20.52 22.26 8.13
C PRO E 186 -20.25 21.43 9.39
N ILE E 187 -21.30 21.27 10.21
CA ILE E 187 -21.25 20.34 11.32
C ILE E 187 -21.65 18.95 10.82
N LYS E 188 -20.69 18.01 10.81
CA LYS E 188 -20.95 16.65 10.36
C LYS E 188 -21.54 15.75 11.44
N GLU E 189 -21.59 16.22 12.70
CA GLU E 189 -21.99 15.42 13.84
C GLU E 189 -23.48 15.05 13.83
N PHE E 190 -24.30 15.86 13.13
CA PHE E 190 -25.73 15.61 13.00
C PHE E 190 -26.06 15.36 11.52
N LYS E 191 -26.26 14.07 11.13
CA LYS E 191 -26.56 13.68 9.76
C LYS E 191 -28.05 13.84 9.43
N ALA E 192 -28.47 15.10 9.22
CA ALA E 192 -29.85 15.42 8.87
C ALA E 192 -30.23 14.81 7.52
N LYS E 193 -31.19 13.87 7.51
CA LYS E 193 -31.58 13.15 6.30
C LYS E 193 -32.43 14.06 5.39
N ILE E 194 -32.24 13.88 4.08
CA ILE E 194 -33.11 14.48 3.08
C ILE E 194 -34.00 13.38 2.52
N VAL E 195 -35.32 13.60 2.58
CA VAL E 195 -36.30 12.71 1.99
C VAL E 195 -37.15 13.52 1.00
N ASN E 196 -37.20 13.03 -0.24
CA ASN E 196 -37.85 13.72 -1.35
C ASN E 196 -37.36 15.16 -1.46
N GLY E 197 -36.04 15.38 -1.37
CA GLY E 197 -35.43 16.68 -1.55
C GLY E 197 -35.61 17.63 -0.36
N VAL E 198 -36.30 17.19 0.70
CA VAL E 198 -36.57 18.05 1.84
C VAL E 198 -36.09 17.36 3.12
N LEU E 199 -35.64 18.15 4.09
CA LEU E 199 -35.15 17.59 5.33
C LEU E 199 -36.23 16.76 6.00
N SER E 200 -35.85 15.60 6.57
CA SER E 200 -36.82 14.62 7.07
C SER E 200 -37.69 15.20 8.20
N ARG E 201 -38.89 14.65 8.35
CA ARG E 201 -39.83 15.17 9.34
C ARG E 201 -39.28 15.02 10.76
N GLN E 202 -38.74 13.84 11.06
CA GLN E 202 -38.16 13.51 12.37
C GLN E 202 -37.02 14.49 12.69
N ASP E 203 -36.12 14.72 11.72
CA ASP E 203 -35.01 15.64 11.89
C ASP E 203 -35.49 17.10 11.97
N PHE E 204 -36.51 17.45 11.19
CA PHE E 204 -37.04 18.81 11.20
C PHE E 204 -37.62 19.16 12.57
N ASP E 205 -38.47 18.28 13.10
CA ASP E 205 -39.05 18.48 14.42
C ASP E 205 -37.96 18.57 15.49
N ASN E 206 -36.92 17.73 15.39
CA ASN E 206 -35.78 17.75 16.29
C ASN E 206 -35.04 19.09 16.25
N LEU E 207 -34.69 19.54 15.04
CA LEU E 207 -33.94 20.77 14.84
C LEU E 207 -34.77 21.97 15.30
N ILE E 208 -36.09 21.98 15.03
CA ILE E 208 -37.00 23.01 15.53
C ILE E 208 -36.95 23.08 17.05
N GLY E 209 -36.94 21.92 17.71
CA GLY E 209 -36.74 21.88 19.16
C GLY E 209 -35.42 22.52 19.57
N VAL E 210 -34.30 22.08 18.98
CA VAL E 210 -32.97 22.60 19.29
C VAL E 210 -32.89 24.11 19.07
N ARG E 211 -33.44 24.60 17.94
CA ARG E 211 -33.40 26.01 17.55
C ARG E 211 -33.85 26.92 18.69
N GLN E 212 -34.87 26.50 19.45
CA GLN E 212 -35.44 27.30 20.53
C GLN E 212 -34.32 27.76 21.48
N TYR E 213 -33.31 26.89 21.72
CA TYR E 213 -32.23 27.12 22.69
C TYR E 213 -31.05 27.87 22.06
N ILE E 214 -31.05 28.19 20.75
CA ILE E 214 -29.98 28.98 20.13
C ILE E 214 -30.24 30.48 20.34
N THR E 215 -29.18 31.32 20.43
CA THR E 215 -29.35 32.77 20.59
C THR E 215 -29.90 33.43 19.31
N ILE E 216 -30.51 34.62 19.47
CA ILE E 216 -31.08 35.42 18.39
C ILE E 216 -30.01 35.72 17.31
N GLN E 217 -28.76 35.93 17.75
CA GLN E 217 -27.64 36.25 16.88
C GLN E 217 -27.26 35.05 15.98
N ASP E 218 -27.32 33.81 16.49
CA ASP E 218 -26.83 32.63 15.78
C ASP E 218 -27.89 31.87 14.99
N ARG E 219 -29.17 32.06 15.32
CA ARG E 219 -30.28 31.43 14.61
C ARG E 219 -30.15 31.54 13.10
N PRO E 220 -29.81 32.70 12.46
CA PRO E 220 -29.66 32.77 11.01
C PRO E 220 -28.66 31.76 10.46
N ARG E 221 -27.48 31.64 11.08
CA ARG E 221 -26.45 30.72 10.59
C ARG E 221 -26.91 29.26 10.75
N PHE E 222 -27.63 28.95 11.84
CA PHE E 222 -28.23 27.64 12.04
C PHE E 222 -29.27 27.34 10.96
N ASP E 223 -30.26 28.23 10.79
CA ASP E 223 -31.35 28.05 9.85
C ASP E 223 -30.83 27.83 8.44
N ASP E 224 -29.74 28.52 8.07
CA ASP E 224 -29.08 28.41 6.79
C ASP E 224 -28.36 27.05 6.65
N ALA E 225 -27.62 26.62 7.68
CA ALA E 225 -26.82 25.39 7.64
C ALA E 225 -27.66 24.13 7.44
N TYR E 226 -28.97 24.17 7.79
CA TYR E 226 -29.87 23.02 7.70
C TYR E 226 -31.09 23.29 6.81
N ASN E 227 -31.14 24.44 6.13
CA ASN E 227 -32.23 24.86 5.26
C ASN E 227 -33.60 24.69 5.95
N ILE E 228 -33.72 25.29 7.15
CA ILE E 228 -34.89 25.15 8.02
C ILE E 228 -36.11 25.84 7.39
N ALA E 229 -35.89 26.97 6.70
CA ALA E 229 -36.97 27.77 6.14
C ALA E 229 -37.82 26.98 5.13
N ASP E 230 -37.14 26.31 4.18
CA ASP E 230 -37.80 25.46 3.20
C ASP E 230 -38.52 24.30 3.87
N ALA E 231 -37.85 23.65 4.84
CA ALA E 231 -38.43 22.54 5.57
C ALA E 231 -39.69 22.99 6.32
N ALA E 232 -39.64 24.16 6.95
CA ALA E 232 -40.78 24.74 7.66
C ALA E 232 -41.94 25.01 6.70
N ARG E 233 -41.63 25.61 5.54
CA ARG E 233 -42.64 25.92 4.54
C ARG E 233 -43.29 24.63 4.03
N HIS E 234 -42.47 23.64 3.66
CA HIS E 234 -42.94 22.34 3.23
C HIS E 234 -43.79 21.64 4.30
N TYR E 235 -43.37 21.72 5.57
CA TYR E 235 -44.12 21.10 6.67
C TYR E 235 -45.22 22.01 7.25
N GLY E 236 -45.54 23.13 6.60
CA GLY E 236 -46.63 24.00 7.02
C GLY E 236 -46.35 24.80 8.29
N VAL E 237 -45.16 24.62 8.89
CA VAL E 237 -44.86 25.18 10.20
C VAL E 237 -44.49 26.65 10.06
N ASN E 238 -45.28 27.50 10.70
CA ASN E 238 -44.99 28.92 10.81
C ASN E 238 -43.97 29.11 11.94
N LEU E 239 -42.71 29.40 11.58
CA LEU E 239 -41.64 29.59 12.55
C LEU E 239 -41.95 30.75 13.51
N ASN E 240 -42.63 31.80 13.03
CA ASN E 240 -42.92 32.99 13.83
C ASN E 240 -43.90 32.69 14.98
N THR E 241 -44.71 31.64 14.83
CA THR E 241 -45.70 31.26 15.85
C THR E 241 -45.24 30.05 16.68
N LEU E 242 -43.94 29.71 16.63
CA LEU E 242 -43.37 28.82 17.63
C LEU E 242 -43.34 29.53 18.98
N PRO E 243 -43.63 28.82 20.09
CA PRO E 243 -43.60 29.40 21.42
C PRO E 243 -42.17 29.63 21.92
N LEU E 244 -42.02 30.57 22.86
CA LEU E 244 -40.77 30.73 23.60
C LEU E 244 -40.48 29.42 24.35
N PRO E 245 -39.21 28.95 24.39
CA PRO E 245 -38.89 27.75 25.16
C PRO E 245 -39.00 28.00 26.65
N ASN E 246 -39.40 26.97 27.37
CA ASN E 246 -39.30 26.99 28.82
C ASN E 246 -37.86 26.66 29.24
N VAL E 247 -37.08 27.72 29.50
CA VAL E 247 -35.65 27.61 29.80
C VAL E 247 -35.38 27.24 31.27
N ASP E 248 -36.42 27.06 32.08
CA ASP E 248 -36.23 26.65 33.47
C ASP E 248 -36.28 25.12 33.57
N LEU E 249 -35.15 24.52 33.97
CA LEU E 249 -34.97 23.07 34.11
C LEU E 249 -36.09 22.43 34.94
N THR E 250 -36.72 23.18 35.86
CA THR E 250 -37.73 22.63 36.74
C THR E 250 -39.04 22.38 35.98
N THR E 251 -39.43 23.32 35.10
CA THR E 251 -40.70 23.25 34.39
C THR E 251 -40.53 22.95 32.88
N MET E 252 -39.28 22.80 32.40
CA MET E 252 -38.99 22.30 31.06
C MET E 252 -39.61 20.92 30.86
N PRO E 253 -40.47 20.70 29.82
CA PRO E 253 -41.22 19.45 29.66
C PRO E 253 -40.41 18.26 29.13
N THR E 254 -39.28 18.54 28.48
CA THR E 254 -38.35 17.49 28.07
C THR E 254 -36.96 18.10 27.93
N TYR E 255 -35.96 17.39 28.44
CA TYR E 255 -34.58 17.81 28.31
C TYR E 255 -33.98 17.36 26.98
N LYS E 256 -34.70 16.51 26.21
CA LYS E 256 -34.25 15.93 24.95
C LYS E 256 -33.53 16.96 24.06
N HIS E 257 -34.18 18.09 23.75
CA HIS E 257 -33.62 19.09 22.85
C HIS E 257 -32.41 19.84 23.43
N LEU E 258 -32.42 20.12 24.73
CA LEU E 258 -31.28 20.75 25.39
C LEU E 258 -30.07 19.81 25.35
N ILE E 259 -30.28 18.52 25.64
CA ILE E 259 -29.24 17.50 25.55
C ILE E 259 -28.71 17.39 24.11
N MET E 260 -29.58 17.41 23.10
CA MET E 260 -29.15 17.38 21.70
C MET E 260 -28.29 18.60 21.38
N PHE E 261 -28.68 19.79 21.86
CA PHE E 261 -27.88 20.98 21.66
C PHE E 261 -26.46 20.79 22.23
N GLU E 262 -26.38 20.32 23.48
CA GLU E 262 -25.11 19.99 24.12
C GLU E 262 -24.33 18.90 23.37
N GLN E 263 -25.03 17.95 22.76
CA GLN E 263 -24.37 16.82 22.15
C GLN E 263 -23.80 17.16 20.76
N TYR E 264 -24.52 17.94 19.92
CA TYR E 264 -24.18 18.14 18.52
C TYR E 264 -23.91 19.60 18.13
N PHE E 265 -24.26 20.59 18.98
CA PHE E 265 -24.41 21.97 18.51
C PHE E 265 -23.71 23.02 19.37
N ILE E 266 -23.49 22.75 20.67
CA ILE E 266 -22.82 23.70 21.57
C ILE E 266 -21.48 24.20 21.00
N TYR E 267 -20.70 23.29 20.37
CA TYR E 267 -19.36 23.58 19.83
C TYR E 267 -19.44 24.46 18.57
N THR E 268 -20.64 24.86 18.10
CA THR E 268 -20.78 25.70 16.91
C THR E 268 -21.75 26.87 17.07
N TYR E 269 -22.70 26.83 18.03
CA TYR E 269 -23.65 27.91 18.23
C TYR E 269 -23.74 28.34 19.70
N ASP E 270 -24.02 29.63 19.93
CA ASP E 270 -24.29 30.13 21.29
C ASP E 270 -25.69 29.74 21.75
N ARG E 271 -25.78 29.27 23.02
CA ARG E 271 -27.03 28.92 23.68
C ARG E 271 -27.65 30.11 24.41
N VAL E 272 -28.99 30.07 24.57
CA VAL E 272 -29.71 30.89 25.54
C VAL E 272 -29.35 30.48 26.98
N ASP E 273 -29.64 31.38 27.94
CA ASP E 273 -29.46 31.12 29.36
C ASP E 273 -30.45 30.05 29.86
N ILE E 274 -29.96 29.22 30.80
CA ILE E 274 -30.75 28.16 31.43
C ILE E 274 -30.90 28.48 32.92
N TYR E 275 -32.09 28.20 33.43
CA TYR E 275 -32.49 28.58 34.78
C TYR E 275 -32.89 27.33 35.58
N TYR E 276 -32.74 27.43 36.90
CA TYR E 276 -33.30 26.46 37.83
C TYR E 276 -34.15 27.19 38.86
N ASN E 277 -35.47 26.98 38.83
CA ASN E 277 -36.46 27.56 39.74
C ASN E 277 -36.34 29.10 39.85
N GLY E 278 -35.97 29.78 38.75
CA GLY E 278 -35.80 31.23 38.76
C GLY E 278 -34.35 31.73 38.85
N ASN E 279 -33.39 30.85 39.24
CA ASN E 279 -31.98 31.20 39.37
C ASN E 279 -31.19 30.77 38.12
N LYS E 280 -30.31 31.63 37.60
CA LYS E 280 -29.50 31.30 36.43
C LYS E 280 -28.40 30.29 36.79
N MET E 281 -28.25 29.25 35.94
CA MET E 281 -27.21 28.25 36.06
C MET E 281 -25.83 28.80 35.66
N LEU E 282 -24.75 28.41 36.39
CA LEU E 282 -23.42 28.94 36.09
C LEU E 282 -22.53 27.96 35.32
N PHE E 283 -22.85 26.66 35.29
CA PHE E 283 -21.94 25.69 34.67
C PHE E 283 -22.68 24.68 33.81
N ASP E 284 -22.21 24.53 32.56
CA ASP E 284 -22.81 23.60 31.60
C ASP E 284 -22.59 22.15 32.03
N ASP E 285 -21.47 21.90 32.71
CA ASP E 285 -21.17 20.63 33.33
C ASP E 285 -22.29 20.19 34.30
N GLU E 286 -22.82 21.15 35.06
CA GLU E 286 -23.89 20.88 36.01
C GLU E 286 -25.22 20.68 35.28
N ILE E 287 -25.47 21.49 34.26
CA ILE E 287 -26.64 21.35 33.41
C ILE E 287 -26.67 19.96 32.76
N ILE E 288 -25.54 19.50 32.21
CA ILE E 288 -25.51 18.21 31.52
C ILE E 288 -25.59 17.05 32.52
N ASN E 289 -24.93 17.14 33.69
CA ASN E 289 -25.06 16.12 34.71
C ASN E 289 -26.50 16.03 35.25
N PHE E 290 -27.19 17.16 35.48
CA PHE E 290 -28.58 17.17 35.95
C PHE E 290 -29.53 16.52 34.92
N THR E 291 -29.53 17.05 33.67
CA THR E 291 -30.49 16.65 32.63
C THR E 291 -30.37 15.16 32.29
N ILE E 292 -29.14 14.65 32.14
CA ILE E 292 -28.90 13.23 31.85
C ILE E 292 -29.43 12.35 32.98
N SER E 293 -29.09 12.69 34.24
CA SER E 293 -29.53 11.92 35.41
C SER E 293 -31.05 11.83 35.51
N MET E 294 -31.74 12.95 35.24
CA MET E 294 -33.20 13.03 35.27
C MET E 294 -33.83 12.24 34.11
N ARG E 295 -33.22 12.30 32.92
CA ARG E 295 -33.75 11.67 31.72
C ARG E 295 -33.54 10.15 31.72
N TYR E 296 -32.41 9.67 32.29
CA TYR E 296 -31.97 8.28 32.21
C TYR E 296 -31.78 7.62 33.59
N GLN E 297 -32.53 8.10 34.61
CA GLN E 297 -32.47 7.66 36.00
C GLN E 297 -32.46 6.13 36.13
N SER E 298 -33.30 5.44 35.33
CA SER E 298 -33.48 4.01 35.39
C SER E 298 -32.27 3.20 34.88
N LEU E 299 -31.37 3.82 34.10
CA LEU E 299 -30.24 3.14 33.50
C LEU E 299 -28.93 3.33 34.29
N ILE E 300 -28.92 4.24 35.28
CA ILE E 300 -27.71 4.57 36.04
C ILE E 300 -27.08 3.31 36.64
N PRO E 301 -27.83 2.38 37.29
CA PRO E 301 -27.21 1.15 37.81
C PRO E 301 -26.51 0.35 36.71
N ARG E 302 -27.13 0.29 35.54
CA ARG E 302 -26.60 -0.46 34.42
C ARG E 302 -25.33 0.19 33.87
N LEU E 303 -25.24 1.52 33.90
CA LEU E 303 -23.99 2.21 33.59
C LEU E 303 -22.90 1.82 34.59
N VAL E 304 -23.22 1.81 35.89
CA VAL E 304 -22.27 1.45 36.94
C VAL E 304 -21.77 0.01 36.76
N ASP E 305 -22.56 -0.91 36.18
CA ASP E 305 -22.11 -2.26 35.88
C ASP E 305 -20.90 -2.28 34.94
N PHE E 306 -20.84 -1.36 33.96
CA PHE E 306 -19.70 -1.26 33.05
C PHE E 306 -18.60 -0.35 33.59
N PHE E 307 -19.01 0.70 34.33
CA PHE E 307 -18.11 1.71 34.86
C PHE E 307 -18.31 1.86 36.36
N PRO E 308 -17.83 0.87 37.17
CA PRO E 308 -17.97 0.90 38.63
C PRO E 308 -17.44 2.18 39.27
N ASP E 309 -16.36 2.74 38.71
CA ASP E 309 -15.68 3.89 39.27
C ASP E 309 -16.43 5.20 38.97
N ILE E 310 -17.50 5.17 38.18
CA ILE E 310 -18.19 6.40 37.81
C ILE E 310 -18.93 6.97 39.02
N PRO E 311 -18.73 8.26 39.35
CA PRO E 311 -19.40 8.86 40.52
C PRO E 311 -20.91 8.90 40.36
N VAL E 312 -21.60 8.22 41.28
CA VAL E 312 -23.05 8.30 41.43
C VAL E 312 -23.37 8.74 42.85
N ASN E 313 -24.28 9.73 42.98
CA ASN E 313 -24.57 10.40 44.24
C ASN E 313 -26.08 10.50 44.46
N ASN E 314 -26.52 10.62 45.73
CA ASN E 314 -27.93 10.79 46.04
C ASN E 314 -28.37 12.26 45.99
N ASN E 315 -27.48 13.14 45.51
CA ASN E 315 -27.71 14.58 45.39
C ASN E 315 -26.74 15.17 44.36
N ILE E 316 -27.02 16.42 43.93
CA ILE E 316 -26.13 17.19 43.06
C ILE E 316 -26.10 18.65 43.55
N VAL E 317 -24.97 19.35 43.32
CA VAL E 317 -24.85 20.77 43.64
C VAL E 317 -24.79 21.60 42.36
N LEU E 318 -25.76 22.53 42.24
CA LEU E 318 -25.85 23.44 41.11
C LEU E 318 -25.43 24.83 41.58
N HIS E 319 -24.40 25.38 40.94
CA HIS E 319 -24.00 26.74 41.24
C HIS E 319 -24.83 27.66 40.36
N THR E 320 -25.51 28.60 41.02
CA THR E 320 -26.46 29.47 40.36
C THR E 320 -26.27 30.91 40.83
N ARG E 321 -26.92 31.85 40.14
CA ARG E 321 -27.11 33.19 40.65
C ARG E 321 -28.61 33.47 40.74
N ASP E 322 -29.03 34.13 41.81
CA ASP E 322 -30.40 34.65 41.89
C ASP E 322 -30.55 35.87 40.96
N PRO E 323 -31.78 36.37 40.69
CA PRO E 323 -31.98 37.59 39.90
C PRO E 323 -31.22 38.80 40.44
N GLN E 324 -30.97 38.81 41.76
CA GLN E 324 -30.17 39.82 42.46
C GLN E 324 -28.66 39.57 42.35
N ASN E 325 -28.24 38.62 41.50
CA ASN E 325 -26.85 38.39 41.13
C ASN E 325 -25.99 37.87 42.30
N ALA E 326 -26.61 37.32 43.36
CA ALA E 326 -25.89 36.66 44.43
C ALA E 326 -25.65 35.19 44.07
N ALA E 327 -24.43 34.70 44.30
CA ALA E 327 -24.12 33.30 44.04
C ALA E 327 -24.85 32.41 45.04
N VAL E 328 -25.67 31.49 44.52
CA VAL E 328 -26.42 30.56 45.33
C VAL E 328 -26.12 29.14 44.86
N ASN E 329 -25.56 28.35 45.77
CA ASN E 329 -25.37 26.93 45.56
C ASN E 329 -26.65 26.19 45.96
N VAL E 330 -27.33 25.60 44.97
CA VAL E 330 -28.54 24.81 45.21
C VAL E 330 -28.15 23.33 45.28
N THR E 331 -28.40 22.67 46.42
CA THR E 331 -28.23 21.22 46.51
C THR E 331 -29.57 20.54 46.25
N VAL E 332 -29.65 19.78 45.15
CA VAL E 332 -30.88 19.10 44.76
C VAL E 332 -30.80 17.65 45.25
N ALA E 333 -31.82 17.23 46.02
CA ALA E 333 -31.92 15.88 46.55
C ALA E 333 -33.38 15.43 46.49
N LEU E 334 -33.73 14.68 45.44
CA LEU E 334 -35.11 14.25 45.21
C LEU E 334 -35.31 12.80 45.65
N PRO E 335 -36.47 12.46 46.25
CA PRO E 335 -36.75 11.08 46.65
C PRO E 335 -36.56 10.10 45.50
N ASN E 336 -35.72 9.08 45.73
CA ASN E 336 -35.44 7.99 44.79
C ASN E 336 -34.90 8.51 43.45
N VAL E 337 -34.00 9.51 43.50
CA VAL E 337 -33.24 9.96 42.34
C VAL E 337 -31.74 9.90 42.67
N GLN E 338 -30.93 9.49 41.69
CA GLN E 338 -29.48 9.47 41.79
C GLN E 338 -28.86 10.28 40.65
N PHE E 339 -27.71 10.92 40.92
CA PHE E 339 -27.04 11.78 39.94
C PHE E 339 -25.66 11.21 39.61
N VAL E 340 -25.36 11.13 38.30
CA VAL E 340 -24.10 10.62 37.78
C VAL E 340 -23.26 11.77 37.21
N ASP E 341 -21.94 11.77 37.47
CA ASP E 341 -21.04 12.74 36.83
C ASP E 341 -20.42 12.14 35.57
N ILE E 342 -20.66 12.78 34.39
CA ILE E 342 -20.16 12.29 33.11
C ILE E 342 -19.18 13.28 32.43
N ASN E 343 -18.73 14.32 33.15
CA ASN E 343 -18.00 15.43 32.57
C ASN E 343 -16.75 15.03 31.77
N ARG E 344 -16.02 14.03 32.23
CA ARG E 344 -14.73 13.75 31.63
C ARG E 344 -14.89 13.10 30.27
N ASN E 345 -16.06 12.55 29.93
CA ASN E 345 -16.32 12.15 28.54
C ASN E 345 -17.82 12.18 28.21
N ASN E 346 -18.41 13.38 28.34
CA ASN E 346 -19.83 13.62 28.15
C ASN E 346 -20.34 13.03 26.83
N LYS E 347 -19.71 13.33 25.69
CA LYS E 347 -20.18 12.85 24.39
C LYS E 347 -20.30 11.33 24.35
N PHE E 348 -19.32 10.61 24.90
CA PHE E 348 -19.38 9.16 25.00
C PHE E 348 -20.51 8.72 25.92
N PHE E 349 -20.59 9.24 27.15
CA PHE E 349 -21.57 8.76 28.12
C PHE E 349 -23.01 9.09 27.68
N ILE E 350 -23.26 10.23 27.03
CA ILE E 350 -24.57 10.54 26.47
C ILE E 350 -24.96 9.48 25.43
N ASN E 351 -24.03 9.15 24.52
CA ASN E 351 -24.27 8.15 23.49
C ASN E 351 -24.42 6.73 24.09
N PHE E 352 -23.67 6.44 25.16
CA PHE E 352 -23.75 5.16 25.85
C PHE E 352 -25.12 4.97 26.52
N PHE E 353 -25.66 6.02 27.18
CA PHE E 353 -27.02 5.99 27.71
C PHE E 353 -28.06 5.71 26.62
N ASN E 354 -27.90 6.30 25.43
CA ASN E 354 -28.80 6.03 24.29
C ASN E 354 -28.73 4.56 23.88
N LEU E 355 -27.52 3.97 23.78
CA LEU E 355 -27.34 2.55 23.48
C LEU E 355 -28.03 1.66 24.52
N LEU E 356 -27.81 1.93 25.82
CA LEU E 356 -28.47 1.22 26.91
C LEU E 356 -29.99 1.35 26.81
N ALA E 357 -30.50 2.56 26.55
CA ALA E 357 -31.93 2.81 26.44
C ALA E 357 -32.56 2.05 25.28
N LYS E 358 -31.82 1.87 24.18
CA LYS E 358 -32.28 1.10 23.04
C LYS E 358 -32.21 -0.39 23.34
N GLU E 359 -31.11 -0.84 23.96
CA GLU E 359 -30.96 -2.23 24.39
C GLU E 359 -32.12 -2.67 25.29
N GLN E 360 -32.53 -1.83 26.24
CA GLN E 360 -33.64 -2.12 27.14
C GLN E 360 -34.98 -2.28 26.39
N ARG E 361 -35.02 -1.89 25.11
CA ARG E 361 -36.21 -1.93 24.25
C ARG E 361 -35.96 -2.69 22.95
N SER E 362 -34.90 -3.53 22.95
CA SER E 362 -34.54 -4.45 21.88
C SER E 362 -34.23 -5.84 22.46
N THR E 363 -34.34 -6.87 21.62
CA THR E 363 -33.89 -8.22 21.98
C THR E 363 -32.38 -8.36 21.77
N ALA E 364 -31.75 -9.20 22.62
CA ALA E 364 -30.35 -9.59 22.46
C ALA E 364 -30.18 -10.56 21.28
N ILE E 365 -29.00 -10.55 20.66
CA ILE E 365 -28.74 -11.36 19.47
C ILE E 365 -27.97 -12.63 19.87
N LYS E 366 -28.47 -13.80 19.41
CA LYS E 366 -27.83 -15.08 19.64
C LYS E 366 -27.18 -15.60 18.35
N VAL E 367 -25.99 -16.22 18.49
CA VAL E 367 -25.23 -16.74 17.35
C VAL E 367 -24.60 -18.08 17.68
N THR E 368 -24.39 -18.87 16.63
CA THR E 368 -23.66 -20.13 16.71
C THR E 368 -22.15 -19.88 16.68
N LYS E 369 -21.38 -20.91 17.04
CA LYS E 369 -19.93 -20.87 16.96
C LYS E 369 -19.47 -20.65 15.51
N SER E 370 -18.54 -19.68 15.35
CA SER E 370 -18.01 -19.29 14.06
C SER E 370 -16.68 -19.99 13.80
N MET E 371 -16.54 -20.71 12.69
CA MET E 371 -15.25 -21.33 12.37
C MET E 371 -14.19 -20.25 12.09
N PHE E 372 -14.60 -19.08 11.61
CA PHE E 372 -13.69 -17.97 11.41
C PHE E 372 -13.22 -17.39 12.76
N TRP E 373 -14.14 -17.10 13.68
CA TRP E 373 -13.74 -16.40 14.91
C TRP E 373 -13.34 -17.34 16.04
N ASP E 374 -14.14 -18.38 16.31
CA ASP E 374 -13.95 -19.27 17.44
C ASP E 374 -13.11 -20.50 17.06
N GLY E 375 -13.24 -20.93 15.80
CA GLY E 375 -12.51 -22.05 15.27
C GLY E 375 -12.79 -23.36 16.01
N MET E 376 -11.74 -24.19 16.12
CA MET E 376 -11.78 -25.45 16.84
C MET E 376 -10.55 -25.51 17.75
N ASP E 377 -10.57 -26.35 18.78
CA ASP E 377 -9.39 -26.55 19.58
C ASP E 377 -8.27 -27.19 18.75
N TYR E 378 -7.02 -26.82 19.05
CA TYR E 378 -5.85 -27.33 18.36
C TYR E 378 -5.73 -28.86 18.44
N GLU E 379 -6.13 -29.46 19.57
CA GLU E 379 -6.15 -30.91 19.69
C GLU E 379 -7.21 -31.53 18.79
N GLU E 380 -8.39 -30.91 18.75
CA GLU E 380 -9.45 -31.38 17.88
C GLU E 380 -8.96 -31.35 16.42
N TYR E 381 -8.30 -30.25 16.02
CA TYR E 381 -7.69 -30.18 14.71
C TYR E 381 -6.70 -31.35 14.50
N LYS E 382 -5.73 -31.51 15.39
CA LYS E 382 -4.72 -32.56 15.27
C LYS E 382 -5.30 -33.97 15.30
N SER E 383 -6.52 -34.13 15.83
CA SER E 383 -7.19 -35.43 15.84
C SER E 383 -7.74 -35.81 14.47
N LYS E 384 -7.82 -34.87 13.51
CA LYS E 384 -8.42 -35.13 12.22
C LYS E 384 -7.56 -36.05 11.36
N ASN E 385 -8.18 -36.54 10.28
CA ASN E 385 -7.52 -37.45 9.35
C ASN E 385 -6.74 -36.65 8.29
N LEU E 386 -5.79 -37.34 7.65
CA LEU E 386 -4.82 -36.73 6.74
C LEU E 386 -5.51 -36.09 5.52
N GLN E 387 -6.60 -36.70 5.03
CA GLN E 387 -7.39 -36.17 3.91
C GLN E 387 -8.12 -34.90 4.33
N ASP E 388 -8.72 -34.87 5.53
CA ASP E 388 -9.37 -33.68 6.07
C ASP E 388 -8.35 -32.54 6.17
N MET E 389 -7.16 -32.80 6.73
CA MET E 389 -6.13 -31.78 6.82
C MET E 389 -5.70 -31.30 5.42
N MET E 390 -5.51 -32.21 4.44
CA MET E 390 -5.24 -31.78 3.06
C MET E 390 -6.38 -30.92 2.51
N PHE E 391 -7.64 -31.35 2.68
CA PHE E 391 -8.82 -30.63 2.19
C PHE E 391 -8.89 -29.21 2.80
N ILE E 392 -8.74 -29.10 4.13
CA ILE E 392 -8.79 -27.81 4.84
C ILE E 392 -7.69 -26.88 4.32
N ASN E 393 -6.43 -27.32 4.39
CA ASN E 393 -5.28 -26.57 3.89
C ASN E 393 -5.30 -26.37 2.38
N SER E 394 -6.32 -26.88 1.65
CA SER E 394 -6.47 -26.69 0.21
C SER E 394 -7.79 -26.02 -0.21
N THR E 395 -8.64 -25.61 0.75
CA THR E 395 -9.93 -24.97 0.44
C THR E 395 -10.23 -23.77 1.35
N CYS E 396 -9.49 -23.63 2.45
CA CYS E 396 -9.66 -22.57 3.44
C CYS E 396 -8.32 -21.87 3.68
N TYR E 397 -8.34 -20.57 4.00
CA TYR E 397 -7.25 -19.99 4.77
C TYR E 397 -7.28 -20.62 6.18
N VAL E 398 -6.10 -20.92 6.75
CA VAL E 398 -5.96 -21.62 8.04
C VAL E 398 -5.17 -20.75 9.03
N PHE E 399 -5.82 -20.36 10.14
CA PHE E 399 -5.25 -19.46 11.14
C PHE E 399 -5.16 -20.15 12.51
N GLY E 400 -4.29 -19.64 13.39
CA GLY E 400 -4.27 -20.07 14.78
C GLY E 400 -4.31 -18.91 15.77
N LEU E 401 -4.86 -19.18 16.97
CA LEU E 401 -4.84 -18.22 18.07
C LEU E 401 -3.78 -18.66 19.09
N TYR E 402 -2.96 -17.71 19.55
CA TYR E 402 -1.88 -18.03 20.48
C TYR E 402 -1.67 -16.85 21.46
N ASN E 403 -1.07 -17.15 22.61
CA ASN E 403 -0.84 -16.14 23.63
C ASN E 403 0.62 -15.76 23.73
N HIS E 404 0.87 -14.44 23.87
CA HIS E 404 2.19 -13.95 24.17
C HIS E 404 2.04 -12.65 24.96
N ASN E 405 2.95 -12.41 25.93
CA ASN E 405 2.91 -11.26 26.82
C ASN E 405 1.46 -10.95 27.26
N ASN E 406 0.75 -11.98 27.77
CA ASN E 406 -0.58 -11.83 28.35
C ASN E 406 -1.58 -11.23 27.36
N THR E 407 -1.33 -11.42 26.05
CA THR E 407 -2.23 -10.96 25.00
C THR E 407 -2.42 -12.11 24.01
N THR E 408 -3.65 -12.24 23.53
CA THR E 408 -3.95 -13.21 22.49
C THR E 408 -3.76 -12.55 21.13
N TYR E 409 -3.06 -13.30 20.27
CA TYR E 409 -2.82 -12.91 18.89
C TYR E 409 -3.30 -14.01 17.96
N CYS E 410 -3.56 -13.62 16.72
CA CYS E 410 -3.87 -14.54 15.64
C CYS E 410 -2.80 -14.43 14.55
N SER E 411 -2.39 -15.57 13.99
CA SER E 411 -1.45 -15.63 12.88
C SER E 411 -1.76 -16.85 12.02
N ILE E 412 -1.21 -16.91 10.79
CA ILE E 412 -1.33 -18.11 9.97
C ILE E 412 -0.73 -19.29 10.74
N LEU E 413 -1.38 -20.46 10.67
CA LEU E 413 -1.10 -21.58 11.56
C LEU E 413 0.34 -22.10 11.40
N SER E 414 0.83 -22.17 10.15
CA SER E 414 2.21 -22.55 9.84
C SER E 414 3.24 -21.66 10.55
N ASP E 415 2.92 -20.36 10.69
CA ASP E 415 3.86 -19.35 11.14
C ASP E 415 3.94 -19.35 12.67
N ILE E 416 2.81 -19.65 13.33
CA ILE E 416 2.77 -19.92 14.77
C ILE E 416 3.65 -21.13 15.07
N ILE E 417 3.43 -22.22 14.35
CA ILE E 417 4.21 -23.46 14.49
C ILE E 417 5.69 -23.21 14.21
N SER E 418 6.01 -22.40 13.19
CA SER E 418 7.38 -22.09 12.82
C SER E 418 8.08 -21.19 13.85
N ALA E 419 7.35 -20.22 14.42
CA ALA E 419 7.85 -19.37 15.49
C ALA E 419 7.91 -20.10 16.85
N GLU E 420 7.75 -21.43 16.84
CA GLU E 420 7.75 -22.32 18.00
C GLU E 420 6.70 -21.93 19.06
N LYS E 421 5.72 -21.09 18.68
CA LYS E 421 4.57 -20.82 19.52
C LYS E 421 3.61 -22.02 19.47
N THR E 422 2.79 -22.16 20.52
CA THR E 422 1.77 -23.20 20.54
C THR E 422 0.42 -22.60 20.19
N PRO E 423 -0.23 -23.05 19.09
CA PRO E 423 -1.63 -22.69 18.83
C PRO E 423 -2.57 -23.24 19.90
N ILE E 424 -3.54 -22.42 20.32
CA ILE E 424 -4.62 -22.82 21.23
C ILE E 424 -5.80 -23.36 20.42
N ARG E 425 -6.13 -22.62 19.35
CA ARG E 425 -7.22 -22.94 18.47
C ARG E 425 -6.82 -22.77 17.01
N VAL E 426 -7.57 -23.45 16.13
CA VAL E 426 -7.44 -23.32 14.69
C VAL E 426 -8.74 -22.70 14.14
N CYS E 427 -8.59 -21.56 13.46
CA CYS E 427 -9.68 -20.83 12.84
C CYS E 427 -9.60 -20.94 11.32
N LEU E 428 -10.75 -21.08 10.64
CA LEU E 428 -10.78 -21.36 9.21
C LEU E 428 -11.63 -20.32 8.45
N LEU E 429 -11.21 -20.02 7.21
CA LEU E 429 -12.01 -19.22 6.28
C LEU E 429 -12.06 -19.89 4.91
N PRO E 430 -13.15 -20.60 4.57
CA PRO E 430 -13.35 -21.18 3.24
C PRO E 430 -13.26 -20.13 2.14
N ARG E 431 -12.42 -20.43 1.16
CA ARG E 431 -12.17 -19.54 0.03
C ARG E 431 -13.35 -19.63 -0.93
N VAL E 432 -13.51 -18.59 -1.77
CA VAL E 432 -14.69 -18.40 -2.61
C VAL E 432 -14.27 -18.20 -4.06
N VAL E 433 -15.02 -18.83 -4.99
CA VAL E 433 -14.91 -18.59 -6.42
C VAL E 433 -16.32 -18.60 -7.03
N GLY E 434 -16.56 -17.71 -8.00
CA GLY E 434 -17.84 -17.62 -8.72
C GLY E 434 -19.06 -17.53 -7.79
N GLY E 435 -18.90 -16.87 -6.62
CA GLY E 435 -20.00 -16.64 -5.70
C GLY E 435 -20.39 -17.85 -4.83
N LYS E 436 -19.52 -18.87 -4.74
CA LYS E 436 -19.71 -20.01 -3.84
C LYS E 436 -18.45 -20.26 -3.02
N THR E 437 -18.62 -20.83 -1.82
CA THR E 437 -17.47 -21.42 -1.14
C THR E 437 -17.01 -22.66 -1.92
N VAL E 438 -15.69 -22.84 -1.95
CA VAL E 438 -15.03 -23.86 -2.76
C VAL E 438 -15.31 -25.24 -2.19
N THR E 439 -15.29 -25.29 -0.86
CA THR E 439 -15.77 -26.41 -0.05
C THR E 439 -17.17 -26.86 -0.49
N ASN E 440 -18.11 -25.93 -0.63
CA ASN E 440 -19.46 -26.26 -1.05
C ASN E 440 -19.48 -26.70 -2.52
N LEU E 441 -18.75 -26.00 -3.41
CA LEU E 441 -18.58 -26.40 -4.80
C LEU E 441 -18.16 -27.86 -4.91
N ILE E 442 -17.15 -28.25 -4.13
CA ILE E 442 -16.67 -29.63 -4.09
C ILE E 442 -17.80 -30.55 -3.60
N SER E 443 -18.46 -30.20 -2.50
CA SER E 443 -19.54 -30.99 -1.93
C SER E 443 -20.65 -31.27 -2.96
N GLU E 444 -21.09 -30.20 -3.64
CA GLU E 444 -22.10 -30.28 -4.70
C GLU E 444 -21.63 -31.15 -5.87
N THR E 445 -20.38 -30.98 -6.29
CA THR E 445 -19.81 -31.72 -7.41
C THR E 445 -19.83 -33.21 -7.11
N LEU E 446 -19.31 -33.59 -5.94
CA LEU E 446 -19.23 -34.98 -5.51
C LEU E 446 -20.64 -35.59 -5.44
N LYS E 447 -21.56 -34.91 -4.75
CA LYS E 447 -22.95 -35.32 -4.69
C LYS E 447 -23.52 -35.54 -6.09
N SER E 448 -23.38 -34.57 -7.00
CA SER E 448 -24.00 -34.66 -8.32
C SER E 448 -23.52 -35.89 -9.08
N ILE E 449 -22.19 -36.10 -9.18
CA ILE E 449 -21.65 -37.25 -9.87
C ILE E 449 -22.13 -38.54 -9.20
N SER E 450 -22.09 -38.59 -7.87
CA SER E 450 -22.52 -39.75 -7.10
C SER E 450 -23.98 -40.10 -7.44
N SER E 451 -24.83 -39.08 -7.63
CA SER E 451 -26.25 -39.27 -7.86
C SER E 451 -26.58 -39.78 -9.26
N MET E 452 -25.63 -39.71 -10.21
CA MET E 452 -25.93 -40.12 -11.59
C MET E 452 -26.06 -41.64 -11.70
N THR E 453 -27.22 -42.08 -12.19
CA THR E 453 -27.33 -43.42 -12.74
C THR E 453 -26.37 -43.54 -13.93
N ILE E 454 -25.69 -44.69 -13.98
CA ILE E 454 -24.66 -44.93 -14.97
C ILE E 454 -25.30 -45.11 -16.35
N ARG E 455 -24.78 -44.37 -17.35
CA ARG E 455 -25.18 -44.54 -18.74
C ARG E 455 -24.19 -45.44 -19.48
N GLU E 456 -24.58 -45.89 -20.69
CA GLU E 456 -23.64 -46.56 -21.57
C GLU E 456 -22.49 -45.61 -21.94
N PHE E 457 -21.32 -46.19 -22.20
CA PHE E 457 -20.20 -45.46 -22.75
C PHE E 457 -20.53 -45.02 -24.17
N PRO E 458 -20.22 -43.77 -24.60
CA PRO E 458 -20.65 -43.26 -25.90
C PRO E 458 -20.04 -44.02 -27.07
N ARG E 459 -20.83 -44.18 -28.14
CA ARG E 459 -20.38 -44.82 -29.37
C ARG E 459 -19.86 -43.78 -30.37
N LYS E 460 -18.89 -44.23 -31.19
CA LYS E 460 -18.21 -43.37 -32.14
C LYS E 460 -19.21 -42.79 -33.15
N ASP E 461 -19.18 -41.45 -33.30
CA ASP E 461 -20.13 -40.72 -34.12
C ASP E 461 -19.38 -39.85 -35.14
N LYS E 462 -20.10 -39.33 -36.15
CA LYS E 462 -19.55 -38.42 -37.14
C LYS E 462 -19.82 -36.96 -36.75
N SER E 463 -18.87 -36.06 -37.11
CA SER E 463 -19.03 -34.61 -37.12
C SER E 463 -19.56 -34.00 -35.81
N ILE E 464 -19.08 -34.48 -34.66
CA ILE E 464 -19.34 -33.83 -33.37
C ILE E 464 -18.52 -32.54 -33.25
N MET E 465 -19.17 -31.37 -33.33
CA MET E 465 -18.47 -30.09 -33.36
C MET E 465 -18.53 -29.34 -32.03
N HIS E 466 -18.86 -30.04 -30.93
CA HIS E 466 -19.01 -29.44 -29.60
C HIS E 466 -18.71 -30.49 -28.53
N ILE E 467 -18.32 -30.03 -27.34
CA ILE E 467 -18.13 -30.88 -26.17
C ILE E 467 -19.29 -30.71 -25.20
N GLY E 468 -20.43 -30.18 -25.66
CA GLY E 468 -21.60 -30.04 -24.80
C GLY E 468 -21.58 -28.81 -23.90
N LEU E 469 -20.40 -28.25 -23.59
CA LEU E 469 -20.34 -26.99 -22.84
C LEU E 469 -20.84 -25.84 -23.71
N SER E 470 -21.44 -24.83 -23.07
CA SER E 470 -21.79 -23.57 -23.70
C SER E 470 -20.54 -22.79 -24.10
N GLU E 471 -20.75 -21.59 -24.64
CA GLU E 471 -19.63 -20.71 -24.96
C GLU E 471 -18.84 -20.42 -23.68
N THR E 472 -19.52 -19.98 -22.61
CA THR E 472 -18.83 -19.56 -21.41
C THR E 472 -18.20 -20.76 -20.70
N GLY E 473 -18.86 -21.91 -20.74
CA GLY E 473 -18.28 -23.15 -20.24
C GLY E 473 -17.04 -23.58 -21.03
N PHE E 474 -17.17 -23.61 -22.36
CA PHE E 474 -16.09 -23.95 -23.26
C PHE E 474 -14.89 -23.03 -23.06
N MET E 475 -15.10 -21.70 -22.96
CA MET E 475 -13.98 -20.78 -22.81
C MET E 475 -13.29 -20.93 -21.44
N ARG E 476 -14.02 -21.17 -20.34
CA ARG E 476 -13.39 -21.49 -19.06
C ARG E 476 -12.59 -22.79 -19.16
N PHE E 477 -13.18 -23.83 -19.77
CA PHE E 477 -12.55 -25.12 -19.94
C PHE E 477 -11.26 -25.02 -20.78
N PHE E 478 -11.32 -24.27 -21.88
CA PHE E 478 -10.18 -24.04 -22.77
C PHE E 478 -9.02 -23.36 -22.03
N GLN E 479 -9.29 -22.33 -21.20
CA GLN E 479 -8.26 -21.73 -20.35
C GLN E 479 -7.61 -22.80 -19.47
N LEU E 480 -8.44 -23.65 -18.82
CA LEU E 480 -7.93 -24.70 -17.95
C LEU E 480 -7.07 -25.72 -18.71
N LEU E 481 -7.43 -26.08 -19.94
CA LEU E 481 -6.60 -26.97 -20.75
C LEU E 481 -5.21 -26.39 -21.01
N ARG E 482 -5.09 -25.07 -21.19
CA ARG E 482 -3.78 -24.45 -21.38
C ARG E 482 -2.90 -24.57 -20.13
N LEU E 483 -3.51 -24.81 -18.95
CA LEU E 483 -2.79 -25.00 -17.69
C LEU E 483 -2.49 -26.46 -17.39
N MET E 484 -3.05 -27.41 -18.16
CA MET E 484 -2.84 -28.83 -17.91
C MET E 484 -1.61 -29.32 -18.69
N ALA E 485 -0.55 -29.74 -17.97
CA ALA E 485 0.70 -30.15 -18.62
C ALA E 485 1.51 -31.17 -17.80
N ASP E 486 2.37 -31.91 -18.55
CA ASP E 486 3.48 -32.78 -18.11
C ASP E 486 3.08 -33.87 -17.10
N LYS E 487 1.77 -33.99 -16.76
CA LYS E 487 1.37 -34.94 -15.73
C LYS E 487 1.30 -36.37 -16.25
N PRO E 488 1.43 -37.38 -15.35
CA PRO E 488 1.27 -38.78 -15.71
C PRO E 488 -0.08 -38.97 -16.38
N HIS E 489 -0.03 -39.70 -17.48
CA HIS E 489 -1.13 -39.82 -18.43
C HIS E 489 -2.43 -40.25 -17.76
N GLU E 490 -2.35 -41.24 -16.88
CA GLU E 490 -3.53 -41.78 -16.22
C GLU E 490 -4.21 -40.72 -15.35
N THR E 491 -3.38 -39.95 -14.62
CA THR E 491 -3.86 -38.89 -13.75
C THR E 491 -4.35 -37.70 -14.55
N ALA E 492 -3.60 -37.34 -15.60
CA ALA E 492 -3.95 -36.24 -16.50
C ALA E 492 -5.32 -36.47 -17.12
N ILE E 493 -5.63 -37.72 -17.50
CA ILE E 493 -6.99 -38.08 -17.91
C ILE E 493 -8.00 -37.77 -16.80
N LYS E 494 -7.85 -38.32 -15.58
CA LYS E 494 -8.84 -38.11 -14.52
C LYS E 494 -9.02 -36.63 -14.19
N GLU E 495 -7.93 -35.86 -14.17
CA GLU E 495 -7.98 -34.43 -13.88
C GLU E 495 -8.76 -33.65 -14.93
N VAL E 496 -8.51 -33.91 -16.23
CA VAL E 496 -9.24 -33.22 -17.28
C VAL E 496 -10.72 -33.63 -17.27
N VAL E 497 -11.05 -34.91 -17.04
CA VAL E 497 -12.42 -35.40 -16.91
C VAL E 497 -13.17 -34.67 -15.78
N MET E 498 -12.53 -34.54 -14.61
CA MET E 498 -13.12 -33.86 -13.47
C MET E 498 -13.27 -32.34 -13.70
N ALA E 499 -12.33 -31.71 -14.44
CA ALA E 499 -12.43 -30.30 -14.82
C ALA E 499 -13.70 -30.03 -15.65
N TYR E 500 -13.89 -30.83 -16.71
CA TYR E 500 -15.06 -30.76 -17.58
C TYR E 500 -16.35 -30.85 -16.76
N VAL E 501 -16.47 -31.87 -15.90
CA VAL E 501 -17.66 -32.11 -15.10
C VAL E 501 -17.93 -30.94 -14.13
N GLY E 502 -16.90 -30.45 -13.42
CA GLY E 502 -17.03 -29.30 -12.54
C GLY E 502 -17.56 -28.04 -13.21
N ILE E 503 -17.20 -27.81 -14.48
CA ILE E 503 -17.74 -26.72 -15.28
C ILE E 503 -19.15 -27.05 -15.75
N LYS E 504 -19.33 -28.25 -16.33
CA LYS E 504 -20.60 -28.73 -16.88
C LYS E 504 -21.74 -28.56 -15.85
N LEU E 505 -21.45 -28.78 -14.55
CA LEU E 505 -22.41 -28.66 -13.45
C LEU E 505 -22.95 -27.24 -13.23
N GLY E 506 -22.25 -26.19 -13.68
CA GLY E 506 -22.77 -24.82 -13.65
C GLY E 506 -23.10 -24.25 -15.03
N ASP E 507 -23.15 -25.10 -16.07
CA ASP E 507 -23.14 -24.60 -17.44
C ASP E 507 -24.54 -24.54 -18.06
N LYS E 508 -25.19 -23.39 -17.81
CA LYS E 508 -26.57 -23.09 -18.21
C LYS E 508 -26.80 -23.04 -19.74
N GLY E 509 -25.75 -22.89 -20.55
CA GLY E 509 -25.93 -22.49 -21.95
C GLY E 509 -25.98 -23.65 -22.93
N SER E 510 -26.62 -23.39 -24.08
CA SER E 510 -26.62 -24.31 -25.20
C SER E 510 -25.19 -24.58 -25.68
N PRO E 511 -24.86 -25.81 -26.13
CA PRO E 511 -23.50 -26.18 -26.54
C PRO E 511 -22.85 -25.21 -27.52
N TYR E 512 -21.55 -24.98 -27.32
CA TYR E 512 -20.77 -24.12 -28.20
C TYR E 512 -20.13 -24.93 -29.34
N TYR E 513 -20.35 -24.44 -30.58
CA TYR E 513 -19.85 -25.04 -31.83
C TYR E 513 -18.42 -24.54 -32.09
N ILE E 514 -17.47 -25.48 -31.94
CA ILE E 514 -16.06 -25.20 -32.16
C ILE E 514 -15.87 -24.78 -33.62
N ARG E 515 -15.29 -23.58 -33.79
CA ARG E 515 -15.00 -23.04 -35.10
C ARG E 515 -14.01 -23.95 -35.84
N LYS E 516 -14.25 -24.16 -37.14
CA LYS E 516 -13.50 -25.08 -37.97
C LYS E 516 -12.00 -24.78 -37.94
N GLU E 517 -11.66 -23.48 -37.93
CA GLU E 517 -10.30 -22.98 -37.88
C GLU E 517 -9.55 -23.46 -36.62
N SER E 518 -10.28 -23.55 -35.50
CA SER E 518 -9.74 -23.88 -34.18
C SER E 518 -9.67 -25.38 -33.93
N TYR E 519 -10.41 -26.16 -34.72
CA TYR E 519 -10.79 -27.52 -34.39
C TYR E 519 -9.58 -28.45 -34.20
N GLN E 520 -8.56 -28.36 -35.06
CA GLN E 520 -7.36 -29.20 -34.94
C GLN E 520 -6.51 -28.84 -33.71
N ASP E 521 -6.38 -27.55 -33.42
CA ASP E 521 -5.58 -27.07 -32.29
C ASP E 521 -6.23 -27.46 -30.97
N PHE E 522 -7.55 -27.42 -30.91
CA PHE E 522 -8.32 -27.91 -29.77
C PHE E 522 -8.05 -29.40 -29.55
N ILE E 523 -8.16 -30.22 -30.61
CA ILE E 523 -7.85 -31.65 -30.57
C ILE E 523 -6.44 -31.87 -30.00
N TYR E 524 -5.46 -31.11 -30.49
CA TYR E 524 -4.08 -31.22 -30.03
C TYR E 524 -3.97 -30.91 -28.53
N LEU E 525 -4.47 -29.74 -28.12
CA LEU E 525 -4.38 -29.30 -26.74
C LEU E 525 -5.03 -30.31 -25.80
N LEU E 526 -6.23 -30.81 -26.16
CA LEU E 526 -6.99 -31.74 -25.34
C LEU E 526 -6.22 -33.05 -25.11
N PHE E 527 -5.69 -33.66 -26.17
CA PHE E 527 -5.01 -34.93 -26.00
C PHE E 527 -3.61 -34.77 -25.38
N ALA E 528 -2.90 -33.69 -25.73
CA ALA E 528 -1.60 -33.36 -25.14
C ALA E 528 -1.72 -33.11 -23.64
N SER E 529 -2.73 -32.33 -23.22
CA SER E 529 -2.99 -32.03 -21.82
C SER E 529 -3.28 -33.31 -21.03
N MET E 530 -4.08 -34.22 -21.62
CA MET E 530 -4.34 -35.53 -21.05
C MET E 530 -3.11 -36.44 -21.06
N GLY E 531 -2.01 -36.02 -21.70
CA GLY E 531 -0.79 -36.82 -21.72
C GLY E 531 -0.82 -37.92 -22.78
N PHE E 532 -1.78 -37.89 -23.71
CA PHE E 532 -1.64 -38.71 -24.91
C PHE E 532 -0.52 -38.17 -25.77
N LYS E 533 0.19 -39.11 -26.40
CA LYS E 533 1.13 -38.82 -27.46
C LYS E 533 0.34 -38.49 -28.72
N VAL E 534 0.15 -37.18 -28.91
CA VAL E 534 -0.41 -36.64 -30.16
C VAL E 534 0.74 -36.48 -31.16
N THR E 535 0.51 -36.99 -32.37
CA THR E 535 1.48 -36.90 -33.44
C THR E 535 0.83 -36.27 -34.67
N THR E 536 1.36 -35.11 -35.08
CA THR E 536 0.81 -34.32 -36.17
C THR E 536 1.67 -34.45 -37.42
N ARG E 537 1.31 -35.37 -38.31
CA ARG E 537 2.05 -35.55 -39.54
C ARG E 537 1.62 -34.50 -40.57
N ARG E 538 2.53 -33.56 -40.89
CA ARG E 538 2.36 -32.67 -42.03
C ARG E 538 2.94 -33.31 -43.29
N SER E 539 2.05 -33.65 -44.22
CA SER E 539 2.43 -34.19 -45.53
C SER E 539 2.05 -33.19 -46.62
N ILE E 540 3.04 -32.73 -47.38
CA ILE E 540 2.79 -31.91 -48.55
C ILE E 540 2.27 -32.83 -49.67
N MET E 541 0.98 -32.71 -50.03
CA MET E 541 0.40 -33.41 -51.16
C MET E 541 -0.01 -32.39 -52.22
N GLY E 542 0.63 -32.47 -53.39
CA GLY E 542 0.60 -31.38 -54.34
C GLY E 542 0.94 -30.05 -53.66
N SER E 543 0.12 -29.02 -53.91
CA SER E 543 0.28 -27.69 -53.32
C SER E 543 -0.27 -27.60 -51.88
N ASN E 544 -0.89 -28.68 -51.37
CA ASN E 544 -1.63 -28.62 -50.10
C ASN E 544 -0.84 -29.26 -48.95
N ASN E 545 -0.76 -28.53 -47.82
CA ASN E 545 0.03 -28.91 -46.67
C ASN E 545 -0.86 -29.64 -45.64
N ILE E 546 -1.14 -30.93 -45.89
CA ILE E 546 -2.13 -31.68 -45.12
C ILE E 546 -1.56 -32.03 -43.74
N SER E 547 -2.34 -31.75 -42.69
CA SER E 547 -2.02 -32.20 -41.33
C SER E 547 -2.93 -33.33 -40.86
N ILE E 548 -2.32 -34.49 -40.52
CA ILE E 548 -3.03 -35.66 -40.01
C ILE E 548 -2.69 -35.83 -38.52
N ILE E 549 -3.71 -35.95 -37.66
CA ILE E 549 -3.52 -36.09 -36.22
C ILE E 549 -3.67 -37.56 -35.82
N SER E 550 -2.60 -38.10 -35.22
CA SER E 550 -2.57 -39.47 -34.73
C SER E 550 -2.40 -39.46 -33.20
N ILE E 551 -3.36 -40.06 -32.46
CA ILE E 551 -3.31 -40.09 -31.00
C ILE E 551 -2.97 -41.50 -30.52
N ARG E 552 -1.95 -41.62 -29.66
CA ARG E 552 -1.61 -42.87 -29.01
C ARG E 552 -1.45 -42.68 -27.50
N PRO E 553 -1.80 -43.66 -26.63
CA PRO E 553 -2.46 -44.92 -27.04
C PRO E 553 -3.87 -44.64 -27.54
N ARG E 554 -4.43 -45.58 -28.32
CA ARG E 554 -5.74 -45.35 -28.95
C ARG E 554 -6.82 -45.19 -27.89
N VAL E 555 -7.68 -44.19 -28.11
CA VAL E 555 -8.87 -43.98 -27.30
C VAL E 555 -9.85 -45.11 -27.58
N THR E 556 -10.13 -45.93 -26.56
CA THR E 556 -11.10 -47.01 -26.64
C THR E 556 -11.83 -47.10 -25.30
N LYS E 557 -13.04 -47.71 -25.28
CA LYS E 557 -13.79 -47.91 -24.06
C LYS E 557 -12.93 -48.62 -23.01
N GLN E 558 -12.27 -49.73 -23.39
CA GLN E 558 -11.37 -50.45 -22.49
C GLN E 558 -10.21 -49.58 -21.98
N TYR E 559 -9.53 -48.82 -22.87
CA TYR E 559 -8.40 -48.00 -22.45
C TYR E 559 -8.86 -46.96 -21.41
N ILE E 560 -9.91 -46.20 -21.72
CA ILE E 560 -10.41 -45.16 -20.83
C ILE E 560 -10.91 -45.78 -19.51
N VAL E 561 -11.78 -46.78 -19.60
CA VAL E 561 -12.34 -47.45 -18.42
C VAL E 561 -11.23 -48.00 -17.53
N ALA E 562 -10.26 -48.73 -18.12
CA ALA E 562 -9.13 -49.24 -17.37
C ALA E 562 -8.37 -48.09 -16.70
N THR E 563 -8.05 -47.03 -17.46
CA THR E 563 -7.29 -45.88 -16.98
C THR E 563 -7.99 -45.14 -15.83
N LEU E 564 -9.30 -44.94 -15.94
CA LEU E 564 -10.05 -44.33 -14.86
C LEU E 564 -10.21 -45.28 -13.67
N MET E 565 -10.37 -46.58 -13.88
CA MET E 565 -10.48 -47.51 -12.76
C MET E 565 -9.21 -47.51 -11.90
N LYS E 566 -8.02 -47.37 -12.50
CA LYS E 566 -6.79 -47.24 -11.74
C LYS E 566 -6.83 -46.03 -10.81
N THR E 567 -7.39 -44.91 -11.29
CA THR E 567 -7.33 -43.63 -10.58
C THR E 567 -8.60 -43.37 -9.74
N SER E 568 -9.55 -44.32 -9.69
CA SER E 568 -10.83 -44.18 -8.98
C SER E 568 -10.90 -45.11 -7.76
N CYS E 569 -11.60 -44.68 -6.70
CA CYS E 569 -11.72 -45.44 -5.46
C CYS E 569 -12.52 -46.74 -5.63
N SER E 570 -13.35 -46.80 -6.68
CA SER E 570 -14.16 -47.97 -7.03
C SER E 570 -14.45 -47.97 -8.53
N LYS E 571 -14.94 -49.11 -9.03
CA LYS E 571 -15.37 -49.22 -10.41
C LYS E 571 -16.60 -48.34 -10.70
N ASN E 572 -17.50 -48.27 -9.71
CA ASN E 572 -18.72 -47.47 -9.76
C ASN E 572 -18.39 -45.99 -10.01
N GLU E 573 -17.40 -45.47 -9.27
CA GLU E 573 -16.90 -44.12 -9.42
C GLU E 573 -16.41 -43.87 -10.86
N ALA E 574 -15.58 -44.76 -11.41
CA ALA E 574 -15.10 -44.67 -12.77
C ALA E 574 -16.27 -44.58 -13.77
N GLU E 575 -17.29 -45.43 -13.59
CA GLU E 575 -18.47 -45.45 -14.45
C GLU E 575 -19.36 -44.20 -14.27
N LYS E 576 -19.40 -43.64 -13.06
CA LYS E 576 -20.12 -42.39 -12.83
C LYS E 576 -19.39 -41.16 -13.38
N LEU E 577 -18.05 -41.17 -13.33
CA LEU E 577 -17.25 -40.18 -14.03
C LEU E 577 -17.50 -40.27 -15.55
N ILE E 578 -17.50 -41.47 -16.13
CA ILE E 578 -17.76 -41.69 -17.56
C ILE E 578 -19.15 -41.14 -17.96
N THR E 579 -20.13 -41.34 -17.08
CA THR E 579 -21.53 -40.93 -17.22
C THR E 579 -21.69 -39.40 -17.19
N SER E 580 -21.03 -38.76 -16.22
CA SER E 580 -21.03 -37.30 -16.11
C SER E 580 -20.26 -36.62 -17.25
N ALA E 581 -19.15 -37.24 -17.72
CA ALA E 581 -18.35 -36.71 -18.82
C ALA E 581 -18.74 -37.27 -20.20
N PHE E 582 -20.02 -37.65 -20.39
CA PHE E 582 -20.44 -38.36 -21.60
C PHE E 582 -20.13 -37.60 -22.90
N ASP E 583 -20.48 -36.30 -22.99
CA ASP E 583 -20.34 -35.52 -24.21
C ASP E 583 -18.87 -35.41 -24.64
N LEU E 584 -18.01 -35.14 -23.66
CA LEU E 584 -16.57 -35.06 -23.87
C LEU E 584 -16.03 -36.40 -24.38
N LEU E 585 -16.40 -37.51 -23.72
CA LEU E 585 -15.96 -38.82 -24.15
C LEU E 585 -16.50 -39.17 -25.55
N ASN E 586 -17.72 -38.73 -25.88
CA ASN E 586 -18.26 -38.90 -27.22
C ASN E 586 -17.43 -38.14 -28.26
N PHE E 587 -17.06 -36.87 -27.98
CA PHE E 587 -16.13 -36.11 -28.79
C PHE E 587 -14.84 -36.90 -29.02
N MET E 588 -14.13 -37.25 -27.93
CA MET E 588 -12.81 -37.89 -27.95
C MET E 588 -12.82 -39.14 -28.85
N VAL E 589 -13.77 -40.05 -28.60
CA VAL E 589 -13.86 -41.32 -29.31
C VAL E 589 -14.18 -41.09 -30.79
N SER E 590 -14.91 -40.01 -31.09
CA SER E 590 -15.28 -39.64 -32.46
C SER E 590 -14.15 -38.95 -33.25
N VAL E 591 -13.08 -38.46 -32.58
CA VAL E 591 -11.96 -37.78 -33.24
C VAL E 591 -10.63 -38.57 -33.12
N SER E 592 -10.61 -39.71 -32.42
CA SER E 592 -9.37 -40.44 -32.14
C SER E 592 -8.69 -40.98 -33.40
N ASP E 593 -9.47 -41.28 -34.47
CA ASP E 593 -8.95 -41.73 -35.76
C ASP E 593 -8.94 -40.60 -36.82
N PHE E 594 -9.08 -39.32 -36.39
CA PHE E 594 -9.16 -38.18 -37.29
C PHE E 594 -7.81 -37.98 -38.02
N SER F 24 -35.02 4.81 3.66
CA SER F 24 -36.45 5.06 3.31
C SER F 24 -37.28 5.18 4.59
N GLU F 25 -37.88 6.37 4.80
CA GLU F 25 -38.58 6.77 6.04
C GLU F 25 -39.71 5.80 6.40
N GLU F 26 -40.49 5.37 5.40
CA GLU F 26 -41.62 4.47 5.61
C GLU F 26 -41.20 3.08 6.11
N LYS F 27 -39.99 2.62 5.72
CA LYS F 27 -39.57 1.23 5.92
C LYS F 27 -38.30 1.15 6.77
N ASP F 28 -38.24 1.96 7.83
CA ASP F 28 -37.38 1.68 8.95
C ASP F 28 -38.26 1.27 10.13
N PRO F 29 -38.42 -0.05 10.42
CA PRO F 29 -39.28 -0.52 11.52
C PRO F 29 -38.88 0.10 12.86
N ASP F 30 -37.58 0.35 13.01
CA ASP F 30 -37.03 0.99 14.19
C ASP F 30 -37.66 2.37 14.41
N THR F 31 -38.20 3.09 13.41
CA THR F 31 -38.91 4.36 13.64
C THR F 31 -40.02 4.18 14.70
N LYS F 32 -40.68 3.00 14.70
CA LYS F 32 -41.78 2.73 15.61
C LYS F 32 -41.27 2.24 16.98
N LYS F 33 -40.21 1.43 17.01
CA LYS F 33 -39.52 1.11 18.26
C LYS F 33 -39.03 2.39 18.92
N ASP F 34 -38.40 3.28 18.13
CA ASP F 34 -37.78 4.50 18.59
C ASP F 34 -38.83 5.48 19.12
N GLU F 35 -39.98 5.59 18.47
CA GLU F 35 -41.08 6.37 19.02
C GLU F 35 -41.49 5.81 20.40
N ALA F 36 -41.64 4.48 20.54
CA ALA F 36 -41.98 3.87 21.82
C ALA F 36 -40.89 4.13 22.88
N ILE F 37 -39.62 4.12 22.45
CA ILE F 37 -38.47 4.45 23.29
C ILE F 37 -38.55 5.90 23.77
N GLU F 38 -38.76 6.88 22.87
CA GLU F 38 -38.85 8.29 23.24
C GLU F 38 -40.01 8.53 24.20
N ILE F 39 -41.18 7.96 23.88
CA ILE F 39 -42.36 8.08 24.73
C ILE F 39 -42.02 7.63 26.16
N GLY F 40 -41.40 6.45 26.31
CA GLY F 40 -40.99 5.95 27.61
C GLY F 40 -39.97 6.85 28.33
N LEU F 41 -38.95 7.33 27.62
CA LEU F 41 -37.95 8.22 28.20
C LEU F 41 -38.58 9.54 28.65
N LYS F 42 -39.37 10.19 27.78
CA LYS F 42 -40.09 11.41 28.11
C LYS F 42 -41.09 11.18 29.26
N SER F 43 -41.69 9.99 29.34
CA SER F 43 -42.59 9.63 30.43
C SER F 43 -41.82 9.61 31.76
N GLN F 44 -40.71 8.88 31.83
CA GLN F 44 -39.84 8.85 33.00
C GLN F 44 -39.37 10.27 33.36
N GLU F 45 -38.88 11.00 32.35
CA GLU F 45 -38.42 12.37 32.49
C GLU F 45 -39.50 13.29 33.06
N SER F 46 -40.74 13.18 32.55
CA SER F 46 -41.90 13.93 33.03
C SER F 46 -42.22 13.58 34.49
N TYR F 47 -42.12 12.29 34.84
CA TYR F 47 -42.30 11.84 36.21
C TYR F 47 -41.29 12.49 37.15
N TYR F 48 -40.00 12.42 36.80
CA TYR F 48 -38.95 13.01 37.62
C TYR F 48 -39.10 14.54 37.65
N GLN F 49 -39.43 15.19 36.52
CA GLN F 49 -39.74 16.61 36.49
C GLN F 49 -40.92 16.98 37.40
N ARG F 50 -41.90 16.08 37.54
CA ARG F 50 -43.00 16.32 38.47
C ARG F 50 -42.52 16.14 39.92
N GLN F 51 -41.79 15.07 40.24
CA GLN F 51 -41.22 14.90 41.58
C GLN F 51 -40.38 16.11 41.98
N LEU F 52 -39.59 16.62 41.03
CA LEU F 52 -38.82 17.84 41.18
C LEU F 52 -39.71 19.03 41.52
N ARG F 53 -40.72 19.34 40.68
CA ARG F 53 -41.61 20.48 40.91
C ARG F 53 -42.45 20.33 42.17
N GLU F 54 -42.83 19.10 42.54
CA GLU F 54 -43.48 18.83 43.81
C GLU F 54 -42.55 19.14 44.99
N GLN F 55 -41.29 18.68 44.94
CA GLN F 55 -40.32 18.98 46.00
C GLN F 55 -40.11 20.50 46.11
N LEU F 56 -39.93 21.16 44.96
CA LEU F 56 -39.78 22.61 44.91
C LEU F 56 -41.04 23.36 45.37
N ALA F 57 -42.24 22.82 45.12
CA ALA F 57 -43.48 23.41 45.63
C ALA F 57 -43.52 23.35 47.16
N ARG F 58 -43.24 22.17 47.75
CA ARG F 58 -43.15 21.98 49.20
C ARG F 58 -42.14 22.94 49.82
N ASP F 59 -40.97 23.05 49.18
CA ASP F 59 -39.91 23.92 49.65
C ASP F 59 -40.31 25.40 49.49
N ASN F 60 -40.93 25.81 48.38
CA ASN F 60 -41.38 27.19 48.19
C ASN F 60 -42.42 27.59 49.24
N MET F 61 -43.42 26.73 49.52
CA MET F 61 -44.44 27.02 50.51
C MET F 61 -43.85 27.13 51.92
N THR F 62 -42.89 26.25 52.27
CA THR F 62 -42.25 26.34 53.58
C THR F 62 -41.33 27.56 53.67
N VAL F 63 -40.63 27.95 52.59
CA VAL F 63 -39.82 29.17 52.61
C VAL F 63 -40.71 30.42 52.72
N ALA F 64 -41.89 30.45 52.07
CA ALA F 64 -42.83 31.56 52.17
C ALA F 64 -43.51 31.65 53.55
N SER F 65 -43.16 30.77 54.50
CA SER F 65 -43.70 30.79 55.86
C SER F 65 -42.60 30.74 56.95
N ARG F 66 -41.36 30.39 56.58
CA ARG F 66 -40.21 30.43 57.48
C ARG F 66 -39.60 31.83 57.48
#